data_6R4F
#
_entry.id   6R4F
#
_cell.length_a   153.022
_cell.length_b   153.022
_cell.length_c   167.940
_cell.angle_alpha   90.00
_cell.angle_beta   90.00
_cell.angle_gamma   90.00
#
_symmetry.space_group_name_H-M   'P 41 21 2'
#
loop_
_entity.id
_entity.type
_entity.pdbx_description
1 polymer 'Glutamine--fructose-6-phosphate aminotransferase [isomerizing] 1'
2 non-polymer GLUCOSE-6-PHOSPHATE
3 water water
#
_entity_poly.entity_id   1
_entity_poly.type   'polypeptide(L)'
_entity_poly.pdbx_seq_one_letter_code
;MCGIFAYLNYHVPRTRREILETLIKGLQRLEYRGYDSAGVGFDGGNDKDWEANACKIQLIKKKGKVKALDEEVHKQQDMD
LDIEFDVHLGIAHTRWATHGEPSPVNSHPQRSDKNNEFIVIHNGIITNYKDLKKFLESKGYDFESETDTETIAKLVKYMY
DNRESQDTSFTTLVERVIQQLEGAFALVFKSVHFPGQAVGTRRGSPLLIGVRSEHKLSTDHIPILYRTGKDKKGSCNLSR
VDSTTCLFPVEEKAVEYYFASDASAVIEHTNRVIFLEDDDVAAVVDGRLSIHRIKRTAGHHHHHHDHPGRAVQTLQMELQ
QIMKGNFSSFMQKEIFEQPESVVNTMRGRVNFDDYTVNLGGLKDHIKEIQRCRRLILIACGTSYHAGVATRQVLEELTEL
PVMVELASDFLDRNTPVFRDDVCFFLSQSGETADTLMGLRYCKERGALTVGITNTVGSSISRETDCGVHINAGPEIGVAS
TKAYTSQFVSLVMFALMMCDDRISMQERRKEIMLGLKRLPDLIKEVLSMDDEIQKLATELYHQKSVLIMGRGYHYATCLE
GALKIKEITYMHSEGILAGELKHGPLALVDKLMPVIMIIMRDHTYAKCQNALQQVVARQGRPVVICDKEDTETIKNTKRT
IKVPHSVDCLQGILSVIPLQLLAFHLAVLRGYDVDFPRNLAKSVTVE
;
_entity_poly.pdbx_strand_id   A,B
#
loop_
_chem_comp.id
_chem_comp.type
_chem_comp.name
_chem_comp.formula
G6Q non-polymer GLUCOSE-6-PHOSPHATE 'C6 H13 O9 P'
#
# COMPACT_ATOMS: atom_id res chain seq x y z
N CYS A 2 -30.44 9.57 5.40
CA CYS A 2 -29.26 10.19 5.97
C CYS A 2 -29.54 10.83 7.33
N GLY A 3 -30.53 11.72 7.38
CA GLY A 3 -30.80 12.46 8.60
C GLY A 3 -32.21 12.32 9.12
N ILE A 4 -32.34 11.82 10.35
CA ILE A 4 -33.64 11.62 11.01
C ILE A 4 -33.72 12.58 12.17
N PHE A 5 -34.91 13.12 12.40
CA PHE A 5 -35.14 13.99 13.55
C PHE A 5 -36.62 14.06 13.85
N ALA A 6 -36.97 13.89 15.12
CA ALA A 6 -38.34 14.06 15.57
C ALA A 6 -38.33 14.77 16.92
N TYR A 7 -39.32 15.62 17.14
CA TYR A 7 -39.43 16.41 18.36
C TYR A 7 -40.81 16.19 18.97
N LEU A 8 -40.83 15.66 20.19
CA LEU A 8 -42.08 15.35 20.89
C LEU A 8 -42.15 16.19 22.14
N ASN A 9 -43.02 17.19 22.14
CA ASN A 9 -43.29 18.00 23.31
C ASN A 9 -44.54 17.44 24.00
N TYR A 10 -44.38 16.95 25.22
CA TYR A 10 -45.47 16.39 26.00
C TYR A 10 -45.74 17.30 27.19
N HIS A 11 -46.89 17.98 27.17
CA HIS A 11 -47.25 18.96 28.19
C HIS A 11 -46.16 20.01 28.35
N VAL A 12 -45.49 20.31 27.26
CA VAL A 12 -44.66 21.50 27.12
C VAL A 12 -45.24 22.34 25.98
N PRO A 13 -46.07 23.33 26.30
CA PRO A 13 -46.77 24.05 25.23
C PRO A 13 -45.79 24.66 24.22
N ARG A 14 -46.07 24.42 22.95
CA ARG A 14 -45.32 25.00 21.85
C ARG A 14 -46.28 25.37 20.73
N THR A 15 -46.05 26.53 20.13
CA THR A 15 -46.84 26.91 18.96
C THR A 15 -46.41 26.07 17.76
N ARG A 16 -47.27 26.05 16.74
CA ARG A 16 -46.91 25.37 15.50
C ARG A 16 -45.64 25.95 14.92
N ARG A 17 -45.47 27.28 14.99
CA ARG A 17 -44.24 27.91 14.55
C ARG A 17 -43.05 27.34 15.31
N GLU A 18 -43.11 27.34 16.64
CA GLU A 18 -42.00 26.83 17.44
C GLU A 18 -41.65 25.40 17.06
N ILE A 19 -42.66 24.55 16.86
CA ILE A 19 -42.41 23.16 16.50
C ILE A 19 -41.66 23.10 15.17
N LEU A 20 -42.18 23.80 14.16
CA LEU A 20 -41.57 23.76 12.84
C LEU A 20 -40.15 24.35 12.87
N GLU A 21 -39.95 25.43 13.62
CA GLU A 21 -38.60 25.98 13.75
C GLU A 21 -37.67 24.96 14.36
N THR A 22 -38.14 24.18 15.33
CA THR A 22 -37.32 23.15 15.94
C THR A 22 -36.99 22.05 14.94
N LEU A 23 -37.98 21.62 14.15
CA LEU A 23 -37.72 20.59 13.14
C LEU A 23 -36.72 21.09 12.11
N ILE A 24 -36.96 22.28 11.54
CA ILE A 24 -36.02 22.83 10.58
C ILE A 24 -34.62 22.88 11.17
N LYS A 25 -34.50 23.31 12.44
CA LYS A 25 -33.19 23.45 13.05
C LYS A 25 -32.50 22.10 13.15
N GLY A 26 -33.25 21.05 13.50
CA GLY A 26 -32.65 19.73 13.57
C GLY A 26 -32.09 19.27 12.25
N LEU A 27 -32.84 19.48 11.17
CA LEU A 27 -32.39 19.06 9.85
C LEU A 27 -31.12 19.80 9.43
N GLN A 28 -30.96 21.05 9.86
CA GLN A 28 -29.75 21.78 9.54
C GLN A 28 -28.53 21.17 10.22
N ARG A 29 -28.71 20.68 11.45
CA ARG A 29 -27.62 19.96 12.11
C ARG A 29 -27.25 18.71 11.34
N LEU A 30 -28.23 18.06 10.72
CA LEU A 30 -28.02 16.84 9.95
C LEU A 30 -27.71 17.12 8.49
N GLU A 31 -27.90 18.35 8.03
CA GLU A 31 -27.75 18.70 6.62
C GLU A 31 -26.27 18.82 6.29
N TYR A 32 -25.78 17.93 5.44
CA TYR A 32 -24.43 18.01 4.90
C TYR A 32 -24.50 18.41 3.44
N ARG A 33 -23.42 19.00 2.95
CA ARG A 33 -23.40 19.49 1.57
C ARG A 33 -23.69 18.35 0.61
N GLY A 34 -24.74 18.51 -0.19
CA GLY A 34 -25.10 17.52 -1.19
C GLY A 34 -26.53 17.04 -1.12
N TYR A 35 -27.13 17.13 0.08
CA TYR A 35 -28.49 16.63 0.27
C TYR A 35 -29.46 17.40 -0.62
N ASP A 36 -30.46 16.71 -1.15
CA ASP A 36 -31.33 17.30 -2.17
C ASP A 36 -32.79 16.90 -1.97
N SER A 37 -33.21 16.64 -0.74
CA SER A 37 -34.61 16.30 -0.49
C SER A 37 -34.89 16.24 1.01
N ALA A 38 -35.85 17.05 1.48
CA ALA A 38 -36.17 17.14 2.89
C ALA A 38 -37.67 17.34 3.06
N GLY A 39 -38.15 17.01 4.26
CA GLY A 39 -39.57 17.17 4.53
C GLY A 39 -39.85 17.12 6.03
N VAL A 40 -41.07 17.51 6.38
CA VAL A 40 -41.53 17.52 7.76
C VAL A 40 -42.97 17.05 7.82
N GLY A 41 -43.31 16.39 8.90
CA GLY A 41 -44.68 15.96 9.15
C GLY A 41 -45.15 16.41 10.51
N PHE A 42 -46.38 16.91 10.56
CA PHE A 42 -46.92 17.51 11.78
C PHE A 42 -48.43 17.48 11.71
N ASP A 43 -49.08 17.94 12.78
CA ASP A 43 -50.53 17.97 12.87
C ASP A 43 -51.07 19.19 12.14
N GLY A 44 -51.96 18.98 11.19
CA GLY A 44 -52.65 20.05 10.50
C GLY A 44 -53.89 20.49 11.25
N GLY A 45 -54.68 21.32 10.58
CA GLY A 45 -55.89 21.85 11.18
C GLY A 45 -55.61 23.10 11.99
N ASN A 46 -56.54 24.06 11.96
CA ASN A 46 -56.37 25.35 12.63
C ASN A 46 -57.44 25.55 13.69
N ASP A 47 -57.78 24.49 14.42
CA ASP A 47 -58.68 24.60 15.55
C ASP A 47 -57.90 25.10 16.75
N LYS A 48 -58.39 26.19 17.37
CA LYS A 48 -57.67 26.83 18.47
C LYS A 48 -57.28 25.82 19.53
N ASP A 49 -58.18 24.89 19.84
CA ASP A 49 -57.85 23.80 20.76
C ASP A 49 -57.08 22.71 20.03
N TRP A 50 -55.93 22.33 20.57
CA TRP A 50 -55.04 21.40 19.88
C TRP A 50 -55.55 19.97 19.90
N GLU A 51 -56.41 19.62 20.87
CA GLU A 51 -56.84 18.24 21.02
C GLU A 51 -57.69 17.76 19.86
N ALA A 52 -58.24 18.67 19.05
CA ALA A 52 -59.05 18.30 17.90
C ALA A 52 -58.25 18.29 16.60
N ASN A 53 -57.01 18.77 16.61
CA ASN A 53 -56.18 18.81 15.41
C ASN A 53 -55.27 17.59 15.28
N ALA A 54 -55.40 16.60 16.16
CA ALA A 54 -54.55 15.43 16.15
C ALA A 54 -55.09 14.32 15.25
N CYS A 55 -56.00 14.64 14.33
CA CYS A 55 -56.54 13.67 13.38
C CYS A 55 -56.30 14.10 11.94
N LYS A 56 -55.35 15.03 11.71
CA LYS A 56 -55.01 15.50 10.37
C LYS A 56 -53.49 15.71 10.33
N ILE A 57 -52.77 14.68 9.89
CA ILE A 57 -51.33 14.79 9.71
C ILE A 57 -51.05 15.52 8.41
N GLN A 58 -50.22 16.56 8.48
CA GLN A 58 -49.86 17.36 7.31
C GLN A 58 -48.40 17.17 6.98
N LEU A 59 -48.10 17.08 5.69
CA LEU A 59 -46.74 16.89 5.20
C LEU A 59 -46.34 18.05 4.32
N ILE A 60 -45.13 18.56 4.52
CA ILE A 60 -44.50 19.52 3.62
C ILE A 60 -43.15 18.95 3.24
N LYS A 61 -43.00 18.55 1.99
CA LYS A 61 -41.78 17.95 1.48
C LYS A 61 -41.32 18.72 0.26
N LYS A 62 -40.00 18.79 0.07
CA LYS A 62 -39.45 19.63 -0.98
C LYS A 62 -38.09 19.09 -1.42
N LYS A 63 -37.82 19.24 -2.71
CA LYS A 63 -36.50 18.94 -3.26
C LYS A 63 -35.60 20.15 -3.10
N GLY A 64 -34.36 19.91 -2.67
CA GLY A 64 -33.37 20.95 -2.51
C GLY A 64 -32.82 20.96 -1.11
N LYS A 65 -32.24 22.09 -0.74
CA LYS A 65 -31.63 22.22 0.58
C LYS A 65 -32.68 22.62 1.62
N VAL A 66 -32.37 22.34 2.88
CA VAL A 66 -33.31 22.59 3.97
C VAL A 66 -33.77 24.04 3.96
N LYS A 67 -32.90 24.97 3.55
CA LYS A 67 -33.31 26.37 3.44
C LYS A 67 -34.57 26.50 2.58
N ALA A 68 -34.62 25.75 1.48
CA ALA A 68 -35.80 25.78 0.61
C ALA A 68 -37.03 25.25 1.34
N LEU A 69 -36.86 24.21 2.15
CA LEU A 69 -37.98 23.68 2.92
C LEU A 69 -38.52 24.72 3.89
N ASP A 70 -37.63 25.39 4.63
CA ASP A 70 -38.06 26.38 5.59
C ASP A 70 -38.87 27.48 4.93
N GLU A 71 -38.46 27.90 3.74
CA GLU A 71 -39.22 28.93 3.02
C GLU A 71 -40.61 28.40 2.63
N GLU A 72 -40.68 27.15 2.19
CA GLU A 72 -41.99 26.56 1.87
C GLU A 72 -42.86 26.46 3.12
N VAL A 73 -42.25 26.19 4.27
CA VAL A 73 -43.01 26.09 5.51
C VAL A 73 -43.78 27.37 5.78
N HIS A 74 -43.05 28.48 5.99
CA HIS A 74 -43.69 29.77 6.22
C HIS A 74 -44.44 30.27 5.01
N LYS A 75 -44.33 29.60 3.86
CA LYS A 75 -45.08 29.95 2.66
C LYS A 75 -46.27 29.03 2.47
N GLN A 76 -47.10 28.89 3.50
CA GLN A 76 -48.27 28.02 3.45
C GLN A 76 -49.54 28.88 3.55
N GLN A 77 -50.44 28.68 2.59
CA GLN A 77 -51.67 29.46 2.51
C GLN A 77 -52.49 29.32 3.78
N ASP A 78 -53.25 28.23 3.88
CA ASP A 78 -54.18 28.03 5.00
C ASP A 78 -53.50 27.22 6.10
N MET A 79 -52.60 27.90 6.82
CA MET A 79 -51.91 27.28 7.94
C MET A 79 -51.58 28.37 8.95
N ASP A 80 -52.20 28.31 10.12
CA ASP A 80 -51.96 29.28 11.19
C ASP A 80 -50.87 28.74 12.10
N LEU A 81 -49.76 29.47 12.17
CA LEU A 81 -48.61 29.05 12.94
C LEU A 81 -48.70 29.43 14.42
N ASP A 82 -49.83 29.98 14.86
CA ASP A 82 -49.98 30.44 16.23
C ASP A 82 -50.73 29.46 17.12
N ILE A 83 -51.26 28.37 16.57
CA ILE A 83 -51.94 27.38 17.40
C ILE A 83 -50.94 26.80 18.39
N GLU A 84 -51.37 26.68 19.64
CA GLU A 84 -50.56 26.11 20.70
C GLU A 84 -50.93 24.65 20.90
N PHE A 85 -49.92 23.79 20.97
CA PHE A 85 -50.09 22.36 21.21
C PHE A 85 -49.49 22.03 22.58
N ASP A 86 -50.31 21.50 23.48
CA ASP A 86 -49.77 20.98 24.73
C ASP A 86 -48.99 19.69 24.48
N VAL A 87 -49.49 18.85 23.56
CA VAL A 87 -48.85 17.60 23.19
C VAL A 87 -48.78 17.55 21.67
N HIS A 88 -47.60 17.21 21.14
CA HIS A 88 -47.44 17.15 19.70
C HIS A 88 -46.17 16.38 19.35
N LEU A 89 -46.23 15.67 18.23
CA LEU A 89 -45.09 14.98 17.67
C LEU A 89 -44.86 15.47 16.24
N GLY A 90 -43.65 15.91 15.96
CA GLY A 90 -43.25 16.30 14.61
C GLY A 90 -42.03 15.50 14.18
N ILE A 91 -42.03 15.06 12.93
CA ILE A 91 -40.92 14.27 12.39
C ILE A 91 -40.37 14.98 11.16
N ALA A 92 -39.08 14.76 10.91
CA ALA A 92 -38.37 15.47 9.86
C ALA A 92 -37.28 14.59 9.29
N HIS A 93 -36.87 14.89 8.06
CA HIS A 93 -35.87 14.08 7.38
C HIS A 93 -35.20 14.89 6.28
N THR A 94 -33.88 14.74 6.17
CA THR A 94 -33.09 15.20 5.03
C THR A 94 -32.41 14.00 4.41
N ARG A 95 -32.28 14.00 3.08
CA ARG A 95 -31.82 12.83 2.38
C ARG A 95 -30.94 13.20 1.21
N TRP A 96 -30.13 12.23 0.79
CA TRP A 96 -29.37 12.27 -0.46
C TRP A 96 -30.01 11.23 -1.36
N ALA A 97 -30.91 11.66 -2.24
CA ALA A 97 -31.71 10.75 -3.04
C ALA A 97 -30.82 9.74 -3.76
N THR A 98 -31.19 8.46 -3.65
CA THR A 98 -30.41 7.38 -4.22
C THR A 98 -31.26 6.48 -5.10
N HIS A 99 -32.15 5.70 -4.48
CA HIS A 99 -33.00 4.75 -5.21
C HIS A 99 -33.69 5.43 -6.40
N GLY A 100 -34.61 6.35 -6.11
CA GLY A 100 -35.33 7.05 -7.15
C GLY A 100 -34.68 8.37 -7.50
N GLU A 101 -35.43 9.18 -8.26
CA GLU A 101 -34.97 10.51 -8.59
C GLU A 101 -35.44 11.50 -7.53
N PRO A 102 -34.68 12.57 -7.28
CA PRO A 102 -35.12 13.55 -6.29
C PRO A 102 -36.41 14.25 -6.72
N SER A 103 -37.33 14.37 -5.79
CA SER A 103 -38.64 14.98 -6.05
C SER A 103 -39.40 15.08 -4.74
N PRO A 104 -40.39 15.97 -4.66
CA PRO A 104 -41.16 16.08 -3.42
C PRO A 104 -41.81 14.76 -3.00
N VAL A 105 -42.32 14.00 -3.96
CA VAL A 105 -42.94 12.71 -3.64
C VAL A 105 -41.93 11.79 -2.99
N ASN A 106 -40.77 11.63 -3.62
CA ASN A 106 -39.77 10.68 -3.13
C ASN A 106 -39.09 11.15 -1.84
N SER A 107 -39.37 12.36 -1.38
CA SER A 107 -38.83 12.81 -0.11
C SER A 107 -39.62 12.21 1.06
N HIS A 108 -39.00 12.20 2.23
CA HIS A 108 -39.65 11.72 3.43
C HIS A 108 -40.28 12.87 4.18
N PRO A 109 -41.31 12.59 5.01
CA PRO A 109 -41.86 11.28 5.35
C PRO A 109 -42.66 10.62 4.24
N GLN A 110 -42.69 9.29 4.24
CA GLN A 110 -43.60 8.53 3.40
C GLN A 110 -44.88 8.20 4.16
N ARG A 111 -45.99 8.18 3.45
CA ARG A 111 -47.31 8.03 4.05
C ARG A 111 -47.93 6.70 3.65
N SER A 112 -48.95 6.31 4.41
CA SER A 112 -49.63 5.03 4.20
C SER A 112 -50.85 5.13 3.29
N ASP A 113 -51.31 6.33 2.98
CA ASP A 113 -52.51 6.51 2.18
C ASP A 113 -52.65 8.00 1.87
N LYS A 114 -53.75 8.37 1.22
CA LYS A 114 -54.01 9.75 0.86
C LYS A 114 -54.51 10.60 2.03
N ASN A 115 -54.75 10.00 3.18
CA ASN A 115 -55.16 10.73 4.37
C ASN A 115 -54.08 10.73 5.45
N ASN A 116 -52.90 10.19 5.17
CA ASN A 116 -51.76 10.24 6.09
C ASN A 116 -52.12 9.64 7.44
N GLU A 117 -52.65 8.41 7.41
CA GLU A 117 -52.95 7.72 8.66
C GLU A 117 -51.67 7.32 9.38
N PHE A 118 -50.67 6.85 8.63
CA PHE A 118 -49.36 6.52 9.16
C PHE A 118 -48.30 7.17 8.30
N ILE A 119 -47.27 7.74 8.94
CA ILE A 119 -46.12 8.29 8.23
C ILE A 119 -44.85 7.83 8.93
N VAL A 120 -43.78 7.67 8.16
CA VAL A 120 -42.52 7.14 8.66
C VAL A 120 -41.37 7.91 8.01
N ILE A 121 -40.30 8.11 8.78
CA ILE A 121 -39.02 8.58 8.25
C ILE A 121 -38.02 7.44 8.43
N HIS A 122 -37.13 7.29 7.47
CA HIS A 122 -36.34 6.07 7.33
C HIS A 122 -34.92 6.41 6.90
N ASN A 123 -33.95 5.81 7.59
CA ASN A 123 -32.54 5.81 7.18
C ASN A 123 -32.14 4.39 6.84
N GLY A 124 -31.67 4.19 5.61
CA GLY A 124 -31.19 2.88 5.21
C GLY A 124 -31.89 2.31 3.98
N ILE A 125 -31.81 1.00 3.81
CA ILE A 125 -32.39 0.32 2.66
C ILE A 125 -33.04 -0.98 3.11
N ILE A 126 -34.21 -1.28 2.53
CA ILE A 126 -34.91 -2.53 2.76
C ILE A 126 -34.58 -3.45 1.59
N THR A 127 -34.00 -4.61 1.89
CA THR A 127 -33.57 -5.51 0.83
C THR A 127 -34.76 -6.14 0.11
N ASN A 128 -35.73 -6.64 0.88
CA ASN A 128 -36.91 -7.28 0.32
C ASN A 128 -38.01 -6.29 -0.06
N TYR A 129 -37.64 -5.05 -0.39
CA TYR A 129 -38.64 -4.03 -0.68
C TYR A 129 -39.43 -4.35 -1.95
N LYS A 130 -38.84 -5.10 -2.88
CA LYS A 130 -39.57 -5.51 -4.07
C LYS A 130 -40.70 -6.46 -3.72
N ASP A 131 -40.40 -7.47 -2.89
CA ASP A 131 -41.42 -8.45 -2.52
C ASP A 131 -42.55 -7.81 -1.72
N LEU A 132 -42.21 -6.96 -0.75
CA LEU A 132 -43.23 -6.33 0.08
C LEU A 132 -44.20 -5.51 -0.76
N LYS A 133 -43.68 -4.74 -1.72
CA LYS A 133 -44.54 -3.91 -2.55
C LYS A 133 -45.55 -4.75 -3.32
N LYS A 134 -45.18 -5.99 -3.67
CA LYS A 134 -46.12 -6.89 -4.34
C LYS A 134 -47.19 -7.37 -3.38
N PHE A 135 -46.78 -7.82 -2.19
CA PHE A 135 -47.73 -8.36 -1.22
C PHE A 135 -48.80 -7.34 -0.88
N LEU A 136 -48.41 -6.07 -0.73
CA LEU A 136 -49.37 -5.03 -0.38
C LEU A 136 -50.25 -4.67 -1.57
N GLU A 137 -49.66 -4.60 -2.77
CA GLU A 137 -50.46 -4.31 -3.96
C GLU A 137 -51.52 -5.38 -4.19
N SER A 138 -51.18 -6.65 -3.92
CA SER A 138 -52.18 -7.70 -4.01
C SER A 138 -53.32 -7.50 -3.02
N LYS A 139 -53.10 -6.71 -1.97
CA LYS A 139 -54.12 -6.41 -1.00
C LYS A 139 -54.84 -5.09 -1.28
N GLY A 140 -54.53 -4.43 -2.40
CA GLY A 140 -55.21 -3.23 -2.81
C GLY A 140 -54.44 -1.95 -2.62
N TYR A 141 -53.33 -1.99 -1.90
CA TYR A 141 -52.55 -0.78 -1.63
C TYR A 141 -51.82 -0.33 -2.89
N ASP A 142 -52.04 0.91 -3.28
CA ASP A 142 -51.39 1.48 -4.45
C ASP A 142 -50.26 2.41 -4.01
N PHE A 143 -49.14 2.36 -4.72
CA PHE A 143 -47.95 3.11 -4.37
C PHE A 143 -47.81 4.34 -5.26
N GLU A 144 -47.23 5.40 -4.68
CA GLU A 144 -47.03 6.66 -5.38
C GLU A 144 -45.57 7.08 -5.49
N SER A 145 -44.67 6.48 -4.73
CA SER A 145 -43.26 6.81 -4.76
C SER A 145 -42.44 5.65 -5.30
N GLU A 146 -41.21 5.96 -5.69
CA GLU A 146 -40.26 4.96 -6.15
C GLU A 146 -39.27 4.56 -5.06
N THR A 147 -39.54 4.93 -3.81
CA THR A 147 -38.65 4.65 -2.70
C THR A 147 -39.09 3.39 -1.98
N ASP A 148 -38.12 2.71 -1.36
CA ASP A 148 -38.42 1.55 -0.53
C ASP A 148 -39.10 1.93 0.77
N THR A 149 -39.11 3.22 1.12
CA THR A 149 -39.68 3.64 2.40
C THR A 149 -41.20 3.53 2.39
N GLU A 150 -41.84 3.78 1.25
CA GLU A 150 -43.30 3.75 1.21
C GLU A 150 -43.84 2.39 1.62
N THR A 151 -43.13 1.31 1.28
CA THR A 151 -43.55 -0.02 1.70
C THR A 151 -43.68 -0.11 3.22
N ILE A 152 -42.80 0.58 3.94
CA ILE A 152 -42.88 0.60 5.40
C ILE A 152 -44.17 1.27 5.84
N ALA A 153 -44.46 2.45 5.29
CA ALA A 153 -45.69 3.15 5.65
C ALA A 153 -46.92 2.33 5.27
N LYS A 154 -46.90 1.69 4.09
CA LYS A 154 -48.05 0.89 3.68
C LYS A 154 -48.19 -0.38 4.51
N LEU A 155 -47.06 -0.97 4.92
CA LEU A 155 -47.12 -2.23 5.64
C LEU A 155 -47.67 -2.03 7.05
N VAL A 156 -47.30 -0.94 7.71
CA VAL A 156 -47.80 -0.72 9.07
C VAL A 156 -49.30 -0.50 9.05
N LYS A 157 -49.84 0.10 8.00
CA LYS A 157 -51.29 0.22 7.88
C LYS A 157 -51.93 -1.14 7.63
N TYR A 158 -51.26 -2.00 6.87
CA TYR A 158 -51.78 -3.36 6.67
C TYR A 158 -51.91 -4.09 8.00
N MET A 159 -50.87 -4.01 8.84
CA MET A 159 -50.97 -4.60 10.17
C MET A 159 -52.12 -3.97 10.96
N TYR A 160 -52.24 -2.65 10.91
CA TYR A 160 -53.36 -1.98 11.58
C TYR A 160 -54.69 -2.45 11.03
N ASP A 161 -54.79 -2.58 9.70
CA ASP A 161 -56.04 -3.00 9.07
C ASP A 161 -56.38 -4.46 9.35
N ASN A 162 -55.48 -5.21 9.97
CA ASN A 162 -55.72 -6.62 10.29
C ASN A 162 -55.42 -6.92 11.75
N ARG A 163 -55.56 -5.93 12.63
CA ARG A 163 -55.32 -6.15 14.04
C ARG A 163 -56.45 -6.96 14.65
N GLU A 164 -56.10 -7.74 15.67
CA GLU A 164 -57.08 -8.64 16.31
C GLU A 164 -58.00 -7.88 17.25
N SER A 165 -57.47 -6.91 17.99
CA SER A 165 -58.25 -6.14 18.95
C SER A 165 -58.19 -4.66 18.57
N GLN A 166 -59.17 -3.91 19.06
CA GLN A 166 -59.26 -2.49 18.75
C GLN A 166 -58.20 -1.66 19.47
N ASP A 167 -57.43 -2.27 20.38
CA ASP A 167 -56.46 -1.54 21.19
C ASP A 167 -55.06 -2.14 21.08
N THR A 168 -54.76 -2.84 20.00
CA THR A 168 -53.39 -3.32 19.78
C THR A 168 -52.43 -2.14 19.78
N SER A 169 -51.36 -2.25 20.57
CA SER A 169 -50.47 -1.12 20.77
C SER A 169 -49.75 -0.74 19.49
N PHE A 170 -49.36 0.53 19.42
CA PHE A 170 -48.53 1.00 18.31
C PHE A 170 -47.23 0.19 18.22
N THR A 171 -46.66 -0.16 19.37
CA THR A 171 -45.47 -1.00 19.40
C THR A 171 -45.72 -2.33 18.70
N THR A 172 -46.78 -3.03 19.11
CA THR A 172 -47.09 -4.33 18.52
C THR A 172 -47.17 -4.23 17.00
N LEU A 173 -47.70 -3.12 16.48
CA LEU A 173 -47.80 -2.97 15.03
C LEU A 173 -46.42 -2.86 14.39
N VAL A 174 -45.56 -2.02 14.95
CA VAL A 174 -44.20 -1.86 14.40
C VAL A 174 -43.41 -3.16 14.56
N GLU A 175 -43.60 -3.85 15.69
CA GLU A 175 -42.96 -5.15 15.86
C GLU A 175 -43.30 -6.09 14.71
N ARG A 176 -44.57 -6.09 14.29
CA ARG A 176 -44.97 -6.94 13.17
C ARG A 176 -44.41 -6.43 11.85
N VAL A 177 -44.15 -5.13 11.74
CA VAL A 177 -43.60 -4.58 10.51
C VAL A 177 -42.15 -4.99 10.34
N ILE A 178 -41.31 -4.69 11.33
CA ILE A 178 -39.88 -4.98 11.21
C ILE A 178 -39.65 -6.47 11.05
N GLN A 179 -40.51 -7.31 11.64
CA GLN A 179 -40.37 -8.75 11.48
C GLN A 179 -40.52 -9.17 10.02
N GLN A 180 -41.09 -8.31 9.18
CA GLN A 180 -41.21 -8.57 7.75
C GLN A 180 -40.18 -7.83 6.92
N LEU A 181 -39.39 -6.94 7.53
CA LEU A 181 -38.38 -6.18 6.83
C LEU A 181 -37.05 -6.93 6.82
N GLU A 182 -36.28 -6.70 5.76
CA GLU A 182 -34.93 -7.24 5.65
C GLU A 182 -33.98 -6.14 5.22
N GLY A 183 -32.83 -6.07 5.87
CA GLY A 183 -31.84 -5.07 5.52
C GLY A 183 -31.42 -4.21 6.69
N ALA A 184 -31.19 -2.92 6.44
CA ALA A 184 -30.79 -1.99 7.47
C ALA A 184 -31.79 -0.84 7.52
N PHE A 185 -32.06 -0.36 8.73
CA PHE A 185 -33.05 0.71 8.85
C PHE A 185 -32.97 1.34 10.23
N ALA A 186 -33.27 2.64 10.27
CA ALA A 186 -33.67 3.34 11.48
C ALA A 186 -34.97 4.06 11.17
N LEU A 187 -35.97 3.92 12.04
CA LEU A 187 -37.32 4.36 11.73
C LEU A 187 -37.91 5.15 12.88
N VAL A 188 -38.73 6.13 12.53
CA VAL A 188 -39.60 6.83 13.47
C VAL A 188 -41.00 6.88 12.86
N PHE A 189 -41.99 6.47 13.62
CA PHE A 189 -43.37 6.36 13.15
C PHE A 189 -44.25 7.41 13.82
N LYS A 190 -45.28 7.84 13.09
CA LYS A 190 -46.33 8.70 13.63
C LYS A 190 -47.65 8.30 12.98
N SER A 191 -48.74 8.41 13.75
CA SER A 191 -50.04 7.96 13.27
C SER A 191 -51.15 8.81 13.89
N VAL A 192 -52.22 9.00 13.11
CA VAL A 192 -53.41 9.66 13.64
C VAL A 192 -54.10 8.76 14.66
N HIS A 193 -53.94 7.45 14.53
CA HIS A 193 -54.58 6.50 15.43
C HIS A 193 -53.90 6.43 16.78
N PHE A 194 -52.72 7.03 16.92
CA PHE A 194 -51.97 7.04 18.18
C PHE A 194 -51.43 8.44 18.39
N PRO A 195 -52.32 9.41 18.62
CA PRO A 195 -51.89 10.81 18.69
C PRO A 195 -50.90 11.04 19.82
N GLY A 196 -49.86 11.83 19.52
CA GLY A 196 -48.85 12.18 20.49
C GLY A 196 -47.84 11.09 20.76
N GLN A 197 -48.01 9.91 20.19
CA GLN A 197 -47.12 8.79 20.44
C GLN A 197 -46.08 8.67 19.33
N ALA A 198 -44.91 8.19 19.70
CA ALA A 198 -43.84 7.92 18.75
C ALA A 198 -43.33 6.51 18.97
N VAL A 199 -42.91 5.87 17.89
CA VAL A 199 -42.27 4.56 17.95
C VAL A 199 -41.01 4.64 17.09
N GLY A 200 -39.88 4.33 17.69
CA GLY A 200 -38.60 4.32 16.99
C GLY A 200 -37.93 2.97 17.13
N THR A 201 -37.37 2.48 16.03
CA THR A 201 -36.70 1.18 16.02
C THR A 201 -35.59 1.21 14.97
N ARG A 202 -34.60 0.35 15.17
CA ARG A 202 -33.43 0.34 14.30
C ARG A 202 -32.90 -1.07 14.15
N ARG A 203 -32.19 -1.28 13.04
CA ARG A 203 -31.46 -2.53 12.81
C ARG A 203 -30.31 -2.17 11.86
N GLY A 204 -29.10 -2.08 12.42
CA GLY A 204 -27.95 -1.74 11.61
C GLY A 204 -27.89 -0.29 11.18
N SER A 205 -28.56 0.61 11.90
CA SER A 205 -28.54 2.02 11.56
C SER A 205 -28.76 2.80 12.85
N PRO A 206 -27.94 3.80 13.16
CA PRO A 206 -28.01 4.44 14.47
C PRO A 206 -29.28 5.25 14.67
N LEU A 207 -29.81 5.16 15.90
CA LEU A 207 -30.97 5.94 16.31
C LEU A 207 -30.88 6.16 17.81
N LEU A 208 -30.98 7.42 18.24
CA LEU A 208 -30.89 7.75 19.64
C LEU A 208 -32.05 8.66 20.03
N ILE A 209 -32.28 8.76 21.34
CA ILE A 209 -33.37 9.56 21.89
C ILE A 209 -32.79 10.49 22.94
N GLY A 210 -32.96 11.80 22.73
CA GLY A 210 -32.67 12.77 23.76
C GLY A 210 -33.89 13.03 24.62
N VAL A 211 -33.65 13.44 25.87
CA VAL A 211 -34.74 13.69 26.82
C VAL A 211 -34.42 14.96 27.61
N ARG A 212 -35.45 15.75 27.89
CA ARG A 212 -35.29 16.97 28.67
C ARG A 212 -36.55 17.22 29.49
N SER A 213 -36.35 17.58 30.76
CA SER A 213 -37.46 17.92 31.63
C SER A 213 -36.93 18.67 32.84
N GLU A 214 -37.65 19.72 33.25
CA GLU A 214 -37.28 20.41 34.48
C GLU A 214 -37.56 19.56 35.72
N HIS A 215 -38.19 18.41 35.55
CA HIS A 215 -38.53 17.54 36.66
C HIS A 215 -37.57 16.36 36.71
N LYS A 216 -37.55 15.69 37.86
CA LYS A 216 -36.72 14.51 38.03
C LYS A 216 -37.24 13.37 37.14
N LEU A 217 -36.32 12.62 36.56
CA LEU A 217 -36.68 11.47 35.76
C LEU A 217 -36.68 10.22 36.61
N SER A 218 -37.56 9.29 36.24
CA SER A 218 -37.79 8.10 37.06
C SER A 218 -36.59 7.18 37.12
N THR A 219 -35.67 7.27 36.15
CA THR A 219 -34.55 6.34 36.08
C THR A 219 -33.53 6.86 35.09
N ASP A 220 -32.31 6.33 35.20
CA ASP A 220 -31.26 6.55 34.22
C ASP A 220 -30.86 5.26 33.52
N HIS A 221 -31.65 4.19 33.68
CA HIS A 221 -31.37 2.91 33.04
C HIS A 221 -32.73 2.29 32.72
N ILE A 222 -33.16 2.41 31.47
CA ILE A 222 -34.48 1.95 31.06
C ILE A 222 -34.44 0.44 30.90
N PRO A 223 -35.19 -0.33 31.68
CA PRO A 223 -35.20 -1.78 31.51
C PRO A 223 -35.94 -2.19 30.25
N ILE A 224 -35.56 -3.34 29.71
CA ILE A 224 -36.19 -3.87 28.52
C ILE A 224 -37.46 -4.63 28.91
N LEU A 225 -38.50 -4.48 28.10
CA LEU A 225 -39.77 -5.17 28.30
C LEU A 225 -39.97 -6.19 27.18
N TYR A 226 -40.23 -7.44 27.56
CA TYR A 226 -40.38 -8.52 26.61
C TYR A 226 -41.85 -8.90 26.44
N ARG A 227 -42.13 -9.62 25.37
CA ARG A 227 -43.49 -10.06 25.07
C ARG A 227 -43.61 -11.57 25.24
N SER A 243 -41.97 0.55 40.61
CA SER A 243 -41.38 -0.44 39.72
C SER A 243 -40.38 0.21 38.77
N THR A 244 -40.68 1.43 38.34
CA THR A 244 -39.84 2.19 37.42
C THR A 244 -39.46 1.34 36.20
N THR A 245 -40.48 0.89 35.50
CA THR A 245 -40.30 0.07 34.30
C THR A 245 -40.13 0.90 33.04
N CYS A 246 -40.34 2.21 33.11
CA CYS A 246 -40.15 3.09 31.97
C CYS A 246 -39.65 4.44 32.46
N LEU A 247 -39.29 5.30 31.51
CA LEU A 247 -38.72 6.60 31.78
C LEU A 247 -39.80 7.68 31.67
N PHE A 248 -39.87 8.57 32.66
CA PHE A 248 -40.88 9.61 32.68
C PHE A 248 -40.54 10.60 33.79
N PRO A 249 -41.04 11.84 33.69
CA PRO A 249 -40.87 12.79 34.80
C PRO A 249 -41.76 12.42 35.98
N VAL A 250 -41.25 12.72 37.18
CA VAL A 250 -41.89 12.25 38.41
C VAL A 250 -42.85 13.29 38.98
N GLU A 251 -42.44 14.55 39.07
CA GLU A 251 -43.31 15.58 39.65
C GLU A 251 -44.53 15.82 38.77
N GLU A 252 -44.31 16.17 37.50
CA GLU A 252 -45.40 16.48 36.58
C GLU A 252 -45.20 15.74 35.26
N LYS A 253 -46.07 16.01 34.29
CA LYS A 253 -46.03 15.33 33.00
C LYS A 253 -45.02 15.94 32.04
N ALA A 254 -44.65 17.21 32.22
CA ALA A 254 -43.88 17.92 31.21
C ALA A 254 -42.57 17.21 30.90
N VAL A 255 -42.33 16.98 29.61
CA VAL A 255 -41.09 16.37 29.15
C VAL A 255 -41.00 16.56 27.64
N GLU A 256 -39.77 16.57 27.12
CA GLU A 256 -39.50 16.71 25.70
C GLU A 256 -38.61 15.56 25.25
N TYR A 257 -38.94 14.98 24.11
CA TYR A 257 -38.15 13.90 23.53
C TYR A 257 -37.62 14.31 22.16
N TYR A 258 -36.43 13.82 21.84
CA TYR A 258 -35.78 14.10 20.57
C TYR A 258 -35.25 12.79 20.01
N PHE A 259 -35.90 12.28 18.97
CA PHE A 259 -35.35 11.18 18.19
C PHE A 259 -34.42 11.75 17.13
N ALA A 260 -33.30 11.07 16.91
CA ALA A 260 -32.34 11.56 15.93
C ALA A 260 -31.40 10.42 15.54
N SER A 261 -30.89 10.51 14.32
CA SER A 261 -29.90 9.58 13.81
C SER A 261 -28.47 10.02 14.11
N ASP A 262 -28.30 11.20 14.71
CA ASP A 262 -26.98 11.72 15.05
C ASP A 262 -27.14 12.70 16.20
N ALA A 263 -26.19 12.65 17.14
CA ALA A 263 -26.27 13.51 18.32
C ALA A 263 -26.18 14.98 17.96
N SER A 264 -25.68 15.32 16.78
CA SER A 264 -25.52 16.72 16.40
C SER A 264 -26.84 17.49 16.44
N ALA A 265 -27.96 16.80 16.26
CA ALA A 265 -29.27 17.45 16.24
C ALA A 265 -29.93 17.52 17.59
N VAL A 266 -29.33 16.89 18.61
CA VAL A 266 -29.90 16.86 19.95
C VAL A 266 -29.10 17.71 20.93
N ILE A 267 -27.79 17.85 20.73
CA ILE A 267 -26.92 18.33 21.79
C ILE A 267 -27.27 19.75 22.21
N GLU A 268 -27.87 20.55 21.32
CA GLU A 268 -28.21 21.92 21.69
C GLU A 268 -29.41 21.98 22.63
N HIS A 269 -30.26 20.97 22.61
CA HIS A 269 -31.43 20.91 23.49
C HIS A 269 -31.15 20.14 24.78
N THR A 270 -30.35 19.08 24.70
CA THR A 270 -30.08 18.24 25.85
C THR A 270 -28.85 17.41 25.57
N ASN A 271 -28.18 17.00 26.65
CA ASN A 271 -27.03 16.09 26.58
C ASN A 271 -27.35 14.73 27.19
N ARG A 272 -28.61 14.47 27.55
CA ARG A 272 -29.04 13.19 28.07
C ARG A 272 -29.69 12.42 26.93
N VAL A 273 -29.05 11.31 26.51
CA VAL A 273 -29.50 10.56 25.35
C VAL A 273 -29.51 9.07 25.68
N ILE A 274 -30.32 8.33 24.93
CA ILE A 274 -30.36 6.88 24.96
C ILE A 274 -30.04 6.37 23.56
N PHE A 275 -29.03 5.51 23.45
CA PHE A 275 -28.67 4.89 22.18
C PHE A 275 -29.41 3.56 22.06
N LEU A 276 -30.31 3.48 21.09
CA LEU A 276 -31.03 2.24 20.86
C LEU A 276 -30.12 1.20 20.20
N GLU A 277 -30.47 -0.07 20.37
CA GLU A 277 -29.74 -1.18 19.80
C GLU A 277 -30.65 -1.96 18.85
N ASP A 278 -30.02 -2.83 18.06
CA ASP A 278 -30.73 -3.54 17.01
C ASP A 278 -31.98 -4.21 17.55
N ASP A 279 -33.11 -3.95 16.89
CA ASP A 279 -34.41 -4.56 17.16
C ASP A 279 -35.05 -4.02 18.44
N ASP A 280 -34.48 -3.00 19.07
CA ASP A 280 -35.21 -2.27 20.09
C ASP A 280 -36.41 -1.58 19.46
N VAL A 281 -37.53 -1.58 20.18
CA VAL A 281 -38.72 -0.83 19.77
C VAL A 281 -39.01 0.13 20.91
N ALA A 282 -38.55 1.37 20.77
CA ALA A 282 -38.79 2.41 21.76
C ALA A 282 -40.09 3.12 21.43
N ALA A 283 -40.92 3.34 22.44
CA ALA A 283 -42.22 3.95 22.25
C ALA A 283 -42.47 5.00 23.34
N VAL A 284 -43.08 6.11 22.94
CA VAL A 284 -43.53 7.14 23.86
C VAL A 284 -45.04 7.09 23.87
N VAL A 285 -45.61 6.67 25.01
CA VAL A 285 -47.05 6.57 25.17
C VAL A 285 -47.42 7.33 26.44
N ASP A 286 -48.30 8.33 26.31
CA ASP A 286 -48.66 9.20 27.42
C ASP A 286 -47.43 9.88 28.01
N GLY A 287 -46.49 10.27 27.14
CA GLY A 287 -45.29 10.94 27.58
C GLY A 287 -44.27 10.07 28.28
N ARG A 288 -44.51 8.75 28.37
CA ARG A 288 -43.60 7.83 29.04
C ARG A 288 -42.88 6.99 28.01
N LEU A 289 -41.57 6.85 28.17
CA LEU A 289 -40.72 6.16 27.20
C LEU A 289 -40.39 4.77 27.71
N SER A 290 -40.70 3.76 26.91
CA SER A 290 -40.35 2.37 27.22
C SER A 290 -39.68 1.75 26.01
N ILE A 291 -38.97 0.65 26.25
CA ILE A 291 -38.19 -0.03 25.23
C ILE A 291 -38.56 -1.50 25.26
N HIS A 292 -39.03 -2.02 24.14
CA HIS A 292 -39.56 -3.37 24.05
C HIS A 292 -38.69 -4.25 23.17
N ARG A 293 -38.76 -5.56 23.42
CA ARG A 293 -38.08 -6.55 22.59
C ARG A 293 -38.92 -7.82 22.60
N ILE A 294 -38.56 -8.75 21.71
CA ILE A 294 -39.30 -10.00 21.56
C ILE A 294 -38.55 -11.13 22.25
N LYS A 295 -37.22 -11.04 22.28
CA LYS A 295 -36.38 -12.09 22.84
C LYS A 295 -36.90 -12.58 24.19
N HIS A 307 -30.59 -8.41 34.11
CA HIS A 307 -31.68 -7.54 33.67
C HIS A 307 -31.16 -6.50 32.68
N PRO A 308 -31.14 -6.83 31.38
CA PRO A 308 -30.60 -5.90 30.39
C PRO A 308 -31.46 -4.65 30.27
N GLY A 309 -30.80 -3.53 30.01
CA GLY A 309 -31.49 -2.27 29.87
C GLY A 309 -30.65 -1.28 29.07
N ARG A 310 -31.24 -0.12 28.82
CA ARG A 310 -30.60 0.95 28.06
C ARG A 310 -30.36 2.13 28.98
N ALA A 311 -29.13 2.61 29.01
CA ALA A 311 -28.73 3.67 29.93
C ALA A 311 -29.02 5.04 29.36
N VAL A 312 -29.46 5.95 30.23
CA VAL A 312 -29.50 7.37 29.92
C VAL A 312 -28.14 7.93 30.29
N GLN A 313 -27.38 8.39 29.28
CA GLN A 313 -26.01 8.82 29.49
C GLN A 313 -25.83 10.26 29.01
N THR A 314 -24.80 10.88 29.55
CA THR A 314 -24.50 12.29 29.31
C THR A 314 -23.43 12.41 28.24
N LEU A 315 -23.73 13.15 27.18
CA LEU A 315 -22.75 13.42 26.13
C LEU A 315 -21.95 14.67 26.48
N GLN A 316 -20.64 14.60 26.25
CA GLN A 316 -19.77 15.75 26.45
C GLN A 316 -19.72 16.65 25.23
N MET A 317 -20.43 16.29 24.16
CA MET A 317 -20.50 17.11 22.97
C MET A 317 -21.21 18.43 23.27
N GLU A 318 -20.92 19.44 22.44
CA GLU A 318 -21.57 20.73 22.57
C GLU A 318 -21.69 21.38 21.19
N LEU A 319 -22.73 22.21 21.05
CA LEU A 319 -23.11 22.73 19.74
C LEU A 319 -21.94 23.40 19.02
N GLN A 320 -21.09 24.09 19.76
CA GLN A 320 -20.00 24.84 19.13
C GLN A 320 -19.09 23.91 18.33
N GLN A 321 -19.03 22.63 18.70
CA GLN A 321 -18.11 21.71 18.05
C GLN A 321 -18.54 21.31 16.64
N ILE A 322 -19.78 21.59 16.25
CA ILE A 322 -20.26 21.22 14.92
C ILE A 322 -20.50 22.47 14.06
N MET A 323 -19.98 23.62 14.48
CA MET A 323 -20.12 24.87 13.75
C MET A 323 -18.79 25.25 13.14
N LYS A 324 -18.86 25.97 12.01
CA LYS A 324 -17.64 26.41 11.33
C LYS A 324 -16.93 27.50 12.12
N GLY A 325 -17.66 28.30 12.88
CA GLY A 325 -17.04 29.41 13.56
C GLY A 325 -16.68 30.49 12.56
N ASN A 326 -15.44 30.97 12.63
CA ASN A 326 -14.96 31.98 11.70
C ASN A 326 -14.35 31.39 10.44
N PHE A 327 -14.26 30.07 10.34
CA PHE A 327 -13.70 29.44 9.16
C PHE A 327 -14.73 29.32 8.05
N SER A 328 -14.26 29.44 6.81
CA SER A 328 -15.15 29.36 5.66
C SER A 328 -15.53 27.92 5.30
N SER A 329 -14.86 26.92 5.86
CA SER A 329 -15.16 25.54 5.57
C SER A 329 -14.83 24.68 6.80
N PHE A 330 -15.48 23.52 6.87
CA PHE A 330 -15.18 22.59 7.96
C PHE A 330 -13.80 21.97 7.79
N MET A 331 -13.38 21.73 6.55
CA MET A 331 -12.02 21.22 6.34
C MET A 331 -10.99 22.17 6.93
N GLN A 332 -11.17 23.47 6.72
CA GLN A 332 -10.19 24.43 7.22
C GLN A 332 -10.22 24.48 8.74
N LYS A 333 -11.42 24.52 9.34
CA LYS A 333 -11.53 24.51 10.80
C LYS A 333 -10.82 23.30 11.40
N GLU A 334 -11.06 22.12 10.85
CA GLU A 334 -10.57 20.91 11.49
C GLU A 334 -9.07 20.73 11.28
N ILE A 335 -8.52 21.28 10.20
CA ILE A 335 -7.07 21.30 10.05
C ILE A 335 -6.45 22.25 11.07
N PHE A 336 -6.95 23.48 11.15
CA PHE A 336 -6.30 24.50 11.96
C PHE A 336 -6.56 24.34 13.45
N GLU A 337 -7.57 23.58 13.85
CA GLU A 337 -7.83 23.34 15.25
C GLU A 337 -7.11 22.11 15.78
N GLN A 338 -6.25 21.49 14.96
CA GLN A 338 -5.55 20.29 15.41
C GLN A 338 -4.68 20.53 16.65
N PRO A 339 -4.15 21.72 16.90
CA PRO A 339 -3.53 21.94 18.22
C PRO A 339 -4.47 21.67 19.37
N GLU A 340 -5.75 22.05 19.23
CA GLU A 340 -6.74 21.81 20.26
C GLU A 340 -7.16 20.35 20.31
N SER A 341 -7.46 19.75 19.15
CA SER A 341 -7.96 18.38 19.16
C SER A 341 -6.89 17.41 19.66
N VAL A 342 -5.62 17.66 19.35
CA VAL A 342 -4.54 16.84 19.91
C VAL A 342 -4.55 16.94 21.43
N VAL A 343 -4.72 18.15 21.96
CA VAL A 343 -4.80 18.33 23.42
C VAL A 343 -6.02 17.61 23.97
N ASN A 344 -7.16 17.71 23.29
CA ASN A 344 -8.36 17.01 23.76
C ASN A 344 -8.14 15.51 23.80
N THR A 345 -7.38 14.98 22.83
CA THR A 345 -7.10 13.55 22.80
C THR A 345 -6.31 13.11 24.03
N MET A 346 -5.43 13.98 24.54
CA MET A 346 -4.56 13.61 25.65
C MET A 346 -5.13 13.97 27.01
N ARG A 347 -6.15 14.83 27.07
CA ARG A 347 -6.63 15.33 28.35
C ARG A 347 -7.01 14.18 29.27
N GLY A 348 -6.55 14.26 30.53
CA GLY A 348 -6.85 13.25 31.51
C GLY A 348 -6.17 11.92 31.31
N ARG A 349 -5.35 11.77 30.26
CA ARG A 349 -4.71 10.51 29.95
C ARG A 349 -3.18 10.55 30.06
N VAL A 350 -2.58 11.72 30.12
CA VAL A 350 -1.13 11.87 30.16
C VAL A 350 -0.77 12.76 31.33
N ASN A 351 0.26 12.38 32.06
CA ASN A 351 0.76 13.15 33.20
C ASN A 351 2.25 13.37 32.96
N PHE A 352 2.61 14.59 32.57
CA PHE A 352 4.00 14.87 32.27
C PHE A 352 4.83 15.09 33.53
N ASP A 353 4.19 15.33 34.68
CA ASP A 353 4.93 15.49 35.93
C ASP A 353 5.65 14.21 36.31
N ASP A 354 5.09 13.04 35.99
CA ASP A 354 5.70 11.77 36.35
C ASP A 354 5.72 10.77 35.19
N TYR A 355 5.49 11.24 33.97
CA TYR A 355 5.66 10.42 32.77
C TYR A 355 4.84 9.13 32.85
N THR A 356 3.53 9.29 33.02
CA THR A 356 2.61 8.17 33.04
C THR A 356 1.47 8.42 32.06
N VAL A 357 1.01 7.36 31.43
CA VAL A 357 -0.10 7.38 30.49
C VAL A 357 -1.18 6.46 31.02
N ASN A 358 -2.43 6.91 30.97
CA ASN A 358 -3.55 6.15 31.52
C ASN A 358 -4.75 6.32 30.59
N LEU A 359 -4.91 5.37 29.68
CA LEU A 359 -6.15 5.21 28.94
C LEU A 359 -7.10 4.38 29.80
N GLY A 360 -8.12 5.05 30.35
CA GLY A 360 -8.99 4.37 31.31
C GLY A 360 -9.68 3.15 30.73
N GLY A 361 -10.02 3.19 29.43
CA GLY A 361 -10.69 2.07 28.81
C GLY A 361 -9.86 0.80 28.76
N LEU A 362 -8.55 0.90 28.96
CA LEU A 362 -7.65 -0.24 28.82
C LEU A 362 -6.92 -0.62 30.10
N LYS A 363 -7.07 0.14 31.18
CA LYS A 363 -6.36 -0.17 32.42
C LYS A 363 -6.70 -1.56 32.94
N ASP A 364 -7.84 -2.12 32.53
CA ASP A 364 -8.22 -3.47 32.97
C ASP A 364 -7.54 -4.53 32.12
N HIS A 365 -7.77 -4.49 30.80
CA HIS A 365 -7.22 -5.48 29.89
C HIS A 365 -5.72 -5.30 29.62
N ILE A 366 -5.08 -4.33 30.27
CA ILE A 366 -3.70 -3.99 29.89
C ILE A 366 -2.78 -5.19 30.09
N LYS A 367 -2.96 -5.94 31.17
CA LYS A 367 -2.08 -7.07 31.45
C LYS A 367 -2.46 -8.28 30.61
N GLU A 368 -3.75 -8.50 30.37
CA GLU A 368 -4.18 -9.49 29.39
C GLU A 368 -3.53 -9.22 28.04
N ILE A 369 -3.60 -7.97 27.57
CA ILE A 369 -3.05 -7.63 26.26
C ILE A 369 -1.58 -8.01 26.18
N GLN A 370 -0.82 -7.76 27.25
CA GLN A 370 0.60 -8.07 27.22
C GLN A 370 0.87 -9.57 27.20
N ARG A 371 -0.07 -10.38 27.67
CA ARG A 371 0.07 -11.83 27.56
C ARG A 371 -0.29 -12.36 26.18
N CYS A 372 -0.78 -11.51 25.29
CA CYS A 372 -1.07 -11.93 23.92
C CYS A 372 0.20 -11.86 23.07
N ARG A 373 0.14 -12.49 21.90
CA ARG A 373 1.33 -12.72 21.09
C ARG A 373 1.35 -11.95 19.77
N ARG A 374 0.30 -11.19 19.45
CA ARG A 374 0.29 -10.46 18.19
C ARG A 374 -0.73 -9.33 18.25
N LEU A 375 -0.36 -8.19 17.67
CA LEU A 375 -1.25 -7.05 17.49
C LEU A 375 -1.67 -6.97 16.03
N ILE A 376 -2.98 -6.86 15.80
CA ILE A 376 -3.52 -6.71 14.45
C ILE A 376 -4.34 -5.43 14.42
N LEU A 377 -3.97 -4.51 13.54
CA LEU A 377 -4.71 -3.27 13.32
C LEU A 377 -5.51 -3.40 12.02
N ILE A 378 -6.83 -3.20 12.10
CA ILE A 378 -7.74 -3.39 10.99
C ILE A 378 -8.54 -2.11 10.81
N ALA A 379 -8.60 -1.60 9.58
CA ALA A 379 -9.23 -0.31 9.32
C ALA A 379 -9.31 -0.11 7.80
N CYS A 380 -9.95 1.00 7.41
CA CYS A 380 -10.08 1.42 6.01
C CYS A 380 -9.52 2.83 5.85
N GLY A 381 -9.09 3.12 4.64
CA GLY A 381 -8.72 4.48 4.27
C GLY A 381 -7.74 5.10 5.22
N THR A 382 -8.02 6.34 5.63
CA THR A 382 -7.09 7.09 6.47
C THR A 382 -6.91 6.41 7.83
N SER A 383 -7.96 5.78 8.35
CA SER A 383 -7.80 5.03 9.60
C SER A 383 -6.77 3.92 9.45
N TYR A 384 -6.68 3.30 8.27
CA TYR A 384 -5.61 2.35 8.03
C TYR A 384 -4.27 3.04 8.01
N HIS A 385 -4.20 4.26 7.46
CA HIS A 385 -2.94 5.00 7.45
C HIS A 385 -2.45 5.30 8.85
N ALA A 386 -3.36 5.52 9.80
CA ALA A 386 -2.95 5.75 11.18
C ALA A 386 -2.23 4.53 11.76
N GLY A 387 -2.66 3.33 11.37
CA GLY A 387 -1.97 2.13 11.79
C GLY A 387 -0.58 2.03 11.19
N VAL A 388 -0.48 2.27 9.87
CA VAL A 388 0.82 2.30 9.24
C VAL A 388 1.71 3.35 9.90
N ALA A 389 1.10 4.47 10.30
CA ALA A 389 1.87 5.58 10.85
C ALA A 389 2.45 5.28 12.22
N THR A 390 1.86 4.34 12.95
CA THR A 390 2.30 4.00 14.30
C THR A 390 2.79 2.56 14.44
N ARG A 391 2.81 1.81 13.34
CA ARG A 391 3.20 0.39 13.41
C ARG A 391 4.59 0.23 14.02
N GLN A 392 5.53 1.07 13.60
CA GLN A 392 6.91 0.91 14.04
C GLN A 392 7.05 1.14 15.55
N VAL A 393 6.45 2.22 16.05
CA VAL A 393 6.60 2.50 17.48
C VAL A 393 5.86 1.44 18.29
N LEU A 394 4.77 0.88 17.77
CA LEU A 394 4.08 -0.21 18.46
C LEU A 394 4.95 -1.44 18.55
N GLU A 395 5.60 -1.81 17.43
CA GLU A 395 6.59 -2.89 17.49
C GLU A 395 7.69 -2.57 18.49
N GLU A 396 8.20 -1.33 18.46
CA GLU A 396 9.31 -0.95 19.33
C GLU A 396 8.94 -1.11 20.80
N LEU A 397 7.81 -0.55 21.21
CA LEU A 397 7.47 -0.47 22.63
C LEU A 397 6.72 -1.69 23.15
N THR A 398 6.00 -2.42 22.29
CA THR A 398 5.34 -3.63 22.75
C THR A 398 6.20 -4.87 22.54
N GLU A 399 7.10 -4.83 21.55
CA GLU A 399 7.93 -5.96 21.16
C GLU A 399 7.11 -7.12 20.59
N LEU A 400 5.85 -6.90 20.34
CA LEU A 400 5.00 -7.89 19.72
C LEU A 400 4.97 -7.69 18.20
N PRO A 401 4.73 -8.75 17.43
CA PRO A 401 4.46 -8.55 16.00
C PRO A 401 3.22 -7.68 15.82
N VAL A 402 3.28 -6.80 14.82
CA VAL A 402 2.18 -5.89 14.52
C VAL A 402 1.83 -6.06 13.05
N MET A 403 0.66 -6.62 12.77
CA MET A 403 0.13 -6.74 11.42
C MET A 403 -0.89 -5.63 11.22
N VAL A 404 -0.82 -4.96 10.07
CA VAL A 404 -1.74 -3.87 9.74
C VAL A 404 -2.49 -4.25 8.48
N GLU A 405 -3.81 -4.33 8.56
CA GLU A 405 -4.65 -4.90 7.52
C GLU A 405 -5.66 -3.88 7.01
N LEU A 406 -5.84 -3.85 5.70
CA LEU A 406 -7.00 -3.19 5.10
C LEU A 406 -8.21 -4.08 5.30
N ALA A 407 -9.27 -3.52 5.89
CA ALA A 407 -10.38 -4.33 6.36
C ALA A 407 -10.99 -5.16 5.24
N SER A 408 -11.16 -4.56 4.05
CA SER A 408 -11.81 -5.29 2.96
C SER A 408 -10.98 -6.47 2.51
N ASP A 409 -9.66 -6.29 2.42
CA ASP A 409 -8.78 -7.39 2.03
C ASP A 409 -8.67 -8.42 3.14
N PHE A 410 -8.61 -7.95 4.39
CA PHE A 410 -8.64 -8.85 5.54
C PHE A 410 -9.79 -9.85 5.45
N LEU A 411 -10.98 -9.36 5.09
CA LEU A 411 -12.14 -10.24 4.96
C LEU A 411 -12.01 -11.16 3.74
N ASP A 412 -11.59 -10.61 2.60
CA ASP A 412 -11.50 -11.41 1.38
C ASP A 412 -10.65 -12.67 1.60
N ARG A 413 -9.57 -12.55 2.37
CA ARG A 413 -8.61 -13.63 2.50
C ARG A 413 -8.95 -14.62 3.60
N ASN A 414 -9.97 -14.36 4.42
CA ASN A 414 -10.26 -15.18 5.59
C ASN A 414 -9.01 -15.35 6.45
N THR A 415 -8.45 -14.21 6.83
CA THR A 415 -7.16 -14.17 7.50
C THR A 415 -7.19 -15.02 8.76
N PRO A 416 -6.16 -15.83 9.02
CA PRO A 416 -6.13 -16.59 10.28
C PRO A 416 -6.01 -15.67 11.48
N VAL A 417 -6.93 -15.88 12.44
CA VAL A 417 -6.94 -15.16 13.71
C VAL A 417 -7.04 -16.18 14.83
N PHE A 418 -6.40 -15.86 15.96
CA PHE A 418 -6.30 -16.80 17.07
C PHE A 418 -6.72 -16.12 18.38
N ARG A 419 -6.91 -16.96 19.41
CA ARG A 419 -7.43 -16.46 20.68
C ARG A 419 -6.45 -15.52 21.38
N ASP A 420 -5.16 -15.67 21.12
CA ASP A 420 -4.15 -14.82 21.74
C ASP A 420 -3.74 -13.67 20.82
N ASP A 421 -4.57 -13.33 19.83
CA ASP A 421 -4.41 -12.11 19.07
C ASP A 421 -5.15 -10.96 19.76
N VAL A 422 -4.56 -9.76 19.72
CA VAL A 422 -5.24 -8.54 20.11
C VAL A 422 -5.51 -7.75 18.84
N CYS A 423 -6.78 -7.48 18.57
CA CYS A 423 -7.19 -6.84 17.33
C CYS A 423 -7.74 -5.45 17.62
N PHE A 424 -7.13 -4.45 17.01
CA PHE A 424 -7.58 -3.07 17.12
C PHE A 424 -8.37 -2.72 15.87
N PHE A 425 -9.43 -1.94 16.05
CA PHE A 425 -10.29 -1.51 14.96
C PHE A 425 -10.38 0.01 14.99
N LEU A 426 -9.77 0.64 14.00
CA LEU A 426 -9.64 2.09 13.93
C LEU A 426 -10.73 2.63 13.01
N SER A 427 -11.59 3.49 13.55
CA SER A 427 -12.75 3.97 12.81
C SER A 427 -13.27 5.24 13.45
N GLN A 428 -13.16 6.36 12.73
CA GLN A 428 -13.70 7.62 13.22
C GLN A 428 -15.20 7.53 13.46
N SER A 429 -15.93 6.97 12.49
CA SER A 429 -17.38 6.86 12.60
C SER A 429 -17.80 5.73 13.53
N GLY A 430 -16.97 4.68 13.65
CA GLY A 430 -17.37 3.49 14.36
C GLY A 430 -18.46 2.69 13.67
N GLU A 431 -18.66 2.89 12.36
CA GLU A 431 -19.73 2.20 11.64
C GLU A 431 -19.32 1.62 10.30
N THR A 432 -18.11 1.90 9.81
CA THR A 432 -17.68 1.37 8.52
C THR A 432 -17.94 -0.13 8.43
N ALA A 433 -18.58 -0.54 7.34
CA ALA A 433 -19.08 -1.91 7.23
C ALA A 433 -17.95 -2.93 7.32
N ASP A 434 -16.89 -2.75 6.53
CA ASP A 434 -15.82 -3.74 6.50
C ASP A 434 -15.09 -3.79 7.83
N THR A 435 -14.78 -2.63 8.41
CA THR A 435 -14.13 -2.62 9.71
C THR A 435 -15.02 -3.28 10.76
N LEU A 436 -16.34 -3.07 10.68
CA LEU A 436 -17.25 -3.69 11.63
C LEU A 436 -17.38 -5.19 11.39
N MET A 437 -17.41 -5.62 10.13
CA MET A 437 -17.46 -7.05 9.87
C MET A 437 -16.16 -7.74 10.27
N GLY A 438 -15.03 -7.06 10.05
CA GLY A 438 -13.77 -7.60 10.57
C GLY A 438 -13.83 -7.81 12.06
N LEU A 439 -14.37 -6.84 12.79
CA LEU A 439 -14.56 -6.97 14.23
C LEU A 439 -15.29 -8.27 14.56
N ARG A 440 -16.47 -8.46 13.96
CA ARG A 440 -17.26 -9.65 14.25
C ARG A 440 -16.53 -10.92 13.84
N TYR A 441 -15.78 -10.87 12.74
CA TYR A 441 -14.95 -12.00 12.35
C TYR A 441 -13.98 -12.36 13.47
N CYS A 442 -13.34 -11.35 14.07
CA CYS A 442 -12.32 -11.62 15.08
C CYS A 442 -12.96 -12.05 16.40
N LYS A 443 -14.14 -11.54 16.73
CA LYS A 443 -14.82 -12.01 17.94
C LYS A 443 -15.20 -13.48 17.83
N GLU A 444 -15.64 -13.90 16.65
CA GLU A 444 -16.02 -15.30 16.47
C GLU A 444 -14.84 -16.23 16.76
N ARG A 445 -13.63 -15.79 16.45
CA ARG A 445 -12.45 -16.63 16.64
C ARG A 445 -11.80 -16.45 18.00
N GLY A 446 -12.40 -15.67 18.89
CA GLY A 446 -11.96 -15.58 20.25
C GLY A 446 -10.88 -14.56 20.53
N ALA A 447 -10.60 -13.67 19.58
CA ALA A 447 -9.56 -12.67 19.77
C ALA A 447 -10.04 -11.57 20.69
N LEU A 448 -9.08 -10.94 21.37
CA LEU A 448 -9.35 -9.76 22.19
C LEU A 448 -9.46 -8.54 21.29
N THR A 449 -10.59 -7.85 21.36
CA THR A 449 -10.91 -6.77 20.43
C THR A 449 -10.91 -5.42 21.14
N VAL A 450 -10.35 -4.41 20.47
CA VAL A 450 -10.20 -3.08 21.02
C VAL A 450 -10.66 -2.07 19.96
N GLY A 451 -11.52 -1.15 20.36
CA GLY A 451 -12.02 -0.13 19.46
C GLY A 451 -11.33 1.20 19.69
N ILE A 452 -10.84 1.79 18.60
CA ILE A 452 -10.30 3.14 18.61
C ILE A 452 -11.24 3.97 17.74
N THR A 453 -12.14 4.70 18.39
CA THR A 453 -13.24 5.35 17.69
C THR A 453 -13.36 6.80 18.11
N ASN A 454 -14.22 7.53 17.40
CA ASN A 454 -14.45 8.94 17.66
C ASN A 454 -15.95 9.25 17.74
N THR A 455 -16.79 8.24 17.99
CA THR A 455 -18.24 8.43 18.01
C THR A 455 -18.83 7.58 19.12
N VAL A 456 -19.28 8.26 20.20
CA VAL A 456 -19.94 7.55 21.28
C VAL A 456 -21.16 6.83 20.73
N GLY A 457 -21.41 5.64 21.27
CA GLY A 457 -22.55 4.83 20.88
C GLY A 457 -22.37 4.06 19.60
N SER A 458 -21.28 4.28 18.84
CA SER A 458 -21.13 3.62 17.55
C SER A 458 -20.98 2.11 17.73
N SER A 459 -21.17 1.38 16.63
CA SER A 459 -21.19 -0.07 16.69
C SER A 459 -19.84 -0.63 17.12
N ILE A 460 -18.75 -0.08 16.59
CA ILE A 460 -17.43 -0.60 16.91
C ILE A 460 -17.06 -0.30 18.36
N SER A 461 -17.51 0.83 18.90
CA SER A 461 -17.21 1.11 20.30
C SER A 461 -17.93 0.17 21.25
N ARG A 462 -19.13 -0.29 20.86
CA ARG A 462 -19.91 -1.18 21.72
C ARG A 462 -19.44 -2.62 21.63
N GLU A 463 -19.25 -3.12 20.42
CA GLU A 463 -19.00 -4.55 20.22
C GLU A 463 -17.56 -4.96 20.52
N THR A 464 -16.65 -4.02 20.72
CA THR A 464 -15.31 -4.36 21.16
C THR A 464 -15.30 -4.62 22.66
N ASP A 465 -14.37 -5.48 23.09
CA ASP A 465 -14.25 -5.76 24.52
C ASP A 465 -13.96 -4.49 25.30
N CYS A 466 -13.07 -3.65 24.78
CA CYS A 466 -12.77 -2.36 25.37
C CYS A 466 -12.36 -1.42 24.24
N GLY A 467 -12.08 -0.17 24.58
CA GLY A 467 -11.74 0.77 23.53
C GLY A 467 -11.33 2.11 24.10
N VAL A 468 -10.99 3.01 23.18
CA VAL A 468 -10.58 4.36 23.50
C VAL A 468 -11.34 5.30 22.58
N HIS A 469 -11.98 6.31 23.16
CA HIS A 469 -12.58 7.39 22.40
C HIS A 469 -11.52 8.46 22.20
N ILE A 470 -11.13 8.68 20.94
CA ILE A 470 -9.99 9.56 20.68
C ILE A 470 -10.30 11.00 21.04
N ASN A 471 -11.57 11.34 21.20
CA ASN A 471 -12.00 12.64 21.72
C ASN A 471 -11.40 13.80 20.92
N ALA A 472 -11.52 13.70 19.60
CA ALA A 472 -11.10 14.76 18.69
C ALA A 472 -12.21 15.74 18.39
N GLY A 473 -13.41 15.54 18.95
CA GLY A 473 -14.56 16.32 18.59
C GLY A 473 -15.15 15.80 17.30
N PRO A 474 -16.39 16.16 17.00
CA PRO A 474 -17.02 15.70 15.76
C PRO A 474 -16.22 16.15 14.54
N GLU A 475 -16.06 15.23 13.59
CA GLU A 475 -15.42 15.55 12.32
C GLU A 475 -16.51 15.75 11.28
N ILE A 476 -16.76 17.00 10.92
CA ILE A 476 -17.81 17.33 9.96
C ILE A 476 -17.31 17.39 8.52
N GLY A 477 -16.02 17.63 8.32
CA GLY A 477 -15.48 17.69 6.97
C GLY A 477 -15.53 16.35 6.26
N VAL A 478 -15.44 16.41 4.93
CA VAL A 478 -15.56 15.21 4.12
C VAL A 478 -14.34 14.30 4.29
N ALA A 479 -13.16 14.89 4.49
CA ALA A 479 -11.93 14.14 4.62
C ALA A 479 -11.47 14.11 6.07
N SER A 480 -10.79 13.03 6.44
CA SER A 480 -10.28 12.88 7.79
C SER A 480 -9.02 13.73 7.94
N THR A 481 -9.06 14.69 8.86
CA THR A 481 -7.89 15.49 9.19
C THR A 481 -7.53 15.30 10.65
N LYS A 482 -8.30 15.87 11.58
CA LYS A 482 -8.00 15.73 12.99
C LYS A 482 -8.18 14.30 13.48
N ALA A 483 -9.06 13.53 12.84
CA ALA A 483 -9.24 12.14 13.23
C ALA A 483 -7.95 11.35 13.02
N TYR A 484 -7.28 11.58 11.89
CA TYR A 484 -6.00 10.92 11.65
C TYR A 484 -4.99 11.25 12.75
N THR A 485 -4.80 12.53 13.03
CA THR A 485 -3.81 12.93 14.02
C THR A 485 -4.19 12.49 15.42
N SER A 486 -5.49 12.45 15.74
CA SER A 486 -5.89 11.99 17.07
C SER A 486 -5.77 10.48 17.21
N GLN A 487 -6.09 9.73 16.15
CA GLN A 487 -5.83 8.29 16.15
C GLN A 487 -4.35 8.02 16.35
N PHE A 488 -3.52 8.71 15.57
CA PHE A 488 -2.07 8.66 15.72
C PHE A 488 -1.68 8.80 17.18
N VAL A 489 -2.08 9.90 17.82
CA VAL A 489 -1.69 10.14 19.21
C VAL A 489 -2.26 9.05 20.12
N SER A 490 -3.47 8.57 19.84
CA SER A 490 -4.06 7.53 20.68
C SER A 490 -3.22 6.26 20.67
N LEU A 491 -2.80 5.81 19.48
CA LEU A 491 -2.01 4.59 19.39
C LEU A 491 -0.66 4.76 20.08
N VAL A 492 -0.07 5.95 19.99
CA VAL A 492 1.17 6.21 20.71
C VAL A 492 0.95 6.09 22.20
N MET A 493 -0.13 6.70 22.71
CA MET A 493 -0.44 6.59 24.13
C MET A 493 -0.58 5.13 24.54
N PHE A 494 -1.18 4.29 23.68
CA PHE A 494 -1.30 2.88 24.00
C PHE A 494 0.08 2.22 24.04
N ALA A 495 0.92 2.49 23.05
CA ALA A 495 2.27 1.98 23.07
C ALA A 495 2.98 2.37 24.37
N LEU A 496 2.78 3.61 24.83
CA LEU A 496 3.42 4.05 26.07
C LEU A 496 2.90 3.29 27.27
N MET A 497 1.63 2.88 27.25
CA MET A 497 1.12 2.05 28.35
C MET A 497 1.77 0.68 28.36
N MET A 498 2.08 0.14 27.19
CA MET A 498 2.54 -1.24 27.10
C MET A 498 3.97 -1.44 27.57
N CYS A 499 4.75 -0.37 27.73
CA CYS A 499 6.15 -0.50 28.14
C CYS A 499 6.45 0.25 29.43
N ASP A 500 5.43 0.60 30.21
CA ASP A 500 5.65 1.38 31.41
C ASP A 500 6.37 0.62 32.52
N ASP A 501 6.58 -0.70 32.38
CA ASP A 501 7.24 -1.49 33.40
C ASP A 501 8.65 -1.92 32.98
N ARG A 502 9.18 -1.37 31.88
CA ARG A 502 10.48 -1.73 31.35
C ARG A 502 11.50 -0.66 31.74
N ILE A 503 12.45 -1.02 32.60
CA ILE A 503 13.47 -0.07 33.01
C ILE A 503 14.23 0.47 31.79
N SER A 504 14.65 -0.43 30.90
CA SER A 504 15.46 -0.05 29.76
C SER A 504 14.75 0.91 28.82
N MET A 505 13.44 1.09 28.95
CA MET A 505 12.69 1.96 28.04
C MET A 505 12.22 3.25 28.70
N GLN A 506 12.58 3.49 29.96
CA GLN A 506 12.13 4.71 30.64
C GLN A 506 12.57 5.97 29.90
N GLU A 507 13.82 6.01 29.42
CA GLU A 507 14.30 7.19 28.70
C GLU A 507 13.51 7.41 27.42
N ARG A 508 13.27 6.35 26.66
CA ARG A 508 12.52 6.50 25.41
C ARG A 508 11.10 6.99 25.68
N ARG A 509 10.44 6.46 26.71
CA ARG A 509 9.10 6.93 27.05
C ARG A 509 9.13 8.42 27.38
N LYS A 510 10.07 8.82 28.23
CA LYS A 510 10.23 10.24 28.57
C LYS A 510 10.40 11.09 27.31
N GLU A 511 11.27 10.66 26.40
CA GLU A 511 11.49 11.43 25.18
C GLU A 511 10.20 11.58 24.39
N ILE A 512 9.47 10.48 24.20
CA ILE A 512 8.23 10.54 23.43
C ILE A 512 7.22 11.46 24.12
N MET A 513 7.14 11.37 25.46
CA MET A 513 6.11 12.11 26.17
C MET A 513 6.41 13.60 26.20
N LEU A 514 7.67 13.99 26.36
CA LEU A 514 8.02 15.39 26.17
C LEU A 514 7.74 15.84 24.75
N GLY A 515 7.73 14.91 23.80
CA GLY A 515 7.32 15.27 22.44
C GLY A 515 5.83 15.56 22.38
N LEU A 516 5.03 14.74 23.05
CA LEU A 516 3.59 15.00 23.11
C LEU A 516 3.31 16.31 23.84
N LYS A 517 4.09 16.61 24.87
CA LYS A 517 3.93 17.87 25.58
C LYS A 517 4.11 19.05 24.64
N ARG A 518 5.15 19.01 23.80
CA ARG A 518 5.47 20.10 22.89
C ARG A 518 4.66 20.07 21.61
N LEU A 519 3.96 18.96 21.34
CA LEU A 519 3.33 18.78 20.04
C LEU A 519 2.34 19.89 19.70
N PRO A 520 1.44 20.30 20.60
CA PRO A 520 0.47 21.33 20.21
C PRO A 520 1.11 22.62 19.72
N ASP A 521 2.22 23.02 20.33
CA ASP A 521 2.91 24.23 19.87
C ASP A 521 3.66 23.99 18.56
N LEU A 522 4.17 22.77 18.33
CA LEU A 522 4.79 22.47 17.05
C LEU A 522 3.75 22.50 15.92
N ILE A 523 2.55 21.98 16.17
CA ILE A 523 1.50 22.06 15.16
C ILE A 523 1.22 23.52 14.81
N LYS A 524 1.04 24.37 15.82
CA LYS A 524 0.85 25.79 15.57
C LYS A 524 1.99 26.36 14.72
N GLU A 525 3.22 25.91 14.98
CA GLU A 525 4.34 26.37 14.19
C GLU A 525 4.18 25.98 12.72
N VAL A 526 3.75 24.74 12.46
CA VAL A 526 3.52 24.29 11.10
C VAL A 526 2.42 25.13 10.45
N LEU A 527 1.33 25.36 11.18
CA LEU A 527 0.22 26.13 10.62
C LEU A 527 0.63 27.55 10.28
N SER A 528 1.66 28.07 10.95
CA SER A 528 2.13 29.41 10.63
C SER A 528 2.87 29.46 9.29
N MET A 529 3.15 28.30 8.68
CA MET A 529 3.73 28.24 7.35
C MET A 529 2.67 28.09 6.27
N ASP A 530 1.41 28.41 6.58
CA ASP A 530 0.34 28.28 5.59
C ASP A 530 0.66 29.08 4.34
N ASP A 531 1.27 30.25 4.48
CA ASP A 531 1.58 31.07 3.32
C ASP A 531 2.53 30.34 2.38
N GLU A 532 3.48 29.58 2.93
CA GLU A 532 4.40 28.81 2.08
C GLU A 532 3.69 27.67 1.37
N ILE A 533 2.61 27.14 1.96
CA ILE A 533 1.87 26.06 1.31
C ILE A 533 1.04 26.60 0.16
N GLN A 534 0.44 27.78 0.34
CA GLN A 534 -0.29 28.41 -0.75
C GLN A 534 0.60 28.63 -1.96
N LYS A 535 1.81 29.16 -1.72
CA LYS A 535 2.76 29.33 -2.81
C LYS A 535 3.01 28.00 -3.53
N LEU A 536 3.19 26.91 -2.77
CA LEU A 536 3.36 25.61 -3.41
C LEU A 536 2.11 25.21 -4.17
N ALA A 537 0.93 25.57 -3.66
CA ALA A 537 -0.31 25.19 -4.34
C ALA A 537 -0.43 25.88 -5.69
N THR A 538 0.00 27.13 -5.80
CA THR A 538 -0.08 27.82 -7.09
C THR A 538 0.91 27.22 -8.10
N GLU A 539 1.99 26.59 -7.63
CA GLU A 539 2.94 25.97 -8.54
C GLU A 539 2.43 24.64 -9.06
N LEU A 540 1.61 23.96 -8.29
CA LEU A 540 0.96 22.72 -8.73
C LEU A 540 -0.42 22.96 -9.32
N TYR A 541 -0.88 24.21 -9.35
CA TYR A 541 -2.24 24.52 -9.79
C TYR A 541 -2.60 23.77 -11.06
N HIS A 542 -1.72 23.85 -12.07
CA HIS A 542 -1.98 23.30 -13.40
C HIS A 542 -1.52 21.85 -13.57
N GLN A 543 -0.91 21.25 -12.55
CA GLN A 543 -0.33 19.92 -12.70
C GLN A 543 -1.40 18.85 -12.56
N LYS A 544 -1.22 17.76 -13.31
CA LYS A 544 -2.17 16.65 -13.30
C LYS A 544 -1.73 15.49 -12.43
N SER A 545 -0.45 15.39 -12.08
CA SER A 545 0.03 14.36 -11.17
C SER A 545 1.03 14.96 -10.21
N VAL A 546 1.26 14.23 -9.12
CA VAL A 546 2.34 14.54 -8.18
C VAL A 546 2.68 13.26 -7.42
N LEU A 547 3.97 12.95 -7.33
CA LEU A 547 4.45 11.79 -6.58
C LEU A 547 4.95 12.27 -5.22
N ILE A 548 4.49 11.61 -4.16
CA ILE A 548 4.88 11.92 -2.79
C ILE A 548 5.68 10.75 -2.27
N MET A 549 6.94 11.00 -1.89
CA MET A 549 7.89 9.95 -1.54
C MET A 549 8.30 10.06 -0.08
N GLY A 550 8.25 8.94 0.62
CA GLY A 550 8.73 8.86 2.00
C GLY A 550 8.99 7.42 2.36
N ARG A 551 9.68 7.24 3.49
CA ARG A 551 9.92 5.90 4.00
C ARG A 551 9.89 5.93 5.52
N GLY A 552 9.89 4.74 6.12
CA GLY A 552 9.92 4.64 7.56
C GLY A 552 8.70 5.32 8.14
N TYR A 553 8.94 6.16 9.16
CA TYR A 553 7.84 6.85 9.84
C TYR A 553 6.97 7.63 8.88
N HIS A 554 7.47 7.99 7.70
CA HIS A 554 6.74 8.87 6.78
C HIS A 554 6.20 8.13 5.57
N TYR A 555 6.30 6.80 5.54
CA TYR A 555 5.53 6.04 4.58
C TYR A 555 4.04 6.37 4.70
N ALA A 556 3.51 6.31 5.92
CA ALA A 556 2.11 6.69 6.14
C ALA A 556 1.85 8.12 5.70
N THR A 557 2.81 9.01 5.95
CA THR A 557 2.62 10.42 5.61
C THR A 557 2.42 10.59 4.11
N CYS A 558 3.21 9.88 3.30
CA CYS A 558 3.08 10.05 1.85
C CYS A 558 1.83 9.34 1.34
N LEU A 559 1.42 8.24 1.98
CA LEU A 559 0.17 7.59 1.58
C LEU A 559 -1.04 8.46 1.94
N GLU A 560 -1.02 9.08 3.12
CA GLU A 560 -2.16 9.88 3.56
C GLU A 560 -2.26 11.18 2.75
N GLY A 561 -1.12 11.85 2.52
CA GLY A 561 -1.14 13.03 1.68
C GLY A 561 -1.66 12.73 0.29
N ALA A 562 -1.21 11.62 -0.30
CA ALA A 562 -1.69 11.28 -1.64
C ALA A 562 -3.20 11.04 -1.64
N LEU A 563 -3.71 10.44 -0.58
CA LEU A 563 -5.16 10.22 -0.51
C LEU A 563 -5.90 11.54 -0.40
N LYS A 564 -5.42 12.43 0.48
CA LYS A 564 -6.07 13.73 0.63
C LYS A 564 -6.15 14.46 -0.71
N ILE A 565 -5.05 14.48 -1.45
CA ILE A 565 -5.02 15.23 -2.71
C ILE A 565 -5.90 14.54 -3.75
N LYS A 566 -5.99 13.22 -3.72
CA LYS A 566 -6.96 12.54 -4.58
C LYS A 566 -8.38 12.94 -4.21
N GLU A 567 -8.71 12.89 -2.92
CA GLU A 567 -10.10 13.01 -2.48
C GLU A 567 -10.60 14.44 -2.55
N ILE A 568 -9.74 15.41 -2.27
CA ILE A 568 -10.14 16.81 -2.15
C ILE A 568 -9.83 17.59 -3.42
N THR A 569 -8.69 17.30 -4.05
CA THR A 569 -8.24 18.05 -5.21
C THR A 569 -8.62 17.40 -6.54
N TYR A 570 -8.86 16.09 -6.54
CA TYR A 570 -9.20 15.37 -7.77
C TYR A 570 -8.04 15.30 -8.76
N MET A 571 -6.80 15.34 -8.27
CA MET A 571 -5.64 15.11 -9.13
C MET A 571 -4.93 13.83 -8.71
N HIS A 572 -4.16 13.28 -9.65
CA HIS A 572 -3.57 11.97 -9.45
C HIS A 572 -2.30 12.10 -8.62
N SER A 573 -2.47 12.11 -7.31
CA SER A 573 -1.35 12.04 -6.37
C SER A 573 -1.17 10.61 -5.92
N GLU A 574 0.10 10.19 -5.78
CA GLU A 574 0.41 8.81 -5.44
C GLU A 574 1.57 8.78 -4.46
N GLY A 575 1.41 8.04 -3.37
CA GLY A 575 2.47 7.85 -2.40
C GLY A 575 3.34 6.68 -2.79
N ILE A 576 4.66 6.91 -2.77
CA ILE A 576 5.63 5.92 -3.22
C ILE A 576 6.64 5.69 -2.10
N LEU A 577 6.77 4.45 -1.68
CA LEU A 577 7.78 4.10 -0.69
C LEU A 577 9.16 4.35 -1.27
N ALA A 578 9.94 5.21 -0.60
CA ALA A 578 11.21 5.67 -1.16
C ALA A 578 12.10 4.49 -1.53
N GLY A 579 12.16 3.46 -0.67
CA GLY A 579 13.00 2.31 -0.92
C GLY A 579 12.63 1.51 -2.14
N GLU A 580 11.46 1.77 -2.74
CA GLU A 580 11.00 1.04 -3.90
C GLU A 580 11.32 1.73 -5.22
N LEU A 581 11.88 2.94 -5.17
CA LEU A 581 12.13 3.71 -6.39
C LEU A 581 12.93 2.91 -7.41
N LYS A 582 14.12 2.45 -7.03
CA LYS A 582 15.01 1.77 -7.96
C LYS A 582 14.42 0.47 -8.48
N HIS A 583 13.29 0.01 -7.94
CA HIS A 583 12.66 -1.23 -8.38
C HIS A 583 11.60 -1.00 -9.46
N GLY A 584 11.49 0.22 -10.00
CA GLY A 584 10.60 0.46 -11.12
C GLY A 584 10.05 1.87 -11.18
N PRO A 585 9.41 2.32 -10.10
CA PRO A 585 8.70 3.61 -10.14
C PRO A 585 9.58 4.79 -10.48
N LEU A 586 10.89 4.71 -10.24
CA LEU A 586 11.76 5.84 -10.54
C LEU A 586 11.71 6.24 -12.01
N ALA A 587 11.19 5.37 -12.87
CA ALA A 587 11.10 5.69 -14.29
C ALA A 587 10.18 6.87 -14.58
N LEU A 588 9.28 7.20 -13.65
CA LEU A 588 8.38 8.34 -13.85
C LEU A 588 9.07 9.68 -13.62
N VAL A 589 10.22 9.70 -12.98
CA VAL A 589 10.89 10.96 -12.64
C VAL A 589 11.53 11.53 -13.91
N ASP A 590 11.13 12.75 -14.27
CA ASP A 590 11.79 13.54 -15.29
C ASP A 590 11.61 15.00 -14.92
N LYS A 591 12.02 15.91 -15.81
CA LYS A 591 11.95 17.34 -15.51
C LYS A 591 10.52 17.84 -15.36
N LEU A 592 9.52 17.06 -15.73
CA LEU A 592 8.13 17.51 -15.73
C LEU A 592 7.29 16.94 -14.60
N MET A 593 7.64 15.78 -14.06
CA MET A 593 6.78 15.14 -13.08
C MET A 593 6.94 15.81 -11.72
N PRO A 594 5.90 16.43 -11.16
CA PRO A 594 6.03 16.99 -9.80
C PRO A 594 6.31 15.89 -8.79
N VAL A 595 7.18 16.20 -7.83
CA VAL A 595 7.60 15.25 -6.80
C VAL A 595 7.69 15.98 -5.46
N ILE A 596 7.14 15.36 -4.42
CA ILE A 596 7.27 15.84 -3.05
C ILE A 596 7.95 14.73 -2.25
N MET A 597 9.05 15.08 -1.56
CA MET A 597 9.82 14.12 -0.79
C MET A 597 9.85 14.54 0.67
N ILE A 598 9.56 13.60 1.55
CA ILE A 598 9.59 13.83 2.99
C ILE A 598 10.90 13.27 3.52
N ILE A 599 11.76 14.14 4.01
CA ILE A 599 13.12 13.80 4.42
C ILE A 599 13.31 14.36 5.83
N MET A 600 13.28 13.50 6.82
CA MET A 600 13.40 13.93 8.20
C MET A 600 14.70 13.41 8.81
N ARG A 601 15.08 14.02 9.93
CA ARG A 601 16.34 13.71 10.60
C ARG A 601 16.11 12.62 11.64
N ASP A 602 15.90 11.41 11.13
CA ASP A 602 15.83 10.20 11.96
C ASP A 602 16.84 9.21 11.39
N HIS A 603 16.67 7.93 11.73
CA HIS A 603 17.64 6.92 11.31
C HIS A 603 17.62 6.65 9.82
N THR A 604 16.52 6.94 9.13
CA THR A 604 16.43 6.77 7.69
C THR A 604 16.93 7.98 6.92
N TYR A 605 17.59 8.92 7.58
CA TYR A 605 17.96 10.18 6.94
C TYR A 605 18.93 9.97 5.79
N ALA A 606 20.00 9.22 6.03
CA ALA A 606 20.98 8.97 4.98
C ALA A 606 20.34 8.27 3.79
N LYS A 607 19.44 7.31 4.05
CA LYS A 607 18.76 6.63 2.96
C LYS A 607 17.94 7.62 2.13
N CYS A 608 17.19 8.50 2.79
CA CYS A 608 16.37 9.46 2.06
C CYS A 608 17.24 10.42 1.25
N GLN A 609 18.40 10.80 1.80
CA GLN A 609 19.36 11.58 1.03
C GLN A 609 19.75 10.84 -0.25
N ASN A 610 19.85 9.52 -0.17
CA ASN A 610 20.14 8.71 -1.36
C ASN A 610 19.00 8.82 -2.38
N ALA A 611 17.77 8.58 -1.92
CA ALA A 611 16.62 8.72 -2.81
C ALA A 611 16.59 10.10 -3.46
N LEU A 612 16.89 11.15 -2.68
CA LEU A 612 16.93 12.48 -3.23
C LEU A 612 17.96 12.60 -4.34
N GLN A 613 19.15 12.02 -4.13
CA GLN A 613 20.17 12.03 -5.18
C GLN A 613 19.74 11.25 -6.40
N GLN A 614 18.89 10.24 -6.22
CA GLN A 614 18.39 9.48 -7.35
C GLN A 614 17.38 10.28 -8.16
N VAL A 615 16.49 11.01 -7.47
CA VAL A 615 15.50 11.82 -8.17
C VAL A 615 16.18 12.94 -8.96
N VAL A 616 17.05 13.70 -8.29
CA VAL A 616 17.73 14.81 -8.95
C VAL A 616 18.59 14.31 -10.11
N ALA A 617 19.17 13.11 -9.97
CA ALA A 617 19.99 12.57 -11.04
C ALA A 617 19.19 12.37 -12.31
N ARG A 618 17.88 12.12 -12.19
CA ARG A 618 17.00 11.91 -13.34
C ARG A 618 16.22 13.17 -13.67
N GLN A 619 16.84 14.33 -13.53
CA GLN A 619 16.25 15.63 -13.88
C GLN A 619 15.04 15.98 -13.03
N GLY A 620 14.89 15.37 -11.86
CA GLY A 620 13.81 15.72 -10.95
C GLY A 620 14.09 17.00 -10.18
N ARG A 621 13.06 17.83 -10.04
CA ARG A 621 13.13 19.10 -9.33
C ARG A 621 12.14 19.07 -8.17
N PRO A 622 12.43 18.30 -7.12
CA PRO A 622 11.42 18.02 -6.11
C PRO A 622 11.30 19.08 -5.03
N VAL A 623 10.10 19.15 -4.46
CA VAL A 623 9.83 19.90 -3.24
C VAL A 623 10.08 18.98 -2.06
N VAL A 624 10.76 19.51 -1.03
CA VAL A 624 11.21 18.70 0.09
C VAL A 624 10.58 19.25 1.36
N ILE A 625 9.84 18.38 2.06
CA ILE A 625 9.36 18.65 3.41
C ILE A 625 10.41 18.05 4.35
N CYS A 626 11.29 18.89 4.87
CA CYS A 626 12.41 18.41 5.65
C CYS A 626 12.33 18.89 7.10
N ASP A 627 13.14 18.24 7.93
CA ASP A 627 13.14 18.49 9.36
C ASP A 627 13.72 19.88 9.64
N LYS A 628 13.67 20.27 10.91
CA LYS A 628 14.14 21.59 11.32
C LYS A 628 15.60 21.77 10.93
N GLU A 629 15.87 22.79 10.11
CA GLU A 629 17.23 23.15 9.71
C GLU A 629 18.00 21.93 9.21
N ASP A 630 17.59 21.47 8.03
CA ASP A 630 18.23 20.34 7.38
C ASP A 630 19.61 20.74 6.84
N THR A 637 16.09 20.65 -2.99
CA THR A 637 16.69 21.23 -4.19
C THR A 637 15.89 22.45 -4.62
N LYS A 638 14.61 22.25 -4.89
CA LYS A 638 13.71 23.34 -5.26
C LYS A 638 13.25 24.05 -3.99
N ARG A 639 11.93 24.13 -3.78
CA ARG A 639 11.41 24.71 -2.55
C ARG A 639 11.42 23.68 -1.44
N THR A 640 11.67 24.13 -0.22
CA THR A 640 11.67 23.27 0.95
C THR A 640 10.67 23.80 1.96
N ILE A 641 9.82 22.92 2.46
CA ILE A 641 8.92 23.22 3.58
C ILE A 641 9.60 22.69 4.83
N LYS A 642 9.97 23.58 5.74
CA LYS A 642 10.75 23.24 6.92
C LYS A 642 9.80 23.15 8.12
N VAL A 643 9.50 21.93 8.56
CA VAL A 643 8.67 21.73 9.74
C VAL A 643 9.60 21.65 10.95
N PRO A 644 9.10 21.88 12.16
CA PRO A 644 9.98 21.78 13.34
C PRO A 644 10.32 20.33 13.66
N HIS A 645 11.46 20.18 14.33
CA HIS A 645 11.96 18.87 14.71
C HIS A 645 11.26 18.37 15.98
N SER A 646 10.86 17.10 15.95
CA SER A 646 10.21 16.46 17.08
C SER A 646 10.76 15.05 17.20
N VAL A 647 10.21 14.29 18.15
CA VAL A 647 10.59 12.89 18.29
C VAL A 647 10.28 12.18 16.98
N ASP A 648 11.14 11.23 16.62
CA ASP A 648 11.02 10.55 15.33
C ASP A 648 9.64 9.90 15.17
N CYS A 649 9.12 9.26 16.22
CA CYS A 649 7.84 8.57 16.11
C CYS A 649 6.64 9.49 16.21
N LEU A 650 6.86 10.81 16.29
CA LEU A 650 5.77 11.78 16.24
C LEU A 650 5.84 12.71 15.04
N GLN A 651 6.96 12.72 14.30
CA GLN A 651 7.10 13.63 13.17
C GLN A 651 5.97 13.48 12.16
N GLY A 652 5.44 12.26 12.01
CA GLY A 652 4.36 12.05 11.06
C GLY A 652 3.21 13.03 11.23
N ILE A 653 2.92 13.41 12.47
CA ILE A 653 1.82 14.34 12.72
C ILE A 653 2.13 15.70 12.11
N LEU A 654 3.38 16.15 12.25
CA LEU A 654 3.75 17.45 11.72
C LEU A 654 3.89 17.43 10.20
N SER A 655 4.43 16.34 9.65
CA SER A 655 4.73 16.27 8.22
C SER A 655 3.49 16.06 7.36
N VAL A 656 2.40 15.55 7.93
CA VAL A 656 1.19 15.34 7.15
C VAL A 656 0.40 16.63 7.02
N ILE A 657 0.56 17.57 7.96
CA ILE A 657 -0.27 18.78 7.96
C ILE A 657 -0.01 19.62 6.72
N PRO A 658 1.23 19.86 6.29
CA PRO A 658 1.43 20.60 5.03
C PRO A 658 0.74 19.95 3.84
N LEU A 659 0.59 18.62 3.87
CA LEU A 659 -0.11 17.93 2.79
C LEU A 659 -1.61 18.12 2.92
N GLN A 660 -2.14 18.14 4.14
CA GLN A 660 -3.53 18.49 4.36
C GLN A 660 -3.83 19.87 3.78
N LEU A 661 -3.02 20.87 4.16
CA LEU A 661 -3.22 22.23 3.68
C LEU A 661 -3.04 22.32 2.16
N LEU A 662 -2.11 21.55 1.62
CA LEU A 662 -1.87 21.62 0.18
C LEU A 662 -3.10 21.19 -0.59
N ALA A 663 -3.69 20.05 -0.22
CA ALA A 663 -4.93 19.62 -0.84
C ALA A 663 -6.00 20.69 -0.70
N PHE A 664 -6.15 21.23 0.51
CA PHE A 664 -7.13 22.28 0.75
C PHE A 664 -6.92 23.45 -0.21
N HIS A 665 -5.69 23.98 -0.27
CA HIS A 665 -5.46 25.19 -1.06
C HIS A 665 -5.57 24.91 -2.55
N LEU A 666 -5.08 23.76 -3.01
CA LEU A 666 -5.24 23.41 -4.42
C LEU A 666 -6.71 23.38 -4.80
N ALA A 667 -7.53 22.68 -4.01
CA ALA A 667 -8.95 22.62 -4.30
C ALA A 667 -9.57 24.01 -4.37
N VAL A 668 -9.22 24.88 -3.42
CA VAL A 668 -9.74 26.24 -3.42
C VAL A 668 -9.34 26.98 -4.70
N LEU A 669 -8.08 26.82 -5.12
CA LEU A 669 -7.64 27.52 -6.33
C LEU A 669 -8.43 27.09 -7.56
N ARG A 670 -8.81 25.81 -7.62
CA ARG A 670 -9.53 25.27 -8.77
C ARG A 670 -11.03 25.42 -8.67
N GLY A 671 -11.53 26.18 -7.70
CA GLY A 671 -12.94 26.49 -7.61
C GLY A 671 -13.80 25.42 -6.95
N TYR A 672 -13.19 24.43 -6.32
CA TYR A 672 -13.94 23.34 -5.72
C TYR A 672 -14.41 23.72 -4.32
N ASP A 673 -15.54 23.15 -3.92
CA ASP A 673 -16.04 23.25 -2.55
C ASP A 673 -15.47 22.08 -1.75
N VAL A 674 -14.54 22.36 -0.84
CA VAL A 674 -13.88 21.30 -0.08
C VAL A 674 -14.83 20.56 0.84
N ASP A 675 -15.99 21.15 1.16
CA ASP A 675 -16.98 20.49 1.99
C ASP A 675 -18.05 19.77 1.18
N PHE A 676 -17.97 19.81 -0.16
CA PHE A 676 -18.93 19.11 -1.00
C PHE A 676 -18.32 17.79 -1.45
N PRO A 677 -18.83 16.65 -1.02
CA PRO A 677 -18.23 15.36 -1.39
C PRO A 677 -18.52 14.99 -2.84
N ARG A 678 -17.55 14.29 -3.44
CA ARG A 678 -17.68 13.80 -4.81
C ARG A 678 -17.60 12.28 -4.87
N ASN A 679 -17.81 11.59 -3.75
CA ASN A 679 -17.78 10.14 -3.70
C ASN A 679 -19.17 9.55 -3.81
N LEU A 680 -20.03 9.81 -2.84
CA LEU A 680 -21.42 9.39 -2.91
C LEU A 680 -21.55 7.87 -2.96
N CYS B 2 25.49 -2.81 -13.01
CA CYS B 2 26.89 -2.71 -13.38
C CYS B 2 27.45 -4.06 -13.80
N GLY B 3 28.14 -4.10 -14.94
CA GLY B 3 28.70 -5.32 -15.46
C GLY B 3 30.21 -5.21 -15.62
N ILE B 4 30.88 -6.34 -15.44
CA ILE B 4 32.33 -6.44 -15.57
C ILE B 4 32.66 -7.46 -16.65
N PHE B 5 33.65 -7.15 -17.47
CA PHE B 5 34.10 -8.07 -18.51
C PHE B 5 35.51 -7.69 -18.93
N ALA B 6 36.43 -8.66 -18.86
CA ALA B 6 37.80 -8.45 -19.30
C ALA B 6 38.27 -9.68 -20.07
N TYR B 7 39.03 -9.44 -21.13
CA TYR B 7 39.50 -10.49 -22.03
C TYR B 7 41.01 -10.56 -21.96
N LEU B 8 41.53 -11.72 -21.56
CA LEU B 8 42.98 -11.96 -21.43
C LEU B 8 43.33 -13.14 -22.34
N ASN B 9 43.92 -12.86 -23.49
CA ASN B 9 44.38 -13.87 -24.43
C ASN B 9 45.89 -14.02 -24.26
N TYR B 10 46.31 -15.18 -23.77
CA TYR B 10 47.72 -15.46 -23.53
C TYR B 10 48.24 -16.40 -24.61
N HIS B 11 49.17 -15.90 -25.42
CA HIS B 11 49.74 -16.67 -26.53
C HIS B 11 48.65 -17.13 -27.51
N VAL B 12 47.64 -16.29 -27.69
CA VAL B 12 46.60 -16.51 -28.70
C VAL B 12 46.51 -15.24 -29.54
N PRO B 13 47.24 -15.13 -30.65
CA PRO B 13 47.28 -13.85 -31.38
C PRO B 13 45.89 -13.31 -31.72
N ARG B 14 45.58 -12.13 -31.18
CA ARG B 14 44.35 -11.41 -31.49
C ARG B 14 44.71 -9.99 -31.92
N THR B 15 44.22 -9.58 -33.09
CA THR B 15 44.42 -8.21 -33.52
C THR B 15 43.65 -7.26 -32.62
N ARG B 16 43.99 -5.97 -32.72
CA ARG B 16 43.37 -4.97 -31.85
C ARG B 16 41.88 -4.81 -32.11
N ARG B 17 41.39 -5.29 -33.24
CA ARG B 17 39.95 -5.29 -33.50
C ARG B 17 39.26 -6.53 -32.95
N GLU B 18 39.99 -7.65 -32.86
CA GLU B 18 39.39 -8.86 -32.29
C GLU B 18 39.20 -8.74 -30.78
N ILE B 19 40.02 -7.92 -30.12
CA ILE B 19 39.89 -7.76 -28.67
C ILE B 19 38.85 -6.69 -28.34
N LEU B 20 38.81 -5.60 -29.12
CA LEU B 20 37.83 -4.56 -28.89
C LEU B 20 36.42 -5.06 -29.18
N GLU B 21 36.26 -5.84 -30.25
CA GLU B 21 34.96 -6.42 -30.55
C GLU B 21 34.59 -7.55 -29.60
N THR B 22 35.53 -8.01 -28.77
CA THR B 22 35.22 -8.97 -27.72
C THR B 22 34.85 -8.30 -26.40
N LEU B 23 35.47 -7.15 -26.10
CA LEU B 23 35.11 -6.40 -24.90
C LEU B 23 33.69 -5.84 -25.02
N ILE B 24 33.38 -5.22 -26.16
CA ILE B 24 32.03 -4.71 -26.38
C ILE B 24 31.01 -5.85 -26.38
N LYS B 25 31.36 -6.96 -27.02
CA LYS B 25 30.45 -8.11 -27.05
C LYS B 25 30.17 -8.62 -25.65
N GLY B 26 31.16 -8.55 -24.76
CA GLY B 26 30.94 -8.95 -23.38
C GLY B 26 30.13 -7.96 -22.57
N LEU B 27 30.11 -6.69 -22.99
CA LEU B 27 29.29 -5.70 -22.30
C LEU B 27 27.83 -5.78 -22.71
N GLN B 28 27.56 -6.05 -23.99
CA GLN B 28 26.19 -6.24 -24.43
C GLN B 28 25.53 -7.39 -23.69
N ARG B 29 26.31 -8.43 -23.35
CA ARG B 29 25.79 -9.51 -22.52
C ARG B 29 25.48 -9.05 -21.10
N LEU B 30 26.06 -7.93 -20.67
CA LEU B 30 25.84 -7.39 -19.34
C LEU B 30 25.13 -6.05 -19.35
N GLU B 31 24.71 -5.56 -20.52
CA GLU B 31 24.15 -4.23 -20.60
C GLU B 31 22.89 -4.08 -19.74
N TYR B 32 22.11 -5.16 -19.59
CA TYR B 32 20.88 -5.08 -18.82
C TYR B 32 21.13 -4.84 -17.33
N ARG B 33 22.37 -4.94 -16.86
CA ARG B 33 22.71 -4.64 -15.47
C ARG B 33 23.12 -3.19 -15.28
N GLY B 34 23.17 -2.39 -16.34
CA GLY B 34 23.58 -1.00 -16.25
C GLY B 34 23.91 -0.45 -17.62
N TYR B 35 23.14 0.53 -18.08
CA TYR B 35 23.29 1.07 -19.43
C TYR B 35 23.23 2.59 -19.41
N ASP B 36 23.86 3.22 -18.42
CA ASP B 36 23.99 4.66 -18.38
C ASP B 36 25.33 5.15 -18.94
N SER B 37 26.34 4.29 -18.95
CA SER B 37 27.63 4.61 -19.55
C SER B 37 28.38 3.31 -19.78
N ALA B 38 29.53 3.41 -20.43
CA ALA B 38 30.34 2.24 -20.72
C ALA B 38 31.77 2.69 -20.97
N GLY B 39 32.70 1.74 -20.83
CA GLY B 39 34.10 2.03 -21.05
C GLY B 39 34.89 0.76 -21.27
N VAL B 40 36.13 0.95 -21.75
CA VAL B 40 37.04 -0.15 -22.01
C VAL B 40 38.45 0.31 -21.70
N GLY B 41 39.30 -0.64 -21.31
CA GLY B 41 40.70 -0.36 -21.03
C GLY B 41 41.62 -1.37 -21.68
N PHE B 42 42.42 -0.93 -22.65
CA PHE B 42 43.29 -1.81 -23.42
C PHE B 42 44.64 -1.14 -23.59
N ASP B 43 45.54 -1.81 -24.31
CA ASP B 43 46.89 -1.31 -24.56
C ASP B 43 46.93 -0.47 -25.82
N GLY B 44 47.65 0.65 -25.76
CA GLY B 44 47.81 1.55 -26.88
C GLY B 44 49.09 1.28 -27.65
N GLY B 45 49.63 2.34 -28.24
CA GLY B 45 50.85 2.23 -29.02
C GLY B 45 50.65 1.49 -30.31
N ASN B 46 51.36 1.91 -31.37
CA ASN B 46 51.26 1.28 -32.68
C ASN B 46 52.59 0.68 -33.11
N ASP B 47 53.13 -0.23 -32.31
CA ASP B 47 54.38 -0.90 -32.60
C ASP B 47 54.09 -2.34 -33.02
N LYS B 48 54.70 -2.76 -34.12
CA LYS B 48 54.51 -4.13 -34.60
C LYS B 48 54.84 -5.14 -33.51
N ASP B 49 56.00 -4.98 -32.87
CA ASP B 49 56.38 -5.82 -31.74
C ASP B 49 55.46 -5.50 -30.57
N TRP B 50 54.48 -6.39 -30.32
CA TRP B 50 53.50 -6.14 -29.27
C TRP B 50 54.14 -5.96 -27.90
N GLU B 51 55.39 -6.42 -27.72
CA GLU B 51 56.05 -6.28 -26.42
C GLU B 51 56.30 -4.81 -26.07
N ALA B 52 56.47 -3.95 -27.08
CA ALA B 52 56.73 -2.53 -26.85
C ALA B 52 55.45 -1.71 -26.78
N ASN B 53 54.33 -2.32 -26.40
CA ASN B 53 53.06 -1.62 -26.29
C ASN B 53 52.35 -1.82 -24.96
N ALA B 54 52.78 -2.76 -24.13
CA ALA B 54 52.12 -3.02 -22.85
C ALA B 54 52.32 -1.88 -21.85
N CYS B 55 53.24 -0.95 -22.11
CA CYS B 55 53.50 0.16 -21.20
C CYS B 55 52.60 1.36 -21.47
N LYS B 56 51.65 1.25 -22.40
CA LYS B 56 50.80 2.37 -22.79
C LYS B 56 49.35 1.92 -22.72
N ILE B 57 48.63 2.40 -21.71
CA ILE B 57 47.23 2.06 -21.52
C ILE B 57 46.36 3.07 -22.24
N GLN B 58 45.22 2.60 -22.75
CA GLN B 58 44.25 3.43 -23.46
C GLN B 58 42.87 3.22 -22.84
N LEU B 59 42.23 4.31 -22.47
CA LEU B 59 40.88 4.28 -21.92
C LEU B 59 39.91 4.95 -22.88
N ILE B 60 38.83 4.25 -23.21
CA ILE B 60 37.78 4.78 -24.06
C ILE B 60 36.47 4.64 -23.27
N LYS B 61 36.02 5.74 -22.67
CA LYS B 61 34.81 5.77 -21.88
C LYS B 61 33.86 6.82 -22.44
N LYS B 62 32.57 6.48 -22.49
CA LYS B 62 31.59 7.40 -23.04
C LYS B 62 30.25 7.21 -22.33
N LYS B 63 29.44 8.26 -22.38
CA LYS B 63 28.10 8.23 -21.80
C LYS B 63 27.12 7.58 -22.77
N GLY B 64 26.18 6.81 -22.22
CA GLY B 64 25.15 6.15 -22.99
C GLY B 64 25.26 4.64 -22.87
N LYS B 65 24.43 3.95 -23.65
CA LYS B 65 24.44 2.50 -23.68
C LYS B 65 25.77 2.00 -24.24
N VAL B 66 25.88 0.69 -24.43
CA VAL B 66 27.09 0.12 -24.98
C VAL B 66 27.22 0.50 -26.46
N LYS B 67 26.09 0.65 -27.16
CA LYS B 67 26.14 1.04 -28.56
C LYS B 67 26.71 2.44 -28.74
N ALA B 68 26.64 3.28 -27.71
CA ALA B 68 27.31 4.57 -27.76
C ALA B 68 28.82 4.44 -27.57
N LEU B 69 29.28 3.37 -26.93
CA LEU B 69 30.71 3.15 -26.75
C LEU B 69 31.32 2.46 -27.97
N ASP B 70 30.65 1.43 -28.49
CA ASP B 70 31.18 0.71 -29.65
C ASP B 70 31.45 1.66 -30.80
N GLU B 71 30.65 2.72 -30.95
CA GLU B 71 30.88 3.71 -31.98
C GLU B 71 32.00 4.67 -31.61
N GLU B 72 32.22 4.89 -30.32
CA GLU B 72 33.34 5.74 -29.89
C GLU B 72 34.67 5.02 -30.04
N VAL B 73 34.69 3.70 -29.84
CA VAL B 73 35.92 2.93 -30.02
C VAL B 73 36.36 2.99 -31.48
N HIS B 74 35.46 2.66 -32.40
CA HIS B 74 35.77 2.69 -33.82
C HIS B 74 35.85 4.14 -34.32
N LYS B 75 36.13 4.28 -35.60
CA LYS B 75 36.30 5.58 -36.25
C LYS B 75 37.13 6.54 -35.39
N GLN B 76 38.30 6.06 -34.97
CA GLN B 76 39.28 6.88 -34.28
C GLN B 76 40.49 7.09 -35.19
N GLN B 77 41.21 8.18 -34.96
CA GLN B 77 42.31 8.60 -35.81
C GLN B 77 43.68 8.27 -35.22
N ASP B 78 43.74 7.50 -34.13
CA ASP B 78 44.99 7.22 -33.45
C ASP B 78 45.20 5.74 -33.21
N MET B 79 44.12 5.00 -32.96
CA MET B 79 44.20 3.58 -32.63
C MET B 79 44.23 2.77 -33.92
N ASP B 80 45.37 2.13 -34.19
CA ASP B 80 45.51 1.25 -35.35
C ASP B 80 45.00 -0.14 -34.97
N LEU B 81 43.89 -0.54 -35.59
CA LEU B 81 43.23 -1.80 -35.22
C LEU B 81 43.84 -3.00 -35.93
N ASP B 82 45.13 -2.94 -36.25
CA ASP B 82 45.79 -3.99 -37.00
C ASP B 82 47.00 -4.59 -36.29
N ILE B 83 47.32 -4.14 -35.08
CA ILE B 83 48.48 -4.66 -34.36
C ILE B 83 48.15 -6.04 -33.82
N GLU B 84 49.03 -7.00 -34.08
CA GLU B 84 48.85 -8.38 -33.62
C GLU B 84 49.40 -8.50 -32.21
N PHE B 85 48.53 -8.85 -31.26
CA PHE B 85 48.90 -9.02 -29.86
C PHE B 85 48.89 -10.52 -29.53
N ASP B 86 50.07 -11.06 -29.23
CA ASP B 86 50.16 -12.45 -28.77
C ASP B 86 49.79 -12.57 -27.30
N VAL B 87 50.00 -11.51 -26.52
CA VAL B 87 49.59 -11.46 -25.11
C VAL B 87 49.00 -10.08 -24.87
N HIS B 88 47.78 -10.04 -24.31
CA HIS B 88 47.10 -8.78 -24.08
C HIS B 88 46.00 -8.97 -23.05
N LEU B 89 45.70 -7.90 -22.33
CA LEU B 89 44.62 -7.87 -21.35
C LEU B 89 43.80 -6.63 -21.57
N GLY B 90 42.48 -6.80 -21.67
CA GLY B 90 41.57 -5.68 -21.80
C GLY B 90 40.42 -5.77 -20.82
N ILE B 91 40.11 -4.67 -20.14
CA ILE B 91 39.05 -4.63 -19.15
C ILE B 91 37.94 -3.71 -19.64
N ALA B 92 36.70 -4.06 -19.33
CA ALA B 92 35.54 -3.31 -19.77
C ALA B 92 34.54 -3.22 -18.62
N HIS B 93 33.56 -2.32 -18.77
CA HIS B 93 32.58 -2.10 -17.70
C HIS B 93 31.45 -1.18 -18.14
N THR B 94 30.21 -1.59 -17.91
CA THR B 94 29.05 -0.74 -18.06
C THR B 94 28.56 -0.32 -16.67
N ARG B 95 28.12 0.93 -16.55
CA ARG B 95 27.86 1.53 -15.25
C ARG B 95 26.41 1.92 -15.11
N TRP B 96 25.85 1.67 -13.93
CA TRP B 96 24.52 2.16 -13.57
C TRP B 96 24.72 3.38 -12.68
N ALA B 97 24.60 4.57 -13.28
CA ALA B 97 24.85 5.83 -12.57
C ALA B 97 23.63 6.15 -11.71
N THR B 98 23.58 5.52 -10.52
CA THR B 98 22.51 5.81 -9.58
C THR B 98 22.63 7.21 -9.01
N HIS B 99 23.84 7.77 -8.96
CA HIS B 99 24.09 9.11 -8.48
C HIS B 99 24.91 9.88 -9.51
N GLY B 100 24.93 11.20 -9.33
CA GLY B 100 25.70 12.07 -10.22
C GLY B 100 25.37 11.89 -11.68
N GLU B 101 26.18 12.50 -12.55
CA GLU B 101 25.98 12.38 -13.98
C GLU B 101 26.72 11.16 -14.53
N PRO B 102 26.18 10.47 -15.57
CA PRO B 102 26.85 9.35 -16.21
C PRO B 102 27.94 9.79 -17.20
N SER B 103 28.76 10.76 -16.78
CA SER B 103 29.77 11.32 -17.66
C SER B 103 30.90 10.32 -17.86
N PRO B 104 31.73 10.53 -18.90
CA PRO B 104 32.87 9.63 -19.10
C PRO B 104 33.84 9.62 -17.92
N VAL B 105 33.96 10.73 -17.20
CA VAL B 105 34.91 10.81 -16.09
C VAL B 105 34.45 9.94 -14.92
N ASN B 106 33.14 9.75 -14.77
CA ASN B 106 32.60 8.92 -13.71
C ASN B 106 32.48 7.46 -14.08
N SER B 107 32.68 7.11 -15.35
CA SER B 107 32.59 5.73 -15.78
C SER B 107 33.89 4.99 -15.45
N HIS B 108 33.86 3.67 -15.68
CA HIS B 108 35.01 2.81 -15.45
C HIS B 108 35.56 2.32 -16.79
N PRO B 109 36.82 1.86 -16.84
CA PRO B 109 37.79 1.75 -15.74
C PRO B 109 38.34 3.09 -15.24
N GLN B 110 38.42 3.25 -13.92
CA GLN B 110 39.05 4.42 -13.35
C GLN B 110 40.57 4.35 -13.59
N ARG B 111 41.26 5.41 -13.19
CA ARG B 111 42.70 5.48 -13.35
C ARG B 111 43.32 6.07 -12.08
N SER B 112 44.62 5.83 -11.92
CA SER B 112 45.36 6.29 -10.75
C SER B 112 46.21 7.53 -11.01
N ASP B 113 46.39 7.92 -12.28
CA ASP B 113 47.20 9.09 -12.62
C ASP B 113 46.98 9.39 -14.10
N LYS B 114 47.59 10.49 -14.55
CA LYS B 114 47.42 10.94 -15.93
C LYS B 114 48.16 10.06 -16.93
N ASN B 115 48.96 9.10 -16.47
CA ASN B 115 49.63 8.16 -17.36
C ASN B 115 49.03 6.75 -17.28
N ASN B 116 48.00 6.55 -16.47
CA ASN B 116 47.34 5.26 -16.36
C ASN B 116 48.32 4.15 -16.00
N GLU B 117 48.72 4.09 -14.73
CA GLU B 117 49.54 3.00 -14.23
C GLU B 117 48.71 1.89 -13.61
N PHE B 118 47.52 2.22 -13.10
CA PHE B 118 46.63 1.23 -12.51
C PHE B 118 45.19 1.62 -12.84
N ILE B 119 44.50 0.77 -13.59
CA ILE B 119 43.10 0.99 -13.94
C ILE B 119 42.29 -0.17 -13.37
N VAL B 120 41.15 0.16 -12.74
CA VAL B 120 40.33 -0.83 -12.05
C VAL B 120 38.88 -0.62 -12.46
N ILE B 121 38.15 -1.73 -12.63
CA ILE B 121 36.72 -1.73 -12.86
C ILE B 121 36.05 -2.30 -11.62
N HIS B 122 35.15 -1.54 -11.03
CA HIS B 122 34.59 -1.85 -9.71
C HIS B 122 33.07 -1.98 -9.81
N ASN B 123 32.53 -3.02 -9.19
CA ASN B 123 31.08 -3.19 -9.03
C ASN B 123 30.78 -3.24 -7.54
N GLY B 124 30.04 -2.25 -7.05
CA GLY B 124 29.66 -2.17 -5.66
C GLY B 124 29.87 -0.78 -5.14
N ILE B 125 30.04 -0.67 -3.81
CA ILE B 125 30.23 0.60 -3.15
C ILE B 125 31.28 0.43 -2.04
N ILE B 126 32.15 1.41 -1.91
CA ILE B 126 33.12 1.47 -0.81
C ILE B 126 32.54 2.41 0.25
N THR B 127 32.31 1.88 1.45
CA THR B 127 31.64 2.63 2.50
C THR B 127 32.57 3.58 3.25
N ASN B 128 33.81 3.75 2.80
CA ASN B 128 34.75 4.66 3.44
C ASN B 128 35.63 5.37 2.43
N TYR B 129 35.13 5.57 1.20
CA TYR B 129 35.92 6.26 0.19
C TYR B 129 36.20 7.70 0.57
N LYS B 130 35.38 8.30 1.43
CA LYS B 130 35.64 9.66 1.88
C LYS B 130 36.88 9.71 2.78
N ASP B 131 37.03 8.72 3.66
CA ASP B 131 38.23 8.64 4.48
C ASP B 131 39.45 8.33 3.63
N LEU B 132 39.30 7.47 2.62
CA LEU B 132 40.40 7.15 1.72
C LEU B 132 40.74 8.32 0.80
N LYS B 133 39.80 9.23 0.57
CA LYS B 133 40.06 10.37 -0.31
C LYS B 133 40.84 11.47 0.38
N LYS B 134 40.63 11.65 1.69
CA LYS B 134 41.38 12.66 2.44
C LYS B 134 42.80 12.20 2.76
N PHE B 135 43.03 10.89 2.84
CA PHE B 135 44.38 10.39 3.09
C PHE B 135 45.25 10.50 1.84
N LEU B 136 44.70 10.13 0.68
CA LEU B 136 45.48 10.15 -0.56
C LEU B 136 45.74 11.56 -1.03
N GLU B 137 44.83 12.49 -0.75
CA GLU B 137 45.01 13.88 -1.17
C GLU B 137 46.15 14.56 -0.41
N SER B 138 46.53 14.04 0.75
CA SER B 138 47.64 14.62 1.51
C SER B 138 48.99 14.07 1.08
N LYS B 139 49.04 12.85 0.56
CA LYS B 139 50.30 12.24 0.15
C LYS B 139 50.76 12.71 -1.22
N GLY B 140 49.90 13.40 -1.97
CA GLY B 140 50.28 13.91 -3.28
C GLY B 140 49.53 13.26 -4.42
N TYR B 141 48.23 13.05 -4.24
CA TYR B 141 47.37 12.46 -5.25
C TYR B 141 46.20 13.39 -5.52
N ASP B 142 45.95 13.67 -6.80
CA ASP B 142 44.86 14.54 -7.22
C ASP B 142 43.71 13.71 -7.75
N PHE B 143 42.49 14.00 -7.27
CA PHE B 143 41.30 13.29 -7.69
C PHE B 143 40.56 14.07 -8.77
N GLU B 144 39.96 13.34 -9.69
CA GLU B 144 39.23 13.93 -10.81
C GLU B 144 37.74 13.61 -10.81
N SER B 145 37.37 12.36 -10.55
CA SER B 145 35.98 11.93 -10.58
C SER B 145 35.38 11.95 -9.18
N GLU B 146 34.06 11.97 -9.13
CA GLU B 146 33.31 11.98 -7.88
C GLU B 146 32.91 10.59 -7.43
N THR B 147 33.36 9.54 -8.11
CA THR B 147 32.99 8.18 -7.78
C THR B 147 33.86 7.64 -6.64
N ASP B 148 33.40 6.56 -6.04
CA ASP B 148 34.17 5.86 -5.01
C ASP B 148 35.14 4.84 -5.58
N THR B 149 35.09 4.60 -6.89
CA THR B 149 36.03 3.68 -7.51
C THR B 149 37.41 4.30 -7.66
N GLU B 150 37.48 5.63 -7.82
CA GLU B 150 38.77 6.29 -7.97
C GLU B 150 39.63 6.14 -6.71
N THR B 151 39.00 6.01 -5.54
CA THR B 151 39.74 5.75 -4.32
C THR B 151 40.35 4.36 -4.29
N ILE B 152 39.94 3.46 -5.19
CA ILE B 152 40.57 2.16 -5.32
C ILE B 152 41.75 2.23 -6.29
N ALA B 153 41.66 3.07 -7.32
CA ALA B 153 42.77 3.24 -8.26
C ALA B 153 43.89 4.07 -7.64
N LYS B 154 43.54 5.19 -7.01
CA LYS B 154 44.54 6.02 -6.35
C LYS B 154 45.21 5.33 -5.17
N LEU B 155 44.64 4.23 -4.68
CA LEU B 155 45.17 3.52 -3.51
C LEU B 155 46.08 2.36 -3.89
N VAL B 156 45.75 1.62 -4.96
CA VAL B 156 46.65 0.57 -5.42
C VAL B 156 47.97 1.14 -5.88
N LYS B 157 47.99 2.41 -6.30
CA LYS B 157 49.24 3.07 -6.64
C LYS B 157 50.00 3.53 -5.39
N TYR B 158 49.28 3.84 -4.31
CA TYR B 158 49.95 4.24 -3.07
C TYR B 158 50.66 3.06 -2.43
N MET B 159 50.09 1.85 -2.54
CA MET B 159 50.78 0.65 -2.08
C MET B 159 51.95 0.27 -2.99
N TYR B 160 51.90 0.68 -4.25
CA TYR B 160 53.00 0.42 -5.17
C TYR B 160 54.12 1.43 -5.01
N ASP B 161 53.81 2.65 -4.55
CA ASP B 161 54.81 3.67 -4.32
C ASP B 161 55.53 3.51 -2.98
N ASN B 162 55.10 2.56 -2.13
CA ASN B 162 55.71 2.34 -0.83
C ASN B 162 55.89 0.86 -0.54
N ARG B 163 56.17 0.06 -1.57
CA ARG B 163 56.40 -1.37 -1.37
C ARG B 163 57.76 -1.60 -0.73
N GLU B 164 58.01 -2.86 -0.36
CA GLU B 164 59.24 -3.23 0.34
C GLU B 164 60.32 -3.80 -0.58
N SER B 165 59.93 -4.63 -1.55
CA SER B 165 60.86 -5.23 -2.49
C SER B 165 60.59 -4.73 -3.90
N GLN B 166 61.64 -4.73 -4.73
CA GLN B 166 61.50 -4.23 -6.09
C GLN B 166 60.49 -5.03 -6.90
N ASP B 167 60.16 -6.25 -6.48
CA ASP B 167 59.26 -7.13 -7.21
C ASP B 167 58.22 -7.71 -6.25
N THR B 168 57.32 -6.87 -5.77
CA THR B 168 56.18 -7.31 -4.98
C THR B 168 55.04 -7.71 -5.91
N SER B 169 54.52 -8.92 -5.73
CA SER B 169 53.50 -9.44 -6.63
C SER B 169 52.30 -8.50 -6.70
N PHE B 170 51.62 -8.54 -7.85
CA PHE B 170 50.39 -7.76 -8.01
C PHE B 170 49.36 -8.15 -6.95
N THR B 171 49.35 -9.43 -6.55
CA THR B 171 48.45 -9.86 -5.49
C THR B 171 48.74 -9.11 -4.19
N THR B 172 50.01 -8.93 -3.85
CA THR B 172 50.38 -8.23 -2.62
C THR B 172 49.80 -6.81 -2.62
N LEU B 173 49.98 -6.08 -3.72
CA LEU B 173 49.45 -4.72 -3.80
C LEU B 173 47.93 -4.72 -3.63
N VAL B 174 47.24 -5.60 -4.36
CA VAL B 174 45.78 -5.67 -4.25
C VAL B 174 45.37 -6.11 -2.85
N GLU B 175 46.09 -7.08 -2.27
CA GLU B 175 45.76 -7.54 -0.93
C GLU B 175 45.84 -6.41 0.09
N ARG B 176 46.76 -5.46 -0.12
CA ARG B 176 46.85 -4.30 0.78
C ARG B 176 45.73 -3.31 0.53
N VAL B 177 45.17 -3.28 -0.69
CA VAL B 177 44.09 -2.36 -0.99
C VAL B 177 42.80 -2.82 -0.33
N ILE B 178 42.40 -4.07 -0.57
CA ILE B 178 41.15 -4.58 -0.03
C ILE B 178 41.14 -4.50 1.48
N GLN B 179 42.31 -4.56 2.13
CA GLN B 179 42.39 -4.41 3.57
C GLN B 179 42.02 -3.00 4.02
N GLN B 180 42.09 -2.02 3.12
CA GLN B 180 41.68 -0.66 3.42
C GLN B 180 40.33 -0.28 2.80
N LEU B 181 39.68 -1.22 2.12
CA LEU B 181 38.39 -0.97 1.48
C LEU B 181 37.29 -1.60 2.33
N GLU B 182 36.31 -0.79 2.70
CA GLU B 182 35.13 -1.26 3.41
C GLU B 182 33.97 -1.41 2.44
N GLY B 183 33.01 -2.24 2.83
CA GLY B 183 31.84 -2.50 1.99
C GLY B 183 32.07 -3.65 1.03
N ALA B 184 31.22 -3.70 0.02
CA ALA B 184 31.27 -4.75 -0.99
C ALA B 184 31.96 -4.23 -2.26
N PHE B 185 32.57 -5.15 -3.00
CA PHE B 185 33.26 -4.77 -4.22
C PHE B 185 33.66 -6.03 -4.98
N ALA B 186 33.77 -5.89 -6.30
CA ALA B 186 34.30 -6.93 -7.18
C ALA B 186 35.19 -6.23 -8.20
N LEU B 187 36.50 -6.45 -8.09
CA LEU B 187 37.48 -5.66 -8.82
C LEU B 187 38.23 -6.51 -9.84
N VAL B 188 38.74 -5.84 -10.87
CA VAL B 188 39.58 -6.45 -11.89
C VAL B 188 40.62 -5.41 -12.28
N PHE B 189 41.86 -5.59 -11.85
CA PHE B 189 42.91 -4.59 -12.04
C PHE B 189 43.66 -4.83 -13.35
N LYS B 190 44.41 -3.81 -13.75
CA LYS B 190 45.34 -3.90 -14.87
C LYS B 190 46.36 -2.78 -14.73
N SER B 191 47.64 -3.12 -14.86
CA SER B 191 48.72 -2.16 -14.65
C SER B 191 49.77 -2.33 -15.74
N VAL B 192 50.49 -1.24 -16.02
CA VAL B 192 51.59 -1.29 -16.97
C VAL B 192 52.81 -1.97 -16.34
N HIS B 193 52.98 -1.85 -15.03
CA HIS B 193 54.10 -2.49 -14.35
C HIS B 193 53.97 -4.01 -14.35
N PHE B 194 52.75 -4.54 -14.51
CA PHE B 194 52.48 -5.97 -14.53
C PHE B 194 51.81 -6.29 -15.86
N PRO B 195 52.55 -6.32 -16.95
CA PRO B 195 51.93 -6.54 -18.26
C PRO B 195 51.31 -7.92 -18.36
N GLY B 196 50.08 -7.96 -18.87
CA GLY B 196 49.36 -9.20 -19.05
C GLY B 196 48.80 -9.83 -17.79
N GLN B 197 49.05 -9.23 -16.62
CA GLN B 197 48.60 -9.78 -15.35
C GLN B 197 47.29 -9.13 -14.93
N ALA B 198 46.33 -9.96 -14.52
CA ALA B 198 45.03 -9.50 -14.05
C ALA B 198 44.77 -10.06 -12.66
N VAL B 199 44.18 -9.24 -11.79
CA VAL B 199 43.86 -9.63 -10.43
C VAL B 199 42.36 -9.45 -10.23
N GLY B 200 41.71 -10.50 -9.71
CA GLY B 200 40.27 -10.46 -9.51
C GLY B 200 39.84 -10.90 -8.13
N THR B 201 39.59 -9.93 -7.25
CA THR B 201 39.11 -10.20 -5.90
C THR B 201 37.67 -9.75 -5.77
N ARG B 202 36.98 -10.32 -4.78
CA ARG B 202 35.58 -10.01 -4.55
C ARG B 202 35.30 -10.03 -3.05
N ARG B 203 34.15 -9.46 -2.68
CA ARG B 203 33.67 -9.46 -1.31
C ARG B 203 32.24 -8.96 -1.27
N GLY B 204 31.28 -9.87 -1.18
CA GLY B 204 29.88 -9.47 -1.24
C GLY B 204 29.42 -9.03 -2.60
N SER B 205 30.11 -9.44 -3.66
CA SER B 205 29.73 -9.10 -5.02
C SER B 205 30.19 -10.24 -5.93
N PRO B 206 29.43 -10.55 -6.98
CA PRO B 206 29.81 -11.67 -7.85
C PRO B 206 31.07 -11.37 -8.65
N LEU B 207 31.83 -12.44 -8.93
CA LEU B 207 33.00 -12.36 -9.80
C LEU B 207 33.52 -13.76 -10.11
N LEU B 208 33.50 -14.13 -11.38
CA LEU B 208 33.98 -15.43 -11.84
C LEU B 208 35.04 -15.25 -12.91
N ILE B 209 35.73 -16.33 -13.23
CA ILE B 209 36.81 -16.33 -14.22
C ILE B 209 36.57 -17.49 -15.18
N GLY B 210 36.33 -17.17 -16.45
CA GLY B 210 36.18 -18.19 -17.47
C GLY B 210 37.52 -18.57 -18.06
N VAL B 211 37.62 -19.82 -18.53
CA VAL B 211 38.85 -20.34 -19.11
C VAL B 211 38.50 -21.13 -20.37
N ARG B 212 39.25 -20.90 -21.44
CA ARG B 212 39.13 -21.68 -22.67
C ARG B 212 40.53 -22.07 -23.13
N SER B 213 40.68 -23.32 -23.55
CA SER B 213 41.96 -23.82 -24.00
C SER B 213 41.81 -25.18 -24.68
N GLU B 214 42.23 -25.27 -25.94
CA GLU B 214 42.18 -26.54 -26.64
C GLU B 214 43.07 -27.60 -25.99
N HIS B 215 43.99 -27.19 -25.12
CA HIS B 215 44.86 -28.11 -24.41
C HIS B 215 44.25 -28.52 -23.08
N LYS B 216 44.77 -29.61 -22.52
CA LYS B 216 44.28 -30.11 -21.26
C LYS B 216 44.61 -29.15 -20.12
N LEU B 217 43.65 -28.94 -19.23
CA LEU B 217 43.88 -28.10 -18.05
C LEU B 217 44.52 -28.93 -16.94
N SER B 218 45.46 -28.30 -16.22
CA SER B 218 46.28 -29.04 -15.27
C SER B 218 45.47 -29.59 -14.11
N THR B 219 44.37 -28.95 -13.75
CA THR B 219 43.59 -29.39 -12.60
C THR B 219 42.15 -28.89 -12.75
N ASP B 220 41.33 -29.23 -11.75
CA ASP B 220 39.94 -28.79 -11.70
C ASP B 220 39.55 -28.34 -10.28
N HIS B 221 40.52 -28.00 -9.45
CA HIS B 221 40.26 -27.56 -8.08
C HIS B 221 41.40 -26.70 -7.58
N ILE B 222 41.44 -25.43 -8.01
CA ILE B 222 42.53 -24.52 -7.67
C ILE B 222 42.62 -24.42 -6.15
N PRO B 223 43.78 -24.71 -5.54
CA PRO B 223 43.87 -24.62 -4.07
C PRO B 223 44.06 -23.18 -3.61
N ILE B 224 43.19 -22.74 -2.70
CA ILE B 224 43.31 -21.41 -2.12
C ILE B 224 44.56 -21.35 -1.26
N LEU B 225 45.40 -20.35 -1.50
CA LEU B 225 46.67 -20.20 -0.80
C LEU B 225 46.54 -19.17 0.33
N TYR B 226 47.62 -18.97 1.06
CA TYR B 226 47.66 -18.01 2.15
C TYR B 226 49.05 -17.38 2.22
N ARG B 227 49.09 -16.05 2.21
CA ARG B 227 50.36 -15.33 2.27
C ARG B 227 51.05 -15.56 3.60
N THR B 244 51.92 -27.40 -9.60
CA THR B 244 50.87 -28.12 -8.89
C THR B 244 50.06 -27.18 -7.99
N THR B 245 49.78 -25.97 -8.49
CA THR B 245 49.06 -24.98 -7.71
C THR B 245 48.16 -24.10 -8.57
N CYS B 246 48.50 -23.94 -9.85
CA CYS B 246 47.80 -23.03 -10.73
C CYS B 246 47.07 -23.78 -11.84
N LEU B 247 46.03 -23.13 -12.37
CA LEU B 247 45.27 -23.66 -13.50
C LEU B 247 45.86 -23.12 -14.79
N PHE B 248 46.29 -24.02 -15.66
CA PHE B 248 46.96 -23.63 -16.90
C PHE B 248 47.02 -24.84 -17.83
N PRO B 249 47.22 -24.61 -19.13
CA PRO B 249 47.41 -25.75 -20.04
C PRO B 249 48.75 -26.43 -19.79
N VAL B 250 48.75 -27.75 -19.96
CA VAL B 250 49.90 -28.58 -19.59
C VAL B 250 51.09 -28.27 -20.48
N GLU B 251 51.01 -28.68 -21.75
CA GLU B 251 52.18 -28.62 -22.63
C GLU B 251 52.39 -27.24 -23.21
N GLU B 252 51.35 -26.66 -23.82
CA GLU B 252 51.47 -25.39 -24.53
C GLU B 252 50.97 -24.25 -23.65
N LYS B 253 51.08 -23.03 -24.18
CA LYS B 253 50.75 -21.82 -23.45
C LYS B 253 49.42 -21.19 -23.88
N ALA B 254 48.80 -21.70 -24.94
CA ALA B 254 47.55 -21.10 -25.43
C ALA B 254 46.46 -21.21 -24.37
N VAL B 255 45.90 -20.06 -23.99
CA VAL B 255 44.81 -20.02 -23.01
C VAL B 255 44.16 -18.64 -23.11
N GLU B 256 42.84 -18.62 -22.93
CA GLU B 256 42.06 -17.39 -22.97
C GLU B 256 41.20 -17.32 -21.71
N TYR B 257 41.39 -16.27 -20.93
CA TYR B 257 40.62 -16.05 -19.71
C TYR B 257 39.52 -15.02 -19.94
N TYR B 258 38.45 -15.13 -19.16
CA TYR B 258 37.28 -14.25 -19.30
C TYR B 258 36.80 -13.86 -17.91
N PHE B 259 37.38 -12.79 -17.36
CA PHE B 259 36.85 -12.20 -16.14
C PHE B 259 35.48 -11.60 -16.43
N ALA B 260 34.54 -11.79 -15.50
CA ALA B 260 33.20 -11.28 -15.69
C ALA B 260 32.43 -11.39 -14.39
N SER B 261 31.48 -10.48 -14.19
CA SER B 261 30.60 -10.49 -13.04
C SER B 261 29.31 -11.26 -13.31
N ASP B 262 29.24 -12.00 -14.42
CA ASP B 262 28.05 -12.78 -14.75
C ASP B 262 28.44 -13.84 -15.77
N ALA B 263 27.67 -14.92 -15.79
CA ALA B 263 27.99 -16.07 -16.64
C ALA B 263 27.49 -15.89 -18.07
N SER B 264 26.57 -14.96 -18.31
CA SER B 264 26.05 -14.79 -19.66
C SER B 264 27.10 -14.20 -20.60
N ALA B 265 28.05 -13.43 -20.07
CA ALA B 265 29.10 -12.84 -20.89
C ALA B 265 30.28 -13.79 -21.13
N VAL B 266 30.23 -15.00 -20.60
CA VAL B 266 31.32 -15.95 -20.74
C VAL B 266 30.84 -17.20 -21.46
N ILE B 267 29.54 -17.50 -21.35
CA ILE B 267 29.00 -18.72 -21.94
C ILE B 267 29.21 -18.72 -23.46
N GLU B 268 29.19 -17.54 -24.08
CA GLU B 268 29.34 -17.47 -25.53
C GLU B 268 30.71 -17.99 -25.98
N HIS B 269 31.74 -17.79 -25.16
CA HIS B 269 33.09 -18.21 -25.51
C HIS B 269 33.47 -19.57 -24.94
N THR B 270 32.96 -19.93 -23.77
CA THR B 270 33.27 -21.20 -23.14
C THR B 270 32.35 -21.41 -21.95
N ASN B 271 32.22 -22.67 -21.54
CA ASN B 271 31.41 -23.02 -20.38
C ASN B 271 32.28 -23.62 -19.28
N ARG B 272 33.39 -22.95 -18.96
CA ARG B 272 34.31 -23.40 -17.91
C ARG B 272 34.72 -22.18 -17.12
N VAL B 273 34.10 -21.98 -15.95
CA VAL B 273 34.34 -20.81 -15.12
C VAL B 273 34.71 -21.26 -13.72
N ILE B 274 35.32 -20.34 -12.98
CA ILE B 274 35.72 -20.57 -11.59
C ILE B 274 35.06 -19.49 -10.75
N PHE B 275 33.96 -19.85 -10.07
CA PHE B 275 33.25 -18.92 -9.21
C PHE B 275 34.05 -18.66 -7.95
N LEU B 276 34.66 -17.48 -7.85
CA LEU B 276 35.44 -17.13 -6.67
C LEU B 276 34.54 -17.00 -5.45
N GLU B 277 35.16 -16.73 -4.31
CA GLU B 277 34.47 -16.53 -3.05
C GLU B 277 34.93 -15.23 -2.42
N ASP B 278 34.26 -14.83 -1.35
CA ASP B 278 34.64 -13.61 -0.66
C ASP B 278 36.09 -13.67 -0.19
N ASP B 279 36.86 -12.64 -0.52
CA ASP B 279 38.26 -12.48 -0.12
C ASP B 279 39.21 -13.39 -0.89
N ASP B 280 38.73 -14.07 -1.93
CA ASP B 280 39.61 -14.83 -2.81
C ASP B 280 40.26 -13.89 -3.81
N VAL B 281 41.58 -13.78 -3.75
CA VAL B 281 42.33 -12.85 -4.60
C VAL B 281 42.89 -13.68 -5.75
N ALA B 282 42.09 -13.84 -6.79
CA ALA B 282 42.54 -14.54 -7.99
C ALA B 282 43.55 -13.69 -8.75
N ALA B 283 44.46 -14.37 -9.44
CA ALA B 283 45.51 -13.69 -10.20
C ALA B 283 45.93 -14.58 -11.36
N VAL B 284 46.17 -13.95 -12.51
CA VAL B 284 46.62 -14.64 -13.72
C VAL B 284 48.01 -14.09 -14.04
N VAL B 285 49.03 -14.89 -13.76
CA VAL B 285 50.42 -14.52 -14.00
C VAL B 285 51.04 -15.56 -14.92
N ASP B 286 51.73 -15.10 -15.96
CA ASP B 286 52.31 -15.99 -16.96
C ASP B 286 51.26 -16.91 -17.58
N GLY B 287 50.00 -16.46 -17.59
CA GLY B 287 48.92 -17.27 -18.10
C GLY B 287 48.47 -18.38 -17.16
N ARG B 288 48.84 -18.31 -15.89
CA ARG B 288 48.47 -19.31 -14.89
C ARG B 288 47.54 -18.67 -13.86
N LEU B 289 46.36 -19.24 -13.69
CA LEU B 289 45.38 -18.72 -12.76
C LEU B 289 45.61 -19.33 -11.38
N SER B 290 45.80 -18.48 -10.38
CA SER B 290 45.98 -18.90 -9.00
C SER B 290 45.09 -18.05 -8.10
N ILE B 291 44.73 -18.62 -6.95
CA ILE B 291 43.88 -17.96 -5.97
C ILE B 291 44.66 -17.80 -4.67
N HIS B 292 44.54 -16.62 -4.06
CA HIS B 292 45.24 -16.30 -2.83
C HIS B 292 44.23 -15.92 -1.75
N ARG B 293 44.71 -15.86 -0.51
CA ARG B 293 43.85 -15.54 0.62
C ARG B 293 44.66 -15.31 1.88
N ARG B 310 38.04 -23.44 -4.45
CA ARG B 310 37.80 -23.27 -5.89
C ARG B 310 37.52 -24.61 -6.56
N ALA B 311 36.95 -24.56 -7.77
CA ALA B 311 36.63 -25.77 -8.50
C ALA B 311 36.20 -25.43 -9.93
N VAL B 312 37.06 -25.71 -10.90
CA VAL B 312 36.73 -25.47 -12.30
C VAL B 312 35.53 -26.35 -12.64
N GLN B 313 34.41 -25.71 -13.02
CA GLN B 313 33.16 -26.41 -13.22
C GLN B 313 32.52 -25.98 -14.53
N THR B 314 31.58 -26.79 -15.02
CA THR B 314 30.86 -26.53 -16.25
C THR B 314 29.57 -25.80 -15.96
N LEU B 315 29.23 -24.86 -16.83
CA LEU B 315 27.98 -24.13 -16.71
C LEU B 315 26.83 -24.91 -17.34
N GLN B 316 25.67 -24.84 -16.71
CA GLN B 316 24.47 -25.55 -17.15
C GLN B 316 23.50 -24.60 -17.86
N MET B 317 24.00 -23.87 -18.86
CA MET B 317 23.21 -22.86 -19.55
C MET B 317 23.53 -22.88 -21.03
N GLU B 318 22.49 -22.95 -21.85
CA GLU B 318 22.65 -22.90 -23.30
C GLU B 318 22.54 -21.46 -23.80
N LEU B 319 23.31 -21.16 -24.85
CA LEU B 319 23.28 -19.81 -25.40
C LEU B 319 21.89 -19.39 -25.83
N GLN B 320 21.08 -20.33 -26.32
CA GLN B 320 19.73 -20.00 -26.75
C GLN B 320 18.92 -19.37 -25.63
N GLN B 321 19.26 -19.69 -24.37
CA GLN B 321 18.54 -19.13 -23.23
C GLN B 321 18.74 -17.64 -23.04
N ILE B 322 19.74 -17.05 -23.70
CA ILE B 322 20.01 -15.62 -23.59
C ILE B 322 19.99 -14.98 -24.97
N MET B 323 19.19 -15.54 -25.87
CA MET B 323 19.02 -15.02 -27.22
C MET B 323 17.55 -14.71 -27.47
N LYS B 324 17.28 -13.55 -28.07
CA LYS B 324 15.91 -13.14 -28.35
C LYS B 324 15.23 -14.09 -29.33
N GLY B 325 15.98 -14.83 -30.11
CA GLY B 325 15.36 -15.67 -31.12
C GLY B 325 14.75 -14.81 -32.20
N ASN B 326 13.48 -15.06 -32.48
CA ASN B 326 12.74 -14.34 -33.52
C ASN B 326 11.95 -13.17 -32.97
N PHE B 327 11.97 -12.95 -31.65
CA PHE B 327 11.30 -11.80 -31.06
C PHE B 327 12.17 -10.56 -31.22
N SER B 328 11.51 -9.40 -31.28
CA SER B 328 12.21 -8.14 -31.44
C SER B 328 12.72 -7.57 -30.12
N SER B 329 12.39 -8.19 -28.99
CA SER B 329 12.85 -7.73 -27.70
C SER B 329 12.90 -8.90 -26.72
N PHE B 330 13.80 -8.80 -25.73
CA PHE B 330 13.87 -9.83 -24.70
C PHE B 330 12.58 -9.88 -23.90
N MET B 331 11.97 -8.73 -23.63
CA MET B 331 10.75 -8.72 -22.83
C MET B 331 9.62 -9.47 -23.55
N GLN B 332 9.46 -9.24 -24.85
CA GLN B 332 8.40 -9.92 -25.58
C GLN B 332 8.61 -11.42 -25.57
N LYS B 333 9.84 -11.87 -25.84
CA LYS B 333 10.16 -13.28 -25.76
C LYS B 333 9.78 -13.85 -24.40
N GLU B 334 10.22 -13.18 -23.33
CA GLU B 334 10.02 -13.72 -21.99
C GLU B 334 8.56 -13.75 -21.60
N ILE B 335 7.73 -12.87 -22.18
CA ILE B 335 6.29 -12.95 -21.95
C ILE B 335 5.72 -14.15 -22.68
N PHE B 336 6.00 -14.26 -23.99
CA PHE B 336 5.43 -15.33 -24.79
C PHE B 336 6.00 -16.69 -24.44
N GLU B 337 7.11 -16.76 -23.72
CA GLU B 337 7.70 -18.03 -23.33
C GLU B 337 7.21 -18.50 -21.96
N GLN B 338 6.29 -17.79 -21.33
CA GLN B 338 5.77 -18.22 -20.05
C GLN B 338 5.08 -19.58 -20.10
N PRO B 339 4.40 -19.98 -21.18
CA PRO B 339 3.93 -21.37 -21.25
C PRO B 339 5.05 -22.37 -20.99
N GLU B 340 6.26 -22.07 -21.46
CA GLU B 340 7.38 -22.98 -21.25
C GLU B 340 7.99 -22.81 -19.86
N SER B 341 8.27 -21.57 -19.45
CA SER B 341 8.92 -21.36 -18.17
C SER B 341 8.05 -21.86 -17.02
N VAL B 342 6.74 -21.78 -17.15
CA VAL B 342 5.84 -22.36 -16.15
C VAL B 342 6.06 -23.87 -16.08
N VAL B 343 6.17 -24.52 -17.23
CA VAL B 343 6.42 -25.96 -17.25
C VAL B 343 7.77 -26.27 -16.61
N ASN B 344 8.79 -25.48 -16.90
CA ASN B 344 10.11 -25.74 -16.33
C ASN B 344 10.09 -25.60 -14.82
N THR B 345 9.32 -24.63 -14.29
CA THR B 345 9.21 -24.48 -12.85
C THR B 345 8.63 -25.73 -12.20
N MET B 346 7.74 -26.43 -12.91
CA MET B 346 7.09 -27.63 -12.37
C MET B 346 7.78 -28.93 -12.76
N ARG B 347 8.75 -28.88 -13.66
CA ARG B 347 9.36 -30.09 -14.17
C ARG B 347 10.01 -30.89 -13.05
N GLY B 348 9.76 -32.21 -13.05
CA GLY B 348 10.33 -33.07 -12.04
C GLY B 348 9.84 -32.82 -10.63
N ARG B 349 8.84 -31.96 -10.45
CA ARG B 349 8.33 -31.60 -9.14
C ARG B 349 6.84 -31.85 -8.96
N VAL B 350 6.09 -32.00 -10.06
CA VAL B 350 4.64 -32.14 -9.99
C VAL B 350 4.26 -33.37 -10.80
N ASN B 351 3.58 -34.31 -10.15
CA ASN B 351 3.06 -35.51 -10.81
C ASN B 351 1.54 -35.44 -10.78
N PHE B 352 0.93 -35.35 -11.95
CA PHE B 352 -0.52 -35.15 -12.04
C PHE B 352 -1.31 -36.45 -12.03
N ASP B 353 -0.64 -37.60 -12.08
CA ASP B 353 -1.34 -38.88 -12.00
C ASP B 353 -1.70 -39.22 -10.56
N ASP B 354 -0.77 -39.01 -9.63
CA ASP B 354 -1.02 -39.25 -8.21
C ASP B 354 -1.21 -37.97 -7.42
N TYR B 355 -1.11 -36.80 -8.06
CA TYR B 355 -1.38 -35.52 -7.40
C TYR B 355 -0.40 -35.28 -6.26
N THR B 356 0.88 -35.43 -6.55
CA THR B 356 1.95 -35.23 -5.57
C THR B 356 2.87 -34.11 -6.02
N VAL B 357 3.35 -33.33 -5.05
CA VAL B 357 4.27 -32.23 -5.28
C VAL B 357 5.50 -32.47 -4.42
N ASN B 358 6.68 -32.39 -5.04
CA ASN B 358 7.94 -32.64 -4.34
C ASN B 358 8.96 -31.61 -4.80
N LEU B 359 9.34 -30.71 -3.89
CA LEU B 359 10.42 -29.76 -4.11
C LEU B 359 11.64 -30.27 -3.35
N GLY B 360 12.65 -30.74 -4.09
CA GLY B 360 13.82 -31.33 -3.45
C GLY B 360 14.44 -30.43 -2.39
N GLY B 361 14.54 -29.13 -2.69
CA GLY B 361 15.14 -28.21 -1.75
C GLY B 361 14.47 -28.17 -0.39
N LEU B 362 13.23 -28.63 -0.30
CA LEU B 362 12.45 -28.56 0.93
C LEU B 362 11.97 -29.93 1.40
N LYS B 363 12.45 -31.03 0.82
CA LYS B 363 11.89 -32.33 1.13
C LYS B 363 12.00 -32.63 2.62
N ASP B 364 13.07 -32.18 3.27
CA ASP B 364 13.30 -32.51 4.67
C ASP B 364 12.75 -31.45 5.61
N HIS B 365 12.84 -30.18 5.25
CA HIS B 365 12.49 -29.10 6.16
C HIS B 365 10.99 -28.95 6.34
N ILE B 366 10.18 -29.45 5.40
CA ILE B 366 8.73 -29.32 5.52
C ILE B 366 8.26 -29.87 6.85
N LYS B 367 8.94 -30.90 7.36
CA LYS B 367 8.63 -31.42 8.68
C LYS B 367 8.73 -30.31 9.72
N GLU B 368 9.89 -29.66 9.79
CA GLU B 368 10.11 -28.62 10.80
C GLU B 368 9.35 -27.34 10.49
N ILE B 369 9.06 -27.08 9.21
CA ILE B 369 8.35 -25.86 8.85
C ILE B 369 6.91 -25.91 9.35
N GLN B 370 6.28 -27.09 9.33
CA GLN B 370 4.90 -27.19 9.79
C GLN B 370 4.80 -26.96 11.30
N ARG B 371 5.85 -27.31 12.04
CA ARG B 371 5.85 -27.04 13.48
C ARG B 371 6.06 -25.57 13.80
N CYS B 372 6.44 -24.74 12.82
CA CYS B 372 6.58 -23.32 13.04
C CYS B 372 5.20 -22.66 13.08
N ARG B 373 5.18 -21.37 13.39
CA ARG B 373 3.94 -20.68 13.72
C ARG B 373 3.66 -19.46 12.86
N ARG B 374 4.52 -19.10 11.93
CA ARG B 374 4.25 -17.94 11.09
C ARG B 374 5.14 -17.95 9.85
N LEU B 375 4.57 -17.55 8.71
CA LEU B 375 5.30 -17.35 7.47
C LEU B 375 5.47 -15.86 7.22
N ILE B 376 6.69 -15.46 6.85
CA ILE B 376 6.99 -14.09 6.48
C ILE B 376 7.63 -14.11 5.10
N LEU B 377 7.05 -13.37 4.16
CA LEU B 377 7.56 -13.24 2.80
C LEU B 377 8.18 -11.85 2.66
N ILE B 378 9.45 -11.81 2.26
CA ILE B 378 10.23 -10.57 2.22
C ILE B 378 10.84 -10.45 0.83
N ALA B 379 10.60 -9.31 0.18
CA ALA B 379 11.04 -9.12 -1.20
C ALA B 379 10.85 -7.66 -1.57
N CYS B 380 11.30 -7.32 -2.78
CA CYS B 380 11.13 -5.99 -3.35
C CYS B 380 10.39 -6.09 -4.67
N GLY B 381 9.67 -5.02 -5.00
CA GLY B 381 9.11 -4.86 -6.34
C GLY B 381 8.23 -6.02 -6.75
N THR B 382 8.41 -6.46 -8.00
CA THR B 382 7.59 -7.54 -8.53
C THR B 382 7.71 -8.81 -7.69
N SER B 383 8.89 -9.06 -7.12
CA SER B 383 9.03 -10.22 -6.24
C SER B 383 8.12 -10.08 -5.01
N TYR B 384 7.98 -8.86 -4.51
CA TYR B 384 7.02 -8.63 -3.43
C TYR B 384 5.60 -8.90 -3.89
N HIS B 385 5.27 -8.49 -5.11
CA HIS B 385 3.92 -8.75 -5.63
C HIS B 385 3.63 -10.23 -5.69
N ALA B 386 4.65 -11.04 -6.01
CA ALA B 386 4.47 -12.48 -6.05
C ALA B 386 3.97 -13.01 -4.71
N GLY B 387 4.41 -12.40 -3.62
CA GLY B 387 3.95 -12.82 -2.30
C GLY B 387 2.53 -12.37 -2.04
N VAL B 388 2.21 -11.12 -2.36
CA VAL B 388 0.83 -10.66 -2.29
C VAL B 388 -0.08 -11.56 -3.11
N ALA B 389 0.40 -12.00 -4.28
CA ALA B 389 -0.42 -12.80 -5.19
C ALA B 389 -0.72 -14.19 -4.66
N THR B 390 0.08 -14.70 -3.73
CA THR B 390 -0.10 -16.03 -3.18
C THR B 390 -0.38 -16.04 -1.70
N ARG B 391 -0.49 -14.87 -1.06
CA ARG B 391 -0.70 -14.82 0.38
C ARG B 391 -1.95 -15.59 0.78
N GLN B 392 -3.05 -15.41 0.04
CA GLN B 392 -4.32 -15.99 0.44
C GLN B 392 -4.26 -17.52 0.42
N VAL B 393 -3.72 -18.09 -0.66
CA VAL B 393 -3.69 -19.55 -0.77
C VAL B 393 -2.72 -20.15 0.25
N LEU B 394 -1.64 -19.44 0.58
CA LEU B 394 -0.75 -19.91 1.63
C LEU B 394 -1.46 -19.94 2.98
N GLU B 395 -2.24 -18.89 3.27
CA GLU B 395 -3.04 -18.90 4.50
C GLU B 395 -4.04 -20.05 4.46
N GLU B 396 -4.60 -20.34 3.29
CA GLU B 396 -5.63 -21.37 3.19
C GLU B 396 -5.05 -22.75 3.45
N LEU B 397 -3.95 -23.09 2.78
CA LEU B 397 -3.45 -24.45 2.80
C LEU B 397 -2.49 -24.74 3.96
N THR B 398 -1.82 -23.72 4.50
CA THR B 398 -0.99 -23.93 5.68
C THR B 398 -1.72 -23.63 6.98
N GLU B 399 -2.77 -22.82 6.93
CA GLU B 399 -3.51 -22.35 8.10
C GLU B 399 -2.66 -21.47 9.02
N LEU B 400 -1.49 -21.02 8.53
CA LEU B 400 -0.60 -20.21 9.34
C LEU B 400 -0.77 -18.74 9.01
N PRO B 401 -0.50 -17.85 9.96
CA PRO B 401 -0.41 -16.43 9.61
C PRO B 401 0.66 -16.23 8.56
N VAL B 402 0.38 -15.37 7.58
CA VAL B 402 1.31 -15.06 6.50
C VAL B 402 1.45 -13.56 6.44
N MET B 403 2.67 -13.07 6.62
CA MET B 403 2.98 -11.65 6.59
C MET B 403 3.88 -11.38 5.39
N VAL B 404 3.52 -10.38 4.60
CA VAL B 404 4.26 -10.03 3.39
C VAL B 404 4.86 -8.64 3.60
N GLU B 405 6.18 -8.54 3.49
CA GLU B 405 6.91 -7.34 3.85
C GLU B 405 7.77 -6.87 2.70
N LEU B 406 7.71 -5.57 2.41
CA LEU B 406 8.68 -4.94 1.53
C LEU B 406 10.02 -4.84 2.25
N ALA B 407 11.08 -5.34 1.61
CA ALA B 407 12.36 -5.49 2.31
C ALA B 407 12.83 -4.18 2.92
N SER B 408 12.80 -3.10 2.14
CA SER B 408 13.29 -1.82 2.64
C SER B 408 12.55 -1.39 3.90
N ASP B 409 11.23 -1.54 3.91
CA ASP B 409 10.46 -1.16 5.10
C ASP B 409 10.70 -2.14 6.23
N PHE B 410 10.82 -3.43 5.91
CA PHE B 410 11.11 -4.44 6.92
C PHE B 410 12.36 -4.08 7.72
N LEU B 411 13.40 -3.60 7.04
CA LEU B 411 14.62 -3.21 7.73
C LEU B 411 14.45 -1.90 8.49
N ASP B 412 13.72 -0.94 7.90
CA ASP B 412 13.54 0.35 8.56
C ASP B 412 12.93 0.20 9.95
N ARG B 413 12.00 -0.72 10.12
CA ARG B 413 11.23 -0.84 11.35
C ARG B 413 11.85 -1.77 12.38
N ASN B 414 12.95 -2.45 12.05
CA ASN B 414 13.48 -3.50 12.91
C ASN B 414 12.37 -4.46 13.34
N THR B 415 11.69 -5.01 12.33
CA THR B 415 10.51 -5.83 12.56
C THR B 415 10.83 -6.97 13.54
N PRO B 416 9.94 -7.26 14.50
CA PRO B 416 10.17 -8.42 15.38
C PRO B 416 10.14 -9.73 14.60
N VAL B 417 11.14 -10.57 14.86
CA VAL B 417 11.26 -11.90 14.26
C VAL B 417 11.66 -12.87 15.36
N PHE B 418 11.20 -14.11 15.25
CA PHE B 418 11.37 -15.10 16.31
C PHE B 418 11.91 -16.40 15.74
N ARG B 419 12.29 -17.31 16.65
CA ARG B 419 12.91 -18.57 16.25
C ARG B 419 11.93 -19.47 15.52
N ASP B 420 10.64 -19.39 15.84
CA ASP B 420 9.64 -20.23 15.18
C ASP B 420 8.97 -19.52 14.01
N ASP B 421 9.61 -18.47 13.48
CA ASP B 421 9.18 -17.88 12.22
C ASP B 421 9.86 -18.61 11.06
N VAL B 422 9.14 -18.75 9.96
CA VAL B 422 9.69 -19.24 8.69
C VAL B 422 9.67 -18.08 7.71
N CYS B 423 10.85 -17.63 7.31
CA CYS B 423 11.02 -16.43 6.50
C CYS B 423 11.43 -16.79 5.09
N PHE B 424 10.61 -16.40 4.12
CA PHE B 424 10.86 -16.62 2.71
C PHE B 424 11.40 -15.35 2.08
N PHE B 425 12.35 -15.51 1.16
CA PHE B 425 13.00 -14.38 0.50
C PHE B 425 12.92 -14.59 -1.00
N LEU B 426 12.11 -13.77 -1.66
CA LEU B 426 11.83 -13.92 -3.09
C LEU B 426 12.71 -12.94 -3.86
N SER B 427 13.59 -13.49 -4.69
CA SER B 427 14.54 -12.66 -5.43
C SER B 427 14.93 -13.41 -6.70
N GLN B 428 14.52 -12.87 -7.85
CA GLN B 428 14.95 -13.41 -9.15
C GLN B 428 16.46 -13.48 -9.23
N SER B 429 17.13 -12.40 -8.84
CA SER B 429 18.58 -12.32 -8.95
C SER B 429 19.29 -12.99 -7.80
N GLY B 430 18.63 -13.07 -6.64
CA GLY B 430 19.27 -13.58 -5.45
C GLY B 430 20.37 -12.69 -4.91
N GLU B 431 20.43 -11.43 -5.34
CA GLU B 431 21.44 -10.50 -4.89
C GLU B 431 20.87 -9.16 -4.45
N THR B 432 19.56 -8.95 -4.52
CA THR B 432 18.96 -7.68 -4.14
C THR B 432 19.38 -7.31 -2.73
N ALA B 433 19.94 -6.10 -2.59
CA ALA B 433 20.58 -5.71 -1.34
C ALA B 433 19.63 -5.80 -0.16
N ASP B 434 18.46 -5.15 -0.25
CA ASP B 434 17.57 -5.11 0.91
C ASP B 434 17.05 -6.50 1.27
N THR B 435 16.69 -7.30 0.27
CA THR B 435 16.24 -8.65 0.55
C THR B 435 17.35 -9.46 1.20
N LEU B 436 18.60 -9.24 0.79
CA LEU B 436 19.72 -9.98 1.35
C LEU B 436 20.01 -9.56 2.79
N MET B 437 19.88 -8.27 3.09
CA MET B 437 20.07 -7.82 4.46
C MET B 437 18.93 -8.27 5.35
N GLY B 438 17.71 -8.31 4.81
CA GLY B 438 16.61 -8.89 5.55
C GLY B 438 16.88 -10.33 5.91
N LEU B 439 17.44 -11.10 4.97
CA LEU B 439 17.82 -12.48 5.26
C LEU B 439 18.75 -12.54 6.45
N ARG B 440 19.86 -11.81 6.39
CA ARG B 440 20.84 -11.87 7.47
C ARG B 440 20.25 -11.36 8.78
N TYR B 441 19.33 -10.40 8.71
CA TYR B 441 18.59 -9.99 9.89
C TYR B 441 17.83 -11.18 10.49
N CYS B 442 17.06 -11.88 9.66
CA CYS B 442 16.24 -12.99 10.16
C CYS B 442 17.10 -14.13 10.66
N LYS B 443 18.24 -14.39 10.01
CA LYS B 443 19.14 -15.44 10.49
C LYS B 443 19.69 -15.09 11.86
N GLU B 444 20.03 -13.82 12.08
CA GLU B 444 20.54 -13.42 13.38
C GLU B 444 19.55 -13.71 14.50
N ARG B 445 18.26 -13.66 14.20
CA ARG B 445 17.23 -13.89 15.21
C ARG B 445 16.77 -15.34 15.28
N GLY B 446 17.47 -16.25 14.59
CA GLY B 446 17.18 -17.66 14.71
C GLY B 446 16.04 -18.17 13.87
N ALA B 447 15.49 -17.34 12.98
CA ALA B 447 14.41 -17.80 12.12
C ALA B 447 14.93 -18.85 11.13
N LEU B 448 14.00 -19.66 10.64
CA LEU B 448 14.25 -20.59 9.55
C LEU B 448 14.03 -19.85 8.23
N THR B 449 15.04 -19.86 7.36
CA THR B 449 15.03 -19.04 6.16
C THR B 449 14.98 -19.90 4.90
N VAL B 450 14.18 -19.47 3.93
CA VAL B 450 13.95 -20.20 2.69
C VAL B 450 14.12 -19.23 1.53
N GLY B 451 14.90 -19.64 0.53
CA GLY B 451 15.17 -18.81 -0.63
C GLY B 451 14.35 -19.26 -1.83
N ILE B 452 13.72 -18.30 -2.50
CA ILE B 452 12.98 -18.53 -3.73
C ILE B 452 13.66 -17.68 -4.80
N THR B 453 14.59 -18.27 -5.53
CA THR B 453 15.45 -17.52 -6.44
C THR B 453 15.40 -18.12 -7.83
N ASN B 454 16.01 -17.39 -8.76
CA ASN B 454 16.18 -17.82 -10.14
C ASN B 454 17.64 -17.79 -10.56
N THR B 455 18.57 -17.85 -9.61
CA THR B 455 20.00 -17.73 -9.88
C THR B 455 20.75 -18.67 -8.95
N VAL B 456 21.32 -19.73 -9.52
CA VAL B 456 22.09 -20.67 -8.74
C VAL B 456 23.39 -20.01 -8.28
N GLY B 457 23.77 -20.25 -7.02
CA GLY B 457 24.97 -19.67 -6.46
C GLY B 457 24.82 -18.26 -5.95
N SER B 458 23.67 -17.62 -6.16
CA SER B 458 23.46 -16.27 -5.66
C SER B 458 23.57 -16.24 -4.14
N SER B 459 23.72 -15.04 -3.59
CA SER B 459 23.88 -14.89 -2.15
C SER B 459 22.67 -15.44 -1.42
N ILE B 460 21.46 -15.13 -1.89
CA ILE B 460 20.25 -15.54 -1.19
C ILE B 460 20.07 -17.06 -1.26
N SER B 461 20.42 -17.67 -2.38
CA SER B 461 20.29 -19.11 -2.49
C SER B 461 21.32 -19.83 -1.61
N ARG B 462 22.49 -19.23 -1.41
CA ARG B 462 23.53 -19.86 -0.61
C ARG B 462 23.28 -19.71 0.88
N GLU B 463 22.84 -18.52 1.31
CA GLU B 463 22.81 -18.20 2.74
C GLU B 463 21.50 -18.59 3.41
N THR B 464 20.50 -19.04 2.67
CA THR B 464 19.30 -19.56 3.27
C THR B 464 19.51 -21.01 3.71
N ASP B 465 18.73 -21.43 4.70
CA ASP B 465 18.82 -22.81 5.17
C ASP B 465 18.45 -23.78 4.06
N CYS B 466 17.41 -23.47 3.30
CA CYS B 466 17.02 -24.22 2.13
C CYS B 466 16.39 -23.24 1.15
N GLY B 467 15.86 -23.76 0.05
CA GLY B 467 15.21 -22.88 -0.91
C GLY B 467 14.81 -23.65 -2.16
N VAL B 468 14.34 -22.88 -3.13
CA VAL B 468 13.88 -23.41 -4.41
C VAL B 468 14.42 -22.54 -5.52
N HIS B 469 14.92 -23.18 -6.58
CA HIS B 469 15.27 -22.48 -7.81
C HIS B 469 14.06 -22.57 -8.73
N ILE B 470 13.44 -21.42 -9.02
CA ILE B 470 12.22 -21.42 -9.83
C ILE B 470 12.50 -21.94 -11.22
N ASN B 471 13.76 -21.90 -11.67
CA ASN B 471 14.16 -22.51 -12.94
C ASN B 471 13.32 -21.99 -14.11
N ALA B 472 13.24 -20.67 -14.21
CA ALA B 472 12.54 -20.03 -15.32
C ALA B 472 13.46 -19.67 -16.47
N GLY B 473 14.75 -19.93 -16.34
CA GLY B 473 15.72 -19.50 -17.31
C GLY B 473 16.16 -18.08 -17.05
N PRO B 474 17.24 -17.65 -17.71
CA PRO B 474 17.72 -16.28 -17.50
C PRO B 474 16.68 -15.26 -17.94
N GLU B 475 16.54 -14.20 -17.15
CA GLU B 475 15.65 -13.09 -17.48
C GLU B 475 16.54 -11.89 -17.83
N ILE B 476 16.50 -11.48 -19.09
CA ILE B 476 17.34 -10.40 -19.58
C ILE B 476 16.61 -9.07 -19.58
N GLY B 477 15.33 -9.07 -19.95
CA GLY B 477 14.57 -7.83 -19.90
C GLY B 477 14.56 -7.25 -18.49
N VAL B 478 14.64 -5.91 -18.42
CA VAL B 478 14.73 -5.25 -17.12
C VAL B 478 13.48 -5.53 -16.30
N ALA B 479 12.31 -5.44 -16.92
CA ALA B 479 11.06 -5.71 -16.22
C ALA B 479 10.87 -7.23 -16.07
N SER B 480 10.60 -7.66 -14.84
CA SER B 480 10.38 -9.08 -14.60
C SER B 480 9.03 -9.52 -15.15
N THR B 481 9.04 -10.56 -15.97
CA THR B 481 7.81 -11.14 -16.50
C THR B 481 7.70 -12.59 -16.08
N LYS B 482 8.48 -13.50 -16.67
CA LYS B 482 8.38 -14.91 -16.33
C LYS B 482 8.81 -15.15 -14.88
N ALA B 483 9.70 -14.32 -14.35
CA ALA B 483 10.09 -14.46 -12.95
C ALA B 483 8.88 -14.34 -12.02
N TYR B 484 7.99 -13.39 -12.30
CA TYR B 484 6.79 -13.23 -11.50
C TYR B 484 5.94 -14.49 -11.54
N THR B 485 5.63 -14.98 -12.74
CA THR B 485 4.73 -16.12 -12.84
C THR B 485 5.38 -17.39 -12.33
N SER B 486 6.72 -17.52 -12.44
CA SER B 486 7.39 -18.71 -11.92
C SER B 486 7.48 -18.66 -10.39
N GLN B 487 7.71 -17.48 -9.82
CA GLN B 487 7.61 -17.35 -8.36
C GLN B 487 6.21 -17.70 -7.89
N PHE B 488 5.20 -17.12 -8.55
CA PHE B 488 3.80 -17.45 -8.26
C PHE B 488 3.61 -18.96 -8.21
N VAL B 489 4.00 -19.65 -9.29
CA VAL B 489 3.83 -21.09 -9.34
C VAL B 489 4.61 -21.78 -8.22
N SER B 490 5.81 -21.29 -7.93
CA SER B 490 6.64 -21.94 -6.92
C SER B 490 6.00 -21.87 -5.53
N LEU B 491 5.46 -20.70 -5.17
CA LEU B 491 4.83 -20.58 -3.86
C LEU B 491 3.58 -21.43 -3.75
N VAL B 492 2.85 -21.61 -4.85
CA VAL B 492 1.70 -22.51 -4.83
C VAL B 492 2.13 -23.94 -4.58
N MET B 493 3.22 -24.37 -5.23
CA MET B 493 3.70 -25.73 -5.05
C MET B 493 4.09 -25.97 -3.59
N PHE B 494 4.73 -24.98 -2.95
CA PHE B 494 5.02 -25.10 -1.53
C PHE B 494 3.75 -25.29 -0.73
N ALA B 495 2.74 -24.46 -1.00
CA ALA B 495 1.46 -24.59 -0.30
C ALA B 495 0.89 -26.00 -0.47
N LEU B 496 0.95 -26.54 -1.69
CA LEU B 496 0.42 -27.88 -1.93
C LEU B 496 1.15 -28.94 -1.10
N MET B 497 2.43 -28.72 -0.82
CA MET B 497 3.17 -29.66 0.02
C MET B 497 2.72 -29.58 1.46
N MET B 498 2.46 -28.36 1.95
CA MET B 498 2.15 -28.14 3.36
C MET B 498 0.81 -28.74 3.78
N CYS B 499 -0.02 -29.19 2.83
CA CYS B 499 -1.34 -29.72 3.16
C CYS B 499 -1.57 -31.10 2.57
N ASP B 500 -0.51 -31.78 2.12
CA ASP B 500 -0.67 -33.08 1.48
C ASP B 500 -1.10 -34.17 2.46
N ASP B 501 -1.22 -33.87 3.75
CA ASP B 501 -1.62 -34.86 4.75
C ASP B 501 -2.96 -34.51 5.39
N ARG B 502 -3.71 -33.56 4.83
CA ARG B 502 -5.02 -33.17 5.32
C ARG B 502 -6.08 -33.83 4.46
N ILE B 503 -6.85 -34.76 5.04
CA ILE B 503 -7.93 -35.40 4.32
C ILE B 503 -8.91 -34.37 3.79
N SER B 504 -9.21 -33.36 4.60
CA SER B 504 -10.24 -32.38 4.25
C SER B 504 -9.84 -31.51 3.08
N MET B 505 -8.56 -31.44 2.74
CA MET B 505 -8.07 -30.58 1.66
C MET B 505 -7.68 -31.35 0.41
N GLN B 506 -7.97 -32.65 0.35
CA GLN B 506 -7.54 -33.44 -0.80
C GLN B 506 -8.18 -32.93 -2.09
N GLU B 507 -9.50 -32.74 -2.08
CA GLU B 507 -10.19 -32.25 -3.27
C GLU B 507 -9.65 -30.89 -3.70
N ARG B 508 -9.46 -29.99 -2.74
CA ARG B 508 -8.90 -28.67 -3.07
C ARG B 508 -7.53 -28.80 -3.72
N ARG B 509 -6.69 -29.69 -3.21
CA ARG B 509 -5.38 -29.90 -3.82
C ARG B 509 -5.52 -30.40 -5.25
N LYS B 510 -6.41 -31.38 -5.47
CA LYS B 510 -6.64 -31.87 -6.82
C LYS B 510 -7.11 -30.76 -7.74
N GLU B 511 -8.04 -29.92 -7.26
CA GLU B 511 -8.52 -28.81 -8.07
C GLU B 511 -7.35 -27.93 -8.52
N ILE B 512 -6.44 -27.60 -7.59
CA ILE B 512 -5.34 -26.71 -7.90
C ILE B 512 -4.36 -27.38 -8.87
N MET B 513 -4.03 -28.64 -8.62
CA MET B 513 -3.00 -29.30 -9.42
C MET B 513 -3.48 -29.50 -10.86
N LEU B 514 -4.75 -29.84 -11.05
CA LEU B 514 -5.29 -29.89 -12.40
C LEU B 514 -5.28 -28.50 -13.05
N GLY B 515 -5.49 -27.46 -12.25
CA GLY B 515 -5.33 -26.12 -12.77
C GLY B 515 -3.91 -25.87 -13.26
N LEU B 516 -2.92 -26.35 -12.51
CA LEU B 516 -1.54 -26.23 -12.95
C LEU B 516 -1.29 -27.05 -14.21
N LYS B 517 -1.91 -28.22 -14.32
CA LYS B 517 -1.75 -29.04 -15.52
C LYS B 517 -2.25 -28.29 -16.75
N ARG B 518 -3.37 -27.59 -16.62
CA ARG B 518 -3.97 -26.88 -17.74
C ARG B 518 -3.40 -25.48 -17.93
N LEU B 519 -2.60 -25.00 -16.98
CA LEU B 519 -2.15 -23.61 -17.02
C LEU B 519 -1.34 -23.28 -18.27
N PRO B 520 -0.38 -24.10 -18.71
CA PRO B 520 0.40 -23.73 -19.90
C PRO B 520 -0.46 -23.44 -21.12
N ASP B 521 -1.48 -24.25 -21.38
CA ASP B 521 -2.32 -24.04 -22.55
C ASP B 521 -3.17 -22.78 -22.40
N LEU B 522 -3.65 -22.51 -21.19
CA LEU B 522 -4.43 -21.29 -20.98
C LEU B 522 -3.57 -20.06 -21.22
N ILE B 523 -2.32 -20.08 -20.78
CA ILE B 523 -1.40 -18.98 -21.07
C ILE B 523 -1.29 -18.77 -22.59
N LYS B 524 -1.23 -19.87 -23.35
CA LYS B 524 -1.24 -19.74 -24.80
C LYS B 524 -2.53 -19.09 -25.28
N GLU B 525 -3.65 -19.42 -24.64
CA GLU B 525 -4.92 -18.82 -25.04
C GLU B 525 -4.91 -17.32 -24.78
N VAL B 526 -4.34 -16.88 -23.65
CA VAL B 526 -4.20 -15.46 -23.37
C VAL B 526 -3.30 -14.81 -24.42
N LEU B 527 -2.14 -15.43 -24.69
CA LEU B 527 -1.20 -14.82 -25.61
C LEU B 527 -1.79 -14.66 -27.00
N SER B 528 -2.75 -15.50 -27.37
CA SER B 528 -3.37 -15.38 -28.69
C SER B 528 -4.19 -14.10 -28.83
N MET B 529 -4.44 -13.38 -27.73
CA MET B 529 -5.14 -12.10 -27.78
C MET B 529 -4.19 -10.92 -27.91
N ASP B 530 -2.93 -11.16 -28.26
CA ASP B 530 -1.93 -10.09 -28.35
C ASP B 530 -2.45 -8.92 -29.18
N ASP B 531 -3.02 -9.21 -30.36
CA ASP B 531 -3.51 -8.16 -31.23
C ASP B 531 -4.63 -7.35 -30.57
N GLU B 532 -5.56 -8.04 -29.92
CA GLU B 532 -6.65 -7.33 -29.24
C GLU B 532 -6.10 -6.42 -28.15
N ILE B 533 -5.04 -6.86 -27.46
CA ILE B 533 -4.40 -5.98 -26.48
C ILE B 533 -3.75 -4.80 -27.17
N GLN B 534 -3.15 -5.03 -28.34
CA GLN B 534 -2.45 -3.97 -29.04
C GLN B 534 -3.41 -2.87 -29.48
N LYS B 535 -4.62 -3.24 -29.93
CA LYS B 535 -5.62 -2.24 -30.27
C LYS B 535 -5.98 -1.37 -29.09
N LEU B 536 -6.21 -2.00 -27.93
CA LEU B 536 -6.50 -1.24 -26.73
C LEU B 536 -5.40 -0.23 -26.45
N ALA B 537 -4.15 -0.63 -26.63
CA ALA B 537 -3.03 0.28 -26.38
C ALA B 537 -3.13 1.52 -27.25
N THR B 538 -3.57 1.36 -28.51
CA THR B 538 -3.70 2.52 -29.39
C THR B 538 -4.74 3.51 -28.86
N GLU B 539 -5.63 3.07 -27.96
CA GLU B 539 -6.62 3.93 -27.36
C GLU B 539 -6.14 4.60 -26.07
N LEU B 540 -4.96 4.23 -25.56
CA LEU B 540 -4.47 4.73 -24.28
C LEU B 540 -3.12 5.40 -24.33
N TYR B 541 -2.31 5.18 -25.38
CA TYR B 541 -0.91 5.59 -25.33
C TYR B 541 -0.76 7.09 -25.09
N HIS B 542 -1.77 7.89 -25.42
CA HIS B 542 -1.71 9.34 -25.27
C HIS B 542 -2.11 9.81 -23.87
N GLN B 543 -2.68 8.93 -23.05
CA GLN B 543 -3.14 9.33 -21.73
C GLN B 543 -1.97 9.51 -20.77
N LYS B 544 -2.17 10.34 -19.76
CA LYS B 544 -1.16 10.59 -18.74
C LYS B 544 -1.26 9.63 -17.55
N SER B 545 -2.47 9.17 -17.22
CA SER B 545 -2.67 8.34 -16.05
C SER B 545 -3.62 7.19 -16.38
N VAL B 546 -3.52 6.13 -15.58
CA VAL B 546 -4.47 5.03 -15.66
C VAL B 546 -4.57 4.40 -14.26
N LEU B 547 -5.79 4.13 -13.83
CA LEU B 547 -6.04 3.43 -12.58
C LEU B 547 -6.34 1.97 -12.88
N ILE B 548 -5.69 1.07 -12.13
CA ILE B 548 -5.91 -0.36 -12.28
C ILE B 548 -6.44 -0.87 -10.94
N MET B 549 -7.63 -1.47 -10.96
CA MET B 549 -8.35 -1.82 -9.76
C MET B 549 -8.56 -3.33 -9.68
N GLY B 550 -8.39 -3.87 -8.49
CA GLY B 550 -8.63 -5.29 -8.25
C GLY B 550 -8.63 -5.57 -6.76
N ARG B 551 -9.15 -6.75 -6.42
CA ARG B 551 -9.16 -7.18 -5.03
C ARG B 551 -8.99 -8.68 -4.95
N GLY B 552 -8.83 -9.16 -3.71
CA GLY B 552 -8.65 -10.59 -3.50
C GLY B 552 -7.40 -11.07 -4.19
N TYR B 553 -7.54 -12.15 -4.96
CA TYR B 553 -6.41 -12.71 -5.67
C TYR B 553 -5.82 -11.72 -6.68
N HIS B 554 -6.58 -10.71 -7.08
CA HIS B 554 -6.14 -9.79 -8.12
C HIS B 554 -5.72 -8.43 -7.59
N TYR B 555 -5.62 -8.27 -6.27
CA TYR B 555 -4.90 -7.13 -5.72
C TYR B 555 -3.47 -7.12 -6.25
N ALA B 556 -2.78 -8.25 -6.17
CA ALA B 556 -1.43 -8.31 -6.71
C ALA B 556 -1.42 -8.01 -8.21
N THR B 557 -2.45 -8.47 -8.93
CA THR B 557 -2.50 -8.25 -10.37
C THR B 557 -2.53 -6.77 -10.71
N CYS B 558 -3.32 -5.98 -9.98
CA CYS B 558 -3.41 -4.57 -10.30
C CYS B 558 -2.17 -3.81 -9.83
N LEU B 559 -1.49 -4.32 -8.80
CA LEU B 559 -0.23 -3.72 -8.37
C LEU B 559 0.88 -4.02 -9.36
N GLU B 560 0.99 -5.28 -9.81
CA GLU B 560 2.05 -5.65 -10.74
C GLU B 560 1.84 -4.99 -12.09
N GLY B 561 0.61 -4.99 -12.58
CA GLY B 561 0.33 -4.30 -13.84
C GLY B 561 0.65 -2.83 -13.77
N ALA B 562 0.28 -2.18 -12.66
CA ALA B 562 0.60 -0.76 -12.49
C ALA B 562 2.11 -0.54 -12.50
N LEU B 563 2.86 -1.40 -11.80
CA LEU B 563 4.31 -1.25 -11.77
C LEU B 563 4.92 -1.40 -13.17
N LYS B 564 4.42 -2.36 -13.95
CA LYS B 564 4.96 -2.59 -15.29
C LYS B 564 4.74 -1.38 -16.19
N ILE B 565 3.52 -0.82 -16.15
CA ILE B 565 3.21 0.31 -17.02
C ILE B 565 4.06 1.52 -16.62
N LYS B 566 4.26 1.73 -15.31
CA LYS B 566 5.21 2.74 -14.87
C LYS B 566 6.58 2.51 -15.47
N GLU B 567 7.09 1.28 -15.35
CA GLU B 567 8.51 1.00 -15.53
C GLU B 567 8.94 1.17 -16.99
N ILE B 568 8.15 0.69 -17.94
CA ILE B 568 8.58 0.68 -19.34
C ILE B 568 7.80 1.67 -20.20
N THR B 569 6.62 2.09 -19.78
CA THR B 569 5.82 3.05 -20.53
C THR B 569 5.95 4.47 -20.00
N TYR B 570 6.25 4.63 -18.72
CA TYR B 570 6.36 5.93 -18.06
C TYR B 570 5.02 6.63 -17.91
N MET B 571 3.91 5.96 -18.20
CA MET B 571 2.60 6.48 -17.82
C MET B 571 2.44 6.40 -16.31
N HIS B 572 1.59 7.27 -15.77
CA HIS B 572 1.33 7.29 -14.33
C HIS B 572 0.19 6.30 -14.03
N SER B 573 0.56 5.03 -13.94
CA SER B 573 -0.38 3.96 -13.63
C SER B 573 -0.31 3.64 -12.14
N GLU B 574 -1.47 3.45 -11.52
CA GLU B 574 -1.54 3.18 -10.10
C GLU B 574 -2.53 2.06 -9.82
N GLY B 575 -2.12 1.11 -8.99
CA GLY B 575 -3.01 0.04 -8.56
C GLY B 575 -3.80 0.49 -7.35
N ILE B 576 -5.10 0.17 -7.36
CA ILE B 576 -6.02 0.58 -6.31
C ILE B 576 -6.80 -0.65 -5.87
N LEU B 577 -6.67 -1.02 -4.59
CA LEU B 577 -7.50 -2.06 -4.02
C LEU B 577 -8.96 -1.70 -4.20
N ALA B 578 -9.73 -2.60 -4.80
CA ALA B 578 -11.11 -2.27 -5.17
C ALA B 578 -11.93 -1.90 -3.95
N GLY B 579 -11.76 -2.63 -2.85
CA GLY B 579 -12.53 -2.38 -1.65
C GLY B 579 -12.26 -1.02 -1.03
N GLU B 580 -11.19 -0.34 -1.44
CA GLU B 580 -10.86 0.97 -0.91
C GLU B 580 -11.39 2.12 -1.75
N LEU B 581 -11.98 1.83 -2.91
CA LEU B 581 -12.50 2.89 -3.79
C LEU B 581 -13.44 3.84 -3.03
N LYS B 582 -14.40 3.28 -2.30
CA LYS B 582 -15.41 4.08 -1.62
C LYS B 582 -14.82 4.93 -0.51
N HIS B 583 -13.55 4.75 -0.15
CA HIS B 583 -12.95 5.44 0.97
C HIS B 583 -12.08 6.62 0.55
N GLY B 584 -12.15 7.06 -0.71
CA GLY B 584 -11.51 8.28 -1.12
C GLY B 584 -11.10 8.31 -2.58
N PRO B 585 -10.32 7.31 -3.01
CA PRO B 585 -9.77 7.36 -4.38
C PRO B 585 -10.81 7.45 -5.48
N LEU B 586 -12.02 6.95 -5.24
CA LEU B 586 -13.04 6.98 -6.28
C LEU B 586 -13.36 8.40 -6.74
N ALA B 587 -13.04 9.40 -5.92
CA ALA B 587 -13.27 10.78 -6.33
C ALA B 587 -12.43 11.16 -7.54
N LEU B 588 -11.36 10.42 -7.82
CA LEU B 588 -10.49 10.72 -8.95
C LEU B 588 -11.04 10.20 -10.27
N VAL B 589 -12.16 9.49 -10.27
CA VAL B 589 -12.70 8.87 -11.47
C VAL B 589 -13.71 9.81 -12.10
N ASP B 590 -13.49 10.16 -13.36
CA ASP B 590 -14.46 10.90 -14.17
C ASP B 590 -14.44 10.30 -15.56
N LYS B 591 -15.21 10.89 -16.47
CA LYS B 591 -15.28 10.38 -17.84
C LYS B 591 -13.92 10.43 -18.54
N LEU B 592 -12.97 11.20 -18.03
CA LEU B 592 -11.68 11.35 -18.68
C LEU B 592 -10.60 10.43 -18.12
N MET B 593 -10.73 9.96 -16.89
CA MET B 593 -9.68 9.15 -16.27
C MET B 593 -9.74 7.72 -16.79
N PRO B 594 -8.72 7.22 -17.47
CA PRO B 594 -8.73 5.81 -17.89
C PRO B 594 -8.73 4.89 -16.66
N VAL B 595 -9.48 3.80 -16.77
CA VAL B 595 -9.64 2.85 -15.67
C VAL B 595 -9.59 1.44 -16.24
N ILE B 596 -8.81 0.57 -15.61
CA ILE B 596 -8.80 -0.86 -15.90
C ILE B 596 -9.23 -1.59 -14.63
N MET B 597 -10.22 -2.46 -14.77
CA MET B 597 -10.71 -3.26 -13.65
C MET B 597 -10.53 -4.73 -13.98
N ILE B 598 -10.28 -5.53 -12.95
CA ILE B 598 -10.09 -6.97 -13.07
C ILE B 598 -11.23 -7.63 -12.30
N ILE B 599 -12.21 -8.15 -13.02
CA ILE B 599 -13.41 -8.74 -12.44
C ILE B 599 -13.42 -10.20 -12.83
N MET B 600 -13.26 -11.07 -11.83
CA MET B 600 -13.18 -12.50 -12.08
C MET B 600 -14.28 -13.24 -11.33
N ARG B 601 -14.64 -14.41 -11.86
CA ARG B 601 -15.75 -15.21 -11.33
C ARG B 601 -15.27 -16.08 -10.16
N ASP B 602 -14.79 -15.40 -9.12
CA ASP B 602 -14.49 -16.07 -7.86
C ASP B 602 -15.40 -15.50 -6.78
N HIS B 603 -15.04 -15.69 -5.51
CA HIS B 603 -15.92 -15.30 -4.42
C HIS B 603 -16.05 -13.78 -4.26
N THR B 604 -15.27 -12.99 -4.99
CA THR B 604 -15.38 -11.54 -4.95
C THR B 604 -16.11 -10.97 -6.17
N TYR B 605 -16.80 -11.82 -6.93
CA TYR B 605 -17.42 -11.37 -8.17
C TYR B 605 -18.51 -10.34 -7.90
N ALA B 606 -19.41 -10.65 -6.96
CA ALA B 606 -20.47 -9.70 -6.63
C ALA B 606 -19.89 -8.38 -6.13
N LYS B 607 -18.88 -8.44 -5.26
CA LYS B 607 -18.24 -7.22 -4.77
C LYS B 607 -17.63 -6.44 -5.93
N CYS B 608 -16.95 -7.12 -6.84
CA CYS B 608 -16.32 -6.45 -7.98
C CYS B 608 -17.37 -5.89 -8.93
N GLN B 609 -18.56 -6.50 -8.99
CA GLN B 609 -19.65 -5.92 -9.76
C GLN B 609 -20.14 -4.62 -9.13
N ASN B 610 -20.12 -4.55 -7.79
CA ASN B 610 -20.48 -3.31 -7.12
C ASN B 610 -19.45 -2.22 -7.41
N ALA B 611 -18.17 -2.55 -7.36
CA ALA B 611 -17.13 -1.58 -7.71
C ALA B 611 -17.30 -1.10 -9.14
N LEU B 612 -17.64 -2.01 -10.07
CA LEU B 612 -17.85 -1.61 -11.46
C LEU B 612 -19.02 -0.63 -11.57
N GLN B 613 -20.10 -0.88 -10.83
CA GLN B 613 -21.22 0.05 -10.84
C GLN B 613 -20.80 1.42 -10.32
N GLN B 614 -20.00 1.46 -9.26
CA GLN B 614 -19.52 2.73 -8.73
C GLN B 614 -18.72 3.49 -9.79
N VAL B 615 -17.81 2.81 -10.47
CA VAL B 615 -16.98 3.46 -11.47
C VAL B 615 -17.83 4.07 -12.58
N VAL B 616 -18.84 3.32 -13.04
CA VAL B 616 -19.73 3.85 -14.08
C VAL B 616 -20.53 5.03 -13.56
N ALA B 617 -21.04 4.93 -12.33
CA ALA B 617 -21.77 6.05 -11.73
C ALA B 617 -20.95 7.34 -11.78
N ARG B 618 -19.63 7.23 -11.59
CA ARG B 618 -18.73 8.37 -11.70
C ARG B 618 -18.39 8.71 -13.16
N GLN B 619 -19.14 8.19 -14.13
CA GLN B 619 -18.93 8.41 -15.55
C GLN B 619 -17.68 7.72 -16.09
N GLY B 620 -17.09 6.79 -15.33
CA GLY B 620 -15.93 6.06 -15.85
C GLY B 620 -16.33 5.06 -16.92
N ARG B 621 -15.45 4.91 -17.91
CA ARG B 621 -15.64 3.96 -19.02
C ARG B 621 -14.50 2.95 -18.96
N PRO B 622 -14.57 1.99 -18.04
CA PRO B 622 -13.41 1.15 -17.77
C PRO B 622 -13.25 0.00 -18.75
N VAL B 623 -12.00 -0.39 -18.93
CA VAL B 623 -11.68 -1.66 -19.57
C VAL B 623 -11.72 -2.74 -18.50
N VAL B 624 -12.41 -3.84 -18.80
CA VAL B 624 -12.62 -4.92 -17.84
C VAL B 624 -11.89 -6.15 -18.34
N ILE B 625 -11.04 -6.71 -17.49
CA ILE B 625 -10.45 -8.02 -17.69
C ILE B 625 -11.29 -9.01 -16.89
N CYS B 626 -11.90 -9.97 -17.57
CA CYS B 626 -12.82 -10.89 -16.91
C CYS B 626 -12.70 -12.27 -17.54
N ASP B 627 -13.49 -13.21 -17.01
CA ASP B 627 -13.48 -14.59 -17.47
C ASP B 627 -14.32 -14.75 -18.73
N LYS B 628 -14.04 -15.83 -19.45
CA LYS B 628 -14.68 -16.06 -20.74
C LYS B 628 -16.20 -16.18 -20.60
N GLU B 629 -16.66 -16.77 -19.51
CA GLU B 629 -18.08 -17.02 -19.30
C GLU B 629 -18.79 -15.86 -18.60
N ASP B 630 -18.14 -14.70 -18.49
CA ASP B 630 -18.75 -13.56 -17.82
C ASP B 630 -19.74 -12.85 -18.74
N LYS B 635 -23.47 -6.65 -20.42
CA LYS B 635 -23.08 -5.65 -19.44
C LYS B 635 -22.74 -4.33 -20.12
N ASN B 636 -22.66 -3.26 -19.33
CA ASN B 636 -22.31 -1.95 -19.87
C ASN B 636 -20.94 -1.98 -20.55
N THR B 637 -20.03 -2.81 -20.06
CA THR B 637 -18.67 -2.84 -20.57
C THR B 637 -18.63 -3.24 -22.04
N LYS B 638 -18.25 -2.28 -22.91
CA LYS B 638 -18.00 -2.55 -24.31
C LYS B 638 -16.52 -2.76 -24.61
N ARG B 639 -15.66 -2.58 -23.61
CA ARG B 639 -14.21 -2.71 -23.76
C ARG B 639 -13.75 -3.80 -22.79
N THR B 640 -13.76 -5.05 -23.25
CA THR B 640 -13.46 -6.19 -22.40
C THR B 640 -12.25 -6.96 -22.93
N ILE B 641 -11.57 -7.63 -22.01
CA ILE B 641 -10.51 -8.56 -22.34
C ILE B 641 -10.84 -9.86 -21.61
N LYS B 642 -11.28 -10.86 -22.36
CA LYS B 642 -11.76 -12.12 -21.80
C LYS B 642 -10.59 -13.08 -21.73
N VAL B 643 -10.21 -13.45 -20.51
CA VAL B 643 -9.18 -14.48 -20.30
C VAL B 643 -9.91 -15.78 -19.93
N PRO B 644 -9.30 -16.94 -20.14
CA PRO B 644 -10.00 -18.17 -19.79
C PRO B 644 -10.13 -18.33 -18.28
N HIS B 645 -11.17 -19.05 -17.88
CA HIS B 645 -11.43 -19.28 -16.47
C HIS B 645 -10.56 -20.40 -15.93
N SER B 646 -10.01 -20.19 -14.75
CA SER B 646 -9.14 -21.17 -14.10
C SER B 646 -9.45 -21.19 -12.61
N VAL B 647 -8.64 -21.96 -11.87
CA VAL B 647 -8.82 -22.02 -10.42
C VAL B 647 -8.56 -20.64 -9.84
N ASP B 648 -9.38 -20.26 -8.84
CA ASP B 648 -9.34 -18.90 -8.33
C ASP B 648 -7.93 -18.50 -7.89
N CYS B 649 -7.21 -19.40 -7.23
CA CYS B 649 -5.88 -19.08 -6.73
C CYS B 649 -4.80 -19.20 -7.79
N LEU B 650 -5.17 -19.51 -9.04
CA LEU B 650 -4.24 -19.44 -10.16
C LEU B 650 -4.59 -18.35 -11.16
N GLN B 651 -5.79 -17.78 -11.07
CA GLN B 651 -6.24 -16.82 -12.08
C GLN B 651 -5.30 -15.63 -12.19
N GLY B 652 -4.60 -15.29 -11.10
CA GLY B 652 -3.70 -14.16 -11.14
C GLY B 652 -2.63 -14.29 -12.22
N ILE B 653 -2.25 -15.53 -12.55
CA ILE B 653 -1.25 -15.74 -13.59
C ILE B 653 -1.80 -15.33 -14.95
N LEU B 654 -3.06 -15.66 -15.21
CA LEU B 654 -3.67 -15.33 -16.49
C LEU B 654 -4.03 -13.85 -16.58
N SER B 655 -4.49 -13.27 -15.48
CA SER B 655 -4.95 -11.89 -15.51
C SER B 655 -3.81 -10.89 -15.60
N VAL B 656 -2.61 -11.26 -15.18
CA VAL B 656 -1.49 -10.33 -15.23
C VAL B 656 -0.92 -10.25 -16.63
N ILE B 657 -1.01 -11.33 -17.41
CA ILE B 657 -0.35 -11.36 -18.71
C ILE B 657 -0.88 -10.27 -19.64
N PRO B 658 -2.19 -10.06 -19.76
CA PRO B 658 -2.66 -8.94 -20.59
C PRO B 658 -2.03 -7.61 -20.20
N LEU B 659 -1.84 -7.39 -18.90
CA LEU B 659 -1.21 -6.14 -18.45
C LEU B 659 0.27 -6.09 -18.81
N GLN B 660 0.94 -7.24 -18.80
CA GLN B 660 2.29 -7.30 -19.36
C GLN B 660 2.28 -6.88 -20.83
N LEU B 661 1.40 -7.49 -21.63
CA LEU B 661 1.34 -7.17 -23.05
C LEU B 661 0.94 -5.73 -23.28
N LEU B 662 -0.01 -5.22 -22.49
CA LEU B 662 -0.43 -3.83 -22.63
C LEU B 662 0.75 -2.89 -22.40
N ALA B 663 1.48 -3.09 -21.31
CA ALA B 663 2.66 -2.28 -21.05
C ALA B 663 3.63 -2.33 -22.22
N PHE B 664 3.86 -3.52 -22.76
CA PHE B 664 4.76 -3.66 -23.89
C PHE B 664 4.28 -2.84 -25.09
N HIS B 665 3.01 -3.00 -25.45
CA HIS B 665 2.50 -2.32 -26.64
C HIS B 665 2.45 -0.82 -26.44
N LEU B 666 2.08 -0.36 -25.25
CA LEU B 666 2.09 1.07 -24.98
C LEU B 666 3.47 1.66 -25.17
N ALA B 667 4.50 0.99 -24.63
CA ALA B 667 5.86 1.50 -24.73
C ALA B 667 6.29 1.62 -26.19
N VAL B 668 5.86 0.68 -27.03
CA VAL B 668 6.19 0.76 -28.45
C VAL B 668 5.50 1.95 -29.09
N LEU B 669 4.21 2.14 -28.78
CA LEU B 669 3.47 3.25 -29.36
C LEU B 669 4.09 4.59 -28.98
N ARG B 670 4.67 4.68 -27.78
CA ARG B 670 5.27 5.92 -27.32
C ARG B 670 6.74 6.04 -27.71
N GLY B 671 7.27 5.11 -28.50
CA GLY B 671 8.62 5.19 -29.00
C GLY B 671 9.70 4.92 -27.96
N TYR B 672 9.43 4.01 -27.03
CA TYR B 672 10.37 3.66 -25.97
C TYR B 672 10.92 2.27 -26.18
N ASP B 673 12.01 1.98 -25.47
CA ASP B 673 12.67 0.68 -25.52
C ASP B 673 12.22 -0.15 -24.34
N VAL B 674 11.59 -1.29 -24.61
CA VAL B 674 11.02 -2.10 -23.55
C VAL B 674 12.13 -2.83 -22.78
N ASP B 675 13.27 -3.07 -23.42
CA ASP B 675 14.35 -3.78 -22.75
C ASP B 675 15.18 -2.86 -21.87
N PHE B 676 15.28 -1.58 -22.21
CA PHE B 676 16.11 -0.62 -21.49
C PHE B 676 15.26 0.58 -21.06
N PRO B 677 14.41 0.42 -20.05
CA PRO B 677 13.69 1.57 -19.51
C PRO B 677 14.65 2.57 -18.86
N ARG B 678 14.17 3.81 -18.76
CA ARG B 678 15.01 4.90 -18.26
C ARG B 678 15.07 4.88 -16.74
N ASN B 679 16.12 5.53 -16.22
CA ASN B 679 16.29 5.84 -14.80
C ASN B 679 16.58 4.61 -13.94
N LEU B 680 16.84 3.45 -14.51
CA LEU B 680 17.10 2.26 -13.69
C LEU B 680 17.64 1.16 -14.59
N ALA B 681 17.96 0.03 -13.96
CA ALA B 681 18.41 -1.17 -14.66
C ALA B 681 17.80 -2.36 -13.93
N LYS B 682 18.32 -3.55 -14.18
CA LYS B 682 17.81 -4.78 -13.59
C LYS B 682 18.66 -5.19 -12.40
N SER B 683 17.99 -5.71 -11.36
CA SER B 683 18.65 -6.18 -10.15
C SER B 683 19.27 -5.03 -9.37
N VAL B 684 18.72 -4.73 -8.20
CA VAL B 684 19.19 -3.63 -7.35
C VAL B 684 20.07 -4.26 -6.28
N THR B 685 21.37 -4.32 -6.54
CA THR B 685 22.32 -5.00 -5.67
C THR B 685 23.08 -4.06 -4.75
N VAL B 686 22.82 -2.75 -4.80
CA VAL B 686 23.43 -1.79 -3.88
C VAL B 686 22.33 -1.00 -3.20
N GLU B 687 22.71 0.05 -2.46
CA GLU B 687 21.76 0.91 -1.79
C GLU B 687 20.70 1.43 -2.76
C1 G6Q C . -10.32 9.95 4.08
C2 G6Q C . -11.68 9.41 4.61
C3 G6Q C . -11.79 7.87 4.56
C4 G6Q C . -12.05 7.21 5.93
C5 G6Q C . -12.56 5.77 5.78
C6 G6Q C . -12.74 5.08 7.11
O1 G6Q C . -10.17 11.15 4.05
O2 G6Q C . -11.90 9.96 5.91
O3 G6Q C . -10.66 7.24 3.98
O4 G6Q C . -10.85 7.20 6.70
O5 G6Q C . -13.79 5.81 5.07
O6 G6Q C . -13.63 5.87 7.91
P G6Q C . -13.76 5.56 9.49
O1P G6Q C . -12.58 6.11 10.20
O2P G6Q C . -15.09 6.17 9.93
O3P G6Q C . -13.86 4.06 9.60
H1 G6Q C . -9.58 9.22 3.76
H2 G6Q C . -12.50 9.86 4.05
H3 G6Q C . -12.59 7.59 3.89
H4 G6Q C . -12.72 7.82 6.52
H5 G6Q C . -11.93 5.20 5.11
H61 G6Q C . -13.20 4.10 7.01
H62 G6Q C . -11.80 4.93 7.64
HO2 G6Q C . -11.03 10.30 6.25
HO3 G6Q C . -9.86 7.48 4.49
HO4 G6Q C . -10.60 8.13 6.91
HO5 G6Q C . -13.58 5.93 4.11
HOP2 G6Q C . -15.50 6.94 9.47
HOP3 G6Q C . -14.69 3.56 9.83
C1 G6Q D . 9.96 -5.00 -11.92
C2 G6Q D . 11.47 -5.23 -11.60
C3 G6Q D . 11.77 -5.10 -10.07
C4 G6Q D . 12.29 -6.39 -9.46
C5 G6Q D . 12.88 -6.19 -8.06
C6 G6Q D . 13.18 -7.49 -7.35
O1 G6Q D . 9.58 -5.06 -13.05
O2 G6Q D . 11.86 -6.49 -12.16
O3 G6Q D . 10.64 -4.66 -9.32
O4 G6Q D . 11.26 -7.36 -9.38
O5 G6Q D . 14.05 -5.38 -8.17
O6 G6Q D . 14.41 -8.03 -7.84
P G6Q D . 14.82 -9.52 -7.46
O1P G6Q D . 15.20 -9.51 -6.02
O2P G6Q D . 13.57 -10.38 -7.76
O3P G6Q D . 15.98 -9.88 -8.44
H1 G6Q D . 9.31 -4.80 -11.08
H2 G6Q D . 12.09 -4.54 -12.17
H3 G6Q D . 12.49 -4.30 -9.93
H4 G6Q D . 13.02 -6.86 -10.13
H5 G6Q D . 12.23 -5.55 -7.46
H61 G6Q D . 13.30 -7.36 -6.27
H62 G6Q D . 12.38 -8.22 -7.48
HO2 G6Q D . 12.85 -6.54 -12.16
HO3 G6Q D . 10.39 -3.75 -9.63
HO4 G6Q D . 10.57 -7.03 -8.75
HO5 G6Q D . 14.32 -5.35 -9.12
HOP2 G6Q D . 12.91 -10.13 -8.46
HOP3 G6Q D . 16.11 -9.50 -9.34
#